data_5D50
#
_entry.id   5D50
#
_cell.length_a   86.612
_cell.length_b   86.612
_cell.length_c   337.031
_cell.angle_alpha   90.00
_cell.angle_beta   90.00
_cell.angle_gamma   120.00
#
_symmetry.space_group_name_H-M   'P 32'
#
loop_
_entity.id
_entity.type
_entity.pdbx_description
1 polymer Repressor
2 polymer 'Anti-repressor protein'
3 water water
#
loop_
_entity_poly.entity_id
_entity_poly.type
_entity_poly.pdbx_seq_one_letter_code
_entity_poly.pdbx_strand_id
1 'polypeptide(L)'
;AMKSIYDIRRKNLNEIILRDFDDTQLRFAERVKRSQNLVNRWCTGIKNIGPNAARIIEEAARKEKFWLDVDHELDAVQAD
IFIPATEDGEWTVEKQAAATLNAWMRKDTEMTSEKKVAVAAGIGPATVNRIMKAEVSTTIGVLSSLARAFGHEAYEMIIP
VGAPGIIDYDHRMYAALPQEEKNKITSFINFVFEQNKSK
;
A,B,C,D,I,J,K,L
2 'polypeptide(L)'
;MQRQYHHPLEEGFEERIHTPVGVRSLVEDSHLMKLLRELDKDGFNVDGPLAELVALVNYVTSSQMTMQDLQTHLDYCAEQ
LRKQTT
;
E,G,M,O,F,H,N,P
#
# COMPACT_ATOMS: atom_id res chain seq x y z
N ALA A 1 -46.14 16.83 10.40
CA ALA A 1 -44.72 16.92 10.86
C ALA A 1 -44.23 15.58 11.37
N MET A 2 -42.91 15.38 11.35
CA MET A 2 -42.33 14.14 11.85
C MET A 2 -42.85 13.80 13.25
N LYS A 3 -43.03 12.51 13.50
CA LYS A 3 -43.75 12.02 14.65
C LYS A 3 -43.05 12.28 15.98
N SER A 4 -43.80 12.83 16.94
CA SER A 4 -43.44 12.74 18.35
C SER A 4 -43.88 11.37 18.84
N ILE A 5 -43.47 11.01 20.05
CA ILE A 5 -43.80 9.69 20.60
C ILE A 5 -45.31 9.54 20.85
N TYR A 6 -45.97 10.62 21.25
CA TYR A 6 -47.43 10.64 21.46
C TYR A 6 -48.17 10.17 20.22
N ASP A 7 -47.66 10.55 19.05
CA ASP A 7 -48.26 10.15 17.77
C ASP A 7 -48.22 8.63 17.62
N ILE A 8 -47.02 8.07 17.78
CA ILE A 8 -46.82 6.62 17.67
C ILE A 8 -47.61 5.89 18.76
N ARG A 9 -47.46 6.35 20.01
CA ARG A 9 -48.22 5.80 21.13
C ARG A 9 -49.71 5.72 20.85
N ARG A 10 -50.31 6.86 20.51
CA ARG A 10 -51.74 6.93 20.20
C ARG A 10 -52.08 6.07 19.00
N LYS A 11 -51.25 6.12 17.97
CA LYS A 11 -51.48 5.32 16.77
C LYS A 11 -51.50 3.85 17.16
N ASN A 12 -50.52 3.43 17.96
CA ASN A 12 -50.50 2.08 18.50
C ASN A 12 -51.68 1.82 19.45
N LEU A 13 -52.03 2.80 20.28
CA LEU A 13 -53.23 2.66 21.14
C LEU A 13 -54.49 2.44 20.31
N ASN A 14 -54.64 3.23 19.25
CA ASN A 14 -55.76 3.10 18.32
C ASN A 14 -55.83 1.74 17.66
N GLU A 15 -54.69 1.22 17.22
CA GLU A 15 -54.67 -0.05 16.50
C GLU A 15 -54.96 -1.21 17.42
N ILE A 16 -54.45 -1.15 18.65
CA ILE A 16 -54.74 -2.16 19.68
C ILE A 16 -56.25 -2.32 19.86
N ILE A 17 -56.92 -1.21 20.18
CA ILE A 17 -58.36 -1.25 20.47
C ILE A 17 -59.15 -1.80 19.27
N LEU A 18 -58.71 -1.51 18.05
CA LEU A 18 -59.34 -2.09 16.86
C LEU A 18 -59.12 -3.59 16.76
N ARG A 19 -57.85 -3.98 16.77
CA ARG A 19 -57.46 -5.36 16.44
C ARG A 19 -57.55 -6.33 17.61
N ASP A 20 -57.62 -5.81 18.83
CA ASP A 20 -57.80 -6.64 20.03
C ASP A 20 -59.17 -6.44 20.74
N PHE A 21 -59.65 -5.21 20.82
CA PHE A 21 -60.89 -4.90 21.58
C PHE A 21 -62.05 -4.31 20.76
N ASP A 22 -62.03 -4.51 19.44
CA ASP A 22 -63.17 -4.20 18.55
C ASP A 22 -63.43 -2.70 18.30
N ASP A 23 -62.38 -1.90 18.41
CA ASP A 23 -62.42 -0.45 18.13
C ASP A 23 -63.43 0.33 19.00
N THR A 24 -63.70 -0.18 20.20
CA THR A 24 -64.59 0.48 21.15
C THR A 24 -63.83 0.81 22.44
N GLN A 25 -63.68 2.10 22.71
CA GLN A 25 -62.86 2.57 23.82
C GLN A 25 -63.30 2.10 25.23
N LEU A 26 -64.55 1.67 25.36
CA LEU A 26 -65.06 1.17 26.64
C LEU A 26 -64.48 -0.21 27.01
N ARG A 27 -64.46 -1.13 26.04
CA ARG A 27 -63.90 -2.46 26.29
C ARG A 27 -62.44 -2.42 26.76
N PHE A 28 -61.67 -1.47 26.25
CA PHE A 28 -60.30 -1.28 26.75
C PHE A 28 -60.31 -0.53 28.07
N ALA A 29 -61.22 0.43 28.23
CA ALA A 29 -61.42 1.10 29.51
C ALA A 29 -61.72 0.10 30.62
N GLU A 30 -62.47 -0.95 30.30
CA GLU A 30 -62.83 -2.00 31.26
C GLU A 30 -61.62 -2.84 31.67
N ARG A 31 -60.78 -3.21 30.70
CA ARG A 31 -59.58 -4.01 31.01
C ARG A 31 -58.48 -3.22 31.70
N VAL A 32 -58.30 -1.96 31.31
CA VAL A 32 -57.23 -1.11 31.88
C VAL A 32 -57.64 -0.49 33.23
N LYS A 33 -58.91 -0.61 33.60
CA LYS A 33 -59.46 -0.02 34.82
C LYS A 33 -59.31 1.50 34.88
N ARG A 34 -59.63 2.17 33.77
CA ARG A 34 -59.63 3.64 33.73
C ARG A 34 -60.90 4.17 33.07
N SER A 35 -61.20 5.44 33.33
CA SER A 35 -62.39 6.09 32.76
C SER A 35 -62.39 6.10 31.23
N GLN A 36 -63.51 5.72 30.65
CA GLN A 36 -63.67 5.69 29.19
C GLN A 36 -63.50 7.07 28.53
N ASN A 37 -63.66 8.12 29.32
CA ASN A 37 -63.40 9.48 28.85
C ASN A 37 -61.91 9.73 28.67
N LEU A 38 -61.12 9.35 29.67
CA LEU A 38 -59.67 9.44 29.59
C LEU A 38 -59.15 8.61 28.41
N VAL A 39 -59.70 7.42 28.26
CA VAL A 39 -59.35 6.55 27.15
C VAL A 39 -59.68 7.24 25.82
N ASN A 40 -60.88 7.83 25.73
CA ASN A 40 -61.31 8.56 24.54
C ASN A 40 -60.40 9.75 24.24
N ARG A 41 -59.94 10.44 25.29
CA ARG A 41 -59.03 11.58 25.15
C ARG A 41 -57.66 11.17 24.58
N TRP A 42 -57.20 9.96 24.95
CA TRP A 42 -55.97 9.42 24.42
C TRP A 42 -56.11 9.05 22.94
N CYS A 43 -57.21 8.37 22.60
CA CYS A 43 -57.47 7.92 21.23
C CYS A 43 -57.69 9.06 20.27
N THR A 44 -58.53 10.00 20.67
CA THR A 44 -58.80 11.20 19.89
C THR A 44 -57.54 12.05 19.74
N GLY A 45 -56.68 12.00 20.74
CA GLY A 45 -55.46 12.79 20.78
C GLY A 45 -55.53 13.96 21.73
N ILE A 46 -56.68 14.15 22.38
CA ILE A 46 -56.93 15.32 23.23
C ILE A 46 -55.96 15.36 24.40
N LYS A 47 -55.48 14.19 24.83
CA LYS A 47 -54.46 14.11 25.88
C LYS A 47 -53.29 13.24 25.43
N ASN A 48 -52.09 13.75 25.64
CA ASN A 48 -50.86 13.00 25.33
C ASN A 48 -50.78 11.77 26.22
N ILE A 49 -50.55 10.61 25.61
CA ILE A 49 -50.42 9.39 26.38
C ILE A 49 -49.11 9.46 27.13
N GLY A 50 -49.20 9.50 28.46
CA GLY A 50 -48.02 9.60 29.31
C GLY A 50 -47.12 8.37 29.24
N PRO A 51 -45.93 8.45 29.85
CA PRO A 51 -45.03 7.30 29.87
C PRO A 51 -45.58 6.13 30.69
N ASN A 52 -46.25 6.45 31.79
CA ASN A 52 -46.72 5.44 32.74
C ASN A 52 -47.97 4.72 32.22
N ALA A 53 -48.88 5.49 31.62
CA ALA A 53 -50.07 4.91 31.01
C ALA A 53 -49.65 3.94 29.93
N ALA A 54 -48.73 4.40 29.07
CA ALA A 54 -48.16 3.57 28.01
C ALA A 54 -47.70 2.21 28.50
N ARG A 55 -47.10 2.15 29.68
CA ARG A 55 -46.71 0.87 30.30
C ARG A 55 -47.93 0.11 30.81
N ILE A 56 -48.85 0.82 31.47
CA ILE A 56 -50.09 0.21 31.94
C ILE A 56 -50.92 -0.29 30.78
N ILE A 57 -50.92 0.47 29.69
CA ILE A 57 -51.61 0.09 28.46
C ILE A 57 -51.01 -1.18 27.89
N GLU A 58 -49.68 -1.23 27.82
CA GLU A 58 -48.97 -2.43 27.36
C GLU A 58 -49.33 -3.64 28.20
N GLU A 59 -49.33 -3.48 29.52
CA GLU A 59 -49.78 -4.55 30.41
C GLU A 59 -51.21 -4.96 30.05
N ALA A 60 -52.11 -4.00 30.13
CA ALA A 60 -53.52 -4.20 29.77
C ALA A 60 -53.70 -4.76 28.37
N ALA A 61 -52.88 -4.29 27.42
CA ALA A 61 -52.95 -4.77 26.03
C ALA A 61 -52.10 -6.02 25.78
N ARG A 62 -51.50 -6.57 26.84
CA ARG A 62 -50.68 -7.78 26.73
C ARG A 62 -49.54 -7.64 25.70
N LYS A 63 -48.90 -6.48 25.69
CA LYS A 63 -47.77 -6.22 24.81
C LYS A 63 -46.48 -6.15 25.61
N GLU A 64 -45.39 -6.62 25.00
CA GLU A 64 -44.06 -6.54 25.61
C GLU A 64 -43.63 -5.09 25.78
N LYS A 65 -42.67 -4.88 26.67
CA LYS A 65 -42.31 -3.54 27.12
C LYS A 65 -41.81 -2.63 25.98
N PHE A 66 -42.25 -1.37 26.03
CA PHE A 66 -41.91 -0.34 25.04
C PHE A 66 -42.39 -0.56 23.60
N TRP A 67 -43.16 -1.63 23.36
CA TRP A 67 -43.79 -1.86 22.06
C TRP A 67 -44.62 -0.65 21.62
N LEU A 68 -45.28 -0.01 22.58
CA LEU A 68 -46.10 1.17 22.31
C LEU A 68 -45.27 2.34 21.77
N ASP A 69 -44.07 2.50 22.32
CA ASP A 69 -43.14 3.54 21.86
C ASP A 69 -42.59 3.32 20.46
N VAL A 70 -42.60 2.07 20.00
CA VAL A 70 -42.05 1.73 18.68
C VAL A 70 -43.06 1.94 17.56
N ASP A 71 -42.58 2.54 16.47
CA ASP A 71 -43.37 2.69 15.26
C ASP A 71 -43.32 1.36 14.51
N HIS A 72 -44.48 0.77 14.26
CA HIS A 72 -44.56 -0.50 13.57
C HIS A 72 -45.12 -0.38 12.14
N GLU A 73 -44.93 0.80 11.53
CA GLU A 73 -45.48 1.11 10.19
C GLU A 73 -45.17 0.05 9.13
N LEU A 74 -43.99 -0.56 9.22
CA LEU A 74 -43.58 -1.58 8.24
C LEU A 74 -44.16 -2.99 8.51
N ASP A 75 -44.95 -3.14 9.56
CA ASP A 75 -45.73 -4.37 9.75
C ASP A 75 -46.71 -4.53 8.59
N ALA A 76 -46.85 -5.76 8.11
CA ALA A 76 -47.56 -6.05 6.87
C ALA A 76 -49.08 -5.90 6.98
N VAL A 77 -49.75 -6.07 5.85
CA VAL A 77 -51.20 -5.85 5.72
C VAL A 77 -51.97 -6.98 6.39
N TRP A 91 -73.78 -3.41 3.65
CA TRP A 91 -73.87 -1.96 3.81
C TRP A 91 -74.68 -1.30 2.69
N THR A 92 -75.41 -0.23 3.04
CA THR A 92 -76.43 0.36 2.17
C THR A 92 -76.36 1.90 2.10
N VAL A 93 -76.55 2.41 0.89
CA VAL A 93 -76.62 3.85 0.61
C VAL A 93 -77.82 4.53 1.30
N GLU A 94 -79.00 3.96 1.08
CA GLU A 94 -80.28 4.55 1.46
C GLU A 94 -80.40 4.79 2.97
N LYS A 95 -80.16 3.76 3.77
CA LYS A 95 -80.27 3.89 5.23
C LYS A 95 -79.21 4.83 5.79
N GLN A 96 -78.04 4.87 5.16
CA GLN A 96 -77.00 5.82 5.57
C GLN A 96 -77.40 7.25 5.24
N ALA A 97 -78.15 7.45 4.16
CA ALA A 97 -78.67 8.77 3.81
C ALA A 97 -79.48 9.38 4.94
N ALA A 98 -80.25 8.55 5.65
CA ALA A 98 -80.98 9.00 6.82
C ALA A 98 -80.13 8.91 8.07
N ALA A 99 -79.26 7.90 8.16
CA ALA A 99 -78.33 7.80 9.30
C ALA A 99 -77.49 9.08 9.39
N THR A 100 -77.02 9.55 8.25
CA THR A 100 -76.37 10.84 8.14
C THR A 100 -77.33 11.97 8.55
N LEU A 101 -78.51 11.97 7.93
CA LEU A 101 -79.58 12.92 8.23
C LEU A 101 -80.02 12.88 9.70
N ASN A 102 -80.07 11.67 10.26
CA ASN A 102 -80.44 11.44 11.65
C ASN A 102 -79.36 11.97 12.59
N ALA A 103 -78.12 11.57 12.31
CA ALA A 103 -76.96 12.10 13.03
C ALA A 103 -76.87 13.61 12.84
N TRP A 104 -77.29 14.08 11.67
CA TRP A 104 -77.36 15.51 11.39
C TRP A 104 -78.56 16.19 12.07
N MET A 105 -79.67 15.47 12.24
CA MET A 105 -80.78 16.00 13.04
C MET A 105 -80.28 16.19 14.47
N ARG A 106 -79.68 15.15 15.03
CA ARG A 106 -79.00 15.23 16.31
C ARG A 106 -77.89 16.27 16.25
N LYS A 107 -78.11 17.42 16.89
CA LYS A 107 -77.13 18.50 16.94
C LYS A 107 -77.08 19.12 18.33
N ALA A 121 -86.73 18.81 14.94
CA ALA A 121 -87.71 17.74 15.11
C ALA A 121 -87.68 16.78 13.92
N GLY A 122 -88.84 16.24 13.53
CA GLY A 122 -88.96 15.45 12.30
C GLY A 122 -88.73 16.29 11.05
N ILE A 123 -88.84 17.61 11.19
CA ILE A 123 -88.57 18.53 10.08
C ILE A 123 -87.08 18.45 9.67
N GLY A 124 -86.76 18.71 8.40
CA GLY A 124 -87.72 18.95 7.32
C GLY A 124 -88.31 20.33 7.10
N PRO A 125 -87.52 21.39 7.34
CA PRO A 125 -88.03 22.75 7.15
C PRO A 125 -88.22 23.11 5.68
N ALA A 126 -87.39 22.55 4.80
CA ALA A 126 -87.50 22.78 3.36
C ALA A 126 -87.95 21.52 2.64
N THR A 127 -89.14 21.60 2.03
CA THR A 127 -89.78 20.49 1.32
C THR A 127 -89.94 19.25 2.20
N VAL A 128 -89.38 18.12 1.75
CA VAL A 128 -89.36 16.86 2.51
C VAL A 128 -90.75 16.44 3.04
N ASN A 129 -90.81 16.12 4.33
CA ASN A 129 -91.89 15.43 5.01
C ASN A 129 -91.79 13.91 4.85
N ARG A 130 -90.68 13.49 4.25
CA ARG A 130 -90.19 12.12 4.30
C ARG A 130 -89.33 11.99 5.57
N ILE A 131 -89.71 11.09 6.47
CA ILE A 131 -89.20 11.10 7.84
C ILE A 131 -87.66 11.10 8.05
N MET A 132 -86.88 10.27 7.35
CA MET A 132 -87.32 9.26 6.39
C MET A 132 -86.94 7.88 6.94
N LYS A 133 -87.70 6.86 6.56
CA LYS A 133 -87.39 5.48 6.93
C LYS A 133 -86.00 5.11 6.43
N ALA A 134 -85.74 5.44 5.16
CA ALA A 134 -84.46 5.22 4.51
C ALA A 134 -84.18 3.76 4.16
N GLU A 135 -85.23 2.94 4.15
CA GLU A 135 -85.15 1.58 3.63
C GLU A 135 -85.78 1.56 2.24
N VAL A 136 -85.86 2.75 1.61
CA VAL A 136 -86.30 2.92 0.23
C VAL A 136 -85.45 3.99 -0.45
N SER A 137 -85.16 3.79 -1.74
CA SER A 137 -84.26 4.66 -2.49
C SER A 137 -84.87 6.02 -2.83
N THR A 138 -84.20 7.08 -2.39
CA THR A 138 -84.67 8.45 -2.60
C THR A 138 -83.92 9.06 -3.77
N THR A 139 -84.43 10.18 -4.29
CA THR A 139 -83.81 10.81 -5.44
C THR A 139 -82.75 11.84 -5.02
N ILE A 140 -81.73 11.98 -5.85
CA ILE A 140 -80.60 12.89 -5.58
C ILE A 140 -81.02 14.34 -5.36
N GLY A 141 -82.12 14.74 -5.98
CA GLY A 141 -82.71 16.07 -5.73
C GLY A 141 -83.22 16.23 -4.31
N VAL A 142 -83.85 15.19 -3.79
CA VAL A 142 -84.42 15.20 -2.44
C VAL A 142 -83.29 15.21 -1.41
N LEU A 143 -82.27 14.39 -1.64
CA LEU A 143 -81.07 14.39 -0.81
C LEU A 143 -80.34 15.72 -0.87
N SER A 144 -80.24 16.29 -2.06
CA SER A 144 -79.66 17.62 -2.25
C SER A 144 -80.47 18.68 -1.51
N SER A 145 -81.80 18.57 -1.55
CA SER A 145 -82.67 19.50 -0.83
C SER A 145 -82.60 19.28 0.69
N LEU A 146 -82.48 18.02 1.08
CA LEU A 146 -82.30 17.66 2.48
C LEU A 146 -80.95 18.15 3.03
N ALA A 147 -79.89 17.91 2.27
CA ALA A 147 -78.52 18.15 2.74
C ALA A 147 -78.25 19.61 3.05
N ARG A 148 -78.66 20.51 2.15
CA ARG A 148 -78.41 21.95 2.32
C ARG A 148 -79.27 22.57 3.45
N ALA A 149 -80.27 21.85 3.93
CA ALA A 149 -80.99 22.24 5.15
C ALA A 149 -80.06 22.30 6.36
N PHE A 150 -79.20 21.28 6.49
CA PHE A 150 -78.16 21.25 7.52
C PHE A 150 -76.97 22.12 7.15
N GLY A 151 -76.82 22.42 5.86
CA GLY A 151 -75.74 23.25 5.35
C GLY A 151 -74.70 22.44 4.61
N HIS A 152 -74.70 21.12 4.86
CA HIS A 152 -73.69 20.22 4.29
C HIS A 152 -74.09 19.80 2.88
N GLU A 153 -73.16 19.15 2.17
CA GLU A 153 -73.40 18.71 0.80
C GLU A 153 -74.13 17.36 0.78
N ALA A 154 -74.61 16.97 -0.39
CA ALA A 154 -75.43 15.76 -0.54
C ALA A 154 -74.61 14.48 -0.56
N TYR A 155 -73.39 14.55 -1.12
CA TYR A 155 -72.51 13.38 -1.18
C TYR A 155 -72.01 12.95 0.19
N GLU A 156 -72.05 13.86 1.16
CA GLU A 156 -71.71 13.54 2.56
C GLU A 156 -72.98 13.07 3.27
N MET A 157 -72.91 12.06 4.15
CA MET A 157 -71.78 11.15 4.31
C MET A 157 -72.25 9.84 3.70
N ILE A 158 -71.89 9.59 2.45
CA ILE A 158 -72.41 8.43 1.71
C ILE A 158 -71.68 7.13 2.02
N ILE A 159 -70.41 7.19 2.41
CA ILE A 159 -69.58 5.97 2.55
C ILE A 159 -69.06 5.85 4.00
N PRO A 160 -69.10 4.66 4.59
CA PRO A 160 -68.65 4.48 5.98
C PRO A 160 -67.14 4.41 6.13
N VAL A 161 -66.48 3.79 5.15
CA VAL A 161 -65.02 3.60 5.19
C VAL A 161 -64.27 4.94 5.02
N GLY A 162 -64.73 5.78 4.11
CA GLY A 162 -64.13 7.10 3.87
C GLY A 162 -62.76 7.07 3.21
N ALA A 163 -62.26 5.87 2.93
CA ALA A 163 -60.95 5.68 2.31
C ALA A 163 -60.85 6.25 0.89
N PRO A 164 -61.97 6.23 0.14
CA PRO A 164 -61.90 6.78 -1.22
C PRO A 164 -61.51 8.26 -1.38
N GLY A 165 -61.57 9.04 -0.29
CA GLY A 165 -61.38 10.48 -0.41
C GLY A 165 -60.49 11.16 0.62
N ILE A 166 -59.76 12.18 0.17
CA ILE A 166 -59.08 13.09 1.07
C ILE A 166 -60.04 14.21 1.38
N ILE A 167 -60.67 14.16 2.56
CA ILE A 167 -61.45 15.29 3.07
C ILE A 167 -60.64 15.98 4.17
N ASP A 168 -59.49 15.38 4.52
CA ASP A 168 -58.60 15.90 5.55
C ASP A 168 -58.27 17.38 5.32
N TYR A 169 -57.91 17.72 4.09
CA TYR A 169 -57.53 19.08 3.73
C TYR A 169 -58.69 20.06 3.94
N ASP A 170 -58.39 21.26 4.42
CA ASP A 170 -59.39 22.31 4.51
C ASP A 170 -59.65 22.87 3.11
N HIS A 171 -60.92 22.86 2.72
CA HIS A 171 -61.36 23.29 1.39
C HIS A 171 -61.02 24.77 1.15
N ARG A 172 -61.14 25.56 2.21
CA ARG A 172 -60.85 26.99 2.16
C ARG A 172 -59.39 27.22 1.81
N MET A 173 -58.50 26.43 2.40
CA MET A 173 -57.09 26.53 2.11
C MET A 173 -56.79 26.09 0.68
N TYR A 174 -57.47 25.06 0.20
CA TYR A 174 -57.31 24.64 -1.20
C TYR A 174 -57.93 25.66 -2.16
N ALA A 175 -59.13 26.14 -1.82
CA ALA A 175 -59.82 27.17 -2.60
C ALA A 175 -58.98 28.45 -2.76
N ALA A 176 -58.35 28.86 -1.66
CA ALA A 176 -57.48 30.04 -1.67
C ALA A 176 -56.21 29.88 -2.50
N LEU A 177 -55.71 28.66 -2.67
CA LEU A 177 -54.48 28.45 -3.45
C LEU A 177 -54.65 29.03 -4.84
N PRO A 178 -53.65 29.80 -5.33
CA PRO A 178 -53.65 30.16 -6.73
C PRO A 178 -53.83 28.91 -7.59
N GLN A 179 -54.45 29.05 -8.75
CA GLN A 179 -54.71 27.91 -9.61
C GLN A 179 -53.42 27.18 -9.97
N GLU A 180 -52.33 27.93 -10.07
CA GLU A 180 -51.02 27.38 -10.44
C GLU A 180 -50.55 26.34 -9.42
N GLU A 181 -50.83 26.61 -8.14
CA GLU A 181 -50.49 25.69 -7.05
C GLU A 181 -51.42 24.48 -7.00
N LYS A 182 -52.67 24.64 -7.45
CA LYS A 182 -53.58 23.49 -7.55
C LYS A 182 -53.09 22.45 -8.53
N ASN A 183 -52.66 22.91 -9.70
CA ASN A 183 -52.17 22.01 -10.75
C ASN A 183 -51.03 21.13 -10.23
N LYS A 184 -50.08 21.74 -9.54
CA LYS A 184 -49.01 21.00 -8.86
C LYS A 184 -49.58 19.90 -7.94
N ILE A 185 -50.56 20.26 -7.12
CA ILE A 185 -51.20 19.27 -6.23
C ILE A 185 -51.87 18.16 -7.01
N THR A 186 -52.69 18.50 -8.00
CA THR A 186 -53.43 17.48 -8.76
C THR A 186 -52.49 16.65 -9.62
N SER A 187 -51.49 17.29 -10.21
CA SER A 187 -50.54 16.61 -11.09
C SER A 187 -49.70 15.56 -10.34
N PHE A 188 -49.27 15.89 -9.13
CA PHE A 188 -48.54 14.93 -8.31
C PHE A 188 -49.41 13.75 -7.88
N ILE A 189 -50.67 14.03 -7.56
CA ILE A 189 -51.66 12.96 -7.29
C ILE A 189 -51.77 12.01 -8.47
N ASN A 190 -52.01 12.54 -9.66
CA ASN A 190 -52.17 11.72 -10.85
C ASN A 190 -50.93 10.88 -11.11
N PHE A 191 -49.76 11.43 -10.80
CA PHE A 191 -48.51 10.71 -11.03
C PHE A 191 -48.36 9.56 -10.06
N VAL A 192 -48.68 9.79 -8.79
CA VAL A 192 -48.70 8.74 -7.76
C VAL A 192 -49.64 7.62 -8.17
N PHE A 193 -50.78 7.96 -8.77
CA PHE A 193 -51.75 6.94 -9.23
C PHE A 193 -51.13 6.00 -10.25
N GLU A 194 -50.44 6.53 -11.26
CA GLU A 194 -49.90 5.69 -12.33
C GLU A 194 -48.69 4.85 -11.90
N GLN A 195 -47.95 5.32 -10.90
CA GLN A 195 -46.77 4.58 -10.42
C GLN A 195 -47.16 3.38 -9.55
N ASN A 196 -48.43 3.31 -9.14
CA ASN A 196 -48.92 2.16 -8.38
C ASN A 196 -49.58 1.12 -9.27
N LYS A 197 -50.66 1.51 -9.94
CA LYS A 197 -51.39 0.61 -10.85
C LYS A 197 -51.82 1.37 -12.10
N LEU B 68 -55.19 31.92 -31.89
CA LEU B 68 -54.55 31.54 -30.59
C LEU B 68 -54.10 30.07 -30.62
N ASP B 69 -53.00 29.82 -31.31
CA ASP B 69 -52.30 28.52 -31.25
C ASP B 69 -51.12 28.62 -30.27
N VAL B 70 -51.18 29.63 -29.41
CA VAL B 70 -50.09 29.99 -28.52
C VAL B 70 -50.57 29.70 -27.08
N ASP B 71 -50.16 28.55 -26.55
CA ASP B 71 -50.56 28.11 -25.20
C ASP B 71 -49.77 28.80 -24.09
N HIS B 72 -50.44 29.68 -23.33
CA HIS B 72 -49.79 30.37 -22.22
C HIS B 72 -50.71 30.61 -21.03
N GLU B 73 -50.17 30.30 -19.85
CA GLU B 73 -50.95 30.34 -18.61
C GLU B 73 -50.70 31.61 -17.79
N LEU B 74 -50.16 32.65 -18.43
CA LEU B 74 -49.90 33.91 -17.72
C LEU B 74 -49.72 35.11 -18.66
N ASP B 75 -50.28 36.24 -18.26
CA ASP B 75 -50.17 37.50 -19.02
C ASP B 75 -49.02 38.35 -18.45
N ALA B 76 -49.24 38.91 -17.26
CA ALA B 76 -48.19 39.63 -16.53
C ALA B 76 -47.87 38.82 -15.26
N VAL B 77 -46.84 39.25 -14.54
CA VAL B 77 -46.29 38.50 -13.39
C VAL B 77 -45.57 37.25 -13.90
N TRP B 91 -76.27 25.42 -11.08
CA TRP B 91 -75.73 24.07 -10.92
C TRP B 91 -76.57 23.26 -9.93
N THR B 92 -76.75 21.98 -10.22
CA THR B 92 -77.36 21.07 -9.27
C THR B 92 -76.91 19.62 -9.52
N VAL B 93 -77.36 18.71 -8.67
CA VAL B 93 -76.84 17.33 -8.64
C VAL B 93 -77.02 16.55 -9.93
N GLU B 94 -78.14 16.74 -10.61
CA GLU B 94 -78.47 15.96 -11.81
C GLU B 94 -77.56 16.32 -12.98
N LYS B 95 -77.21 17.59 -13.10
CA LYS B 95 -76.32 18.06 -14.16
C LYS B 95 -74.90 17.56 -13.95
N GLN B 96 -74.48 17.49 -12.68
CA GLN B 96 -73.19 16.93 -12.31
C GLN B 96 -73.13 15.42 -12.57
N ALA B 97 -74.23 14.71 -12.30
CA ALA B 97 -74.33 13.29 -12.59
C ALA B 97 -74.20 13.04 -14.09
N ALA B 98 -74.84 13.90 -14.88
CA ALA B 98 -74.76 13.85 -16.34
C ALA B 98 -73.34 14.19 -16.82
N ALA B 99 -72.73 15.19 -16.20
CA ALA B 99 -71.36 15.61 -16.54
C ALA B 99 -70.34 14.51 -16.22
N THR B 100 -70.40 13.97 -15.02
CA THR B 100 -69.46 12.92 -14.59
C THR B 100 -69.59 11.65 -15.42
N LEU B 101 -70.82 11.30 -15.81
CA LEU B 101 -71.05 10.14 -16.68
C LEU B 101 -70.57 10.40 -18.11
N ASN B 102 -70.78 11.63 -18.59
CA ASN B 102 -70.21 12.08 -19.87
C ASN B 102 -68.68 12.04 -19.90
N ALA B 103 -68.07 12.20 -18.73
CA ALA B 103 -66.60 12.08 -18.59
C ALA B 103 -66.13 10.61 -18.51
N TRP B 104 -66.99 9.72 -17.98
CA TRP B 104 -66.66 8.30 -17.84
C TRP B 104 -66.81 7.50 -19.14
N MET B 105 -67.24 8.15 -20.21
CA MET B 105 -67.02 7.65 -21.56
C MET B 105 -65.65 8.17 -21.99
N ARG B 106 -65.05 7.54 -23.02
CA ARG B 106 -63.65 7.78 -23.39
C ARG B 106 -62.70 6.96 -22.52
N LYS B 107 -63.25 6.16 -21.61
CA LYS B 107 -62.48 5.57 -20.52
C LYS B 107 -62.89 4.12 -20.28
N ALA B 120 -74.87 2.47 -23.56
CA ALA B 120 -74.12 1.21 -23.42
C ALA B 120 -73.79 0.84 -21.97
N ALA B 121 -74.01 1.78 -21.04
CA ALA B 121 -73.94 1.48 -19.62
C ALA B 121 -75.09 0.59 -19.16
N GLY B 122 -76.02 0.28 -20.07
CA GLY B 122 -76.95 -0.80 -19.82
C GLY B 122 -76.65 -1.96 -20.75
N ILE B 123 -76.38 -3.18 -20.25
CA ILE B 123 -76.18 -3.63 -18.82
C ILE B 123 -77.37 -3.66 -17.81
N GLY B 124 -77.85 -2.50 -17.33
CA GLY B 124 -78.61 -2.44 -16.08
C GLY B 124 -80.02 -1.97 -16.37
N PRO B 125 -80.19 -0.65 -16.48
CA PRO B 125 -81.27 -0.06 -17.25
C PRO B 125 -80.73 0.67 -18.49
N ALA B 126 -81.49 0.64 -19.58
CA ALA B 126 -81.16 1.41 -20.79
C ALA B 126 -81.99 2.69 -20.88
N THR B 127 -82.82 2.92 -19.86
CA THR B 127 -83.68 4.10 -19.77
C THR B 127 -82.84 5.30 -19.38
N VAL B 128 -82.08 5.09 -18.31
CA VAL B 128 -81.24 6.12 -17.72
C VAL B 128 -80.30 6.74 -18.76
N ASN B 129 -79.66 5.91 -19.59
CA ASN B 129 -78.67 6.40 -20.56
C ASN B 129 -79.24 7.39 -21.60
N ARG B 130 -80.02 8.33 -21.09
CA ARG B 130 -80.28 9.61 -21.71
C ARG B 130 -80.02 10.72 -20.68
N ILE B 131 -79.45 10.36 -19.51
CA ILE B 131 -79.25 11.30 -18.39
C ILE B 131 -78.42 12.49 -18.85
N MET B 132 -77.53 12.26 -19.81
CA MET B 132 -76.61 13.28 -20.33
C MET B 132 -77.27 14.66 -20.54
N LYS B 133 -78.57 14.68 -20.82
CA LYS B 133 -79.33 15.92 -20.97
C LYS B 133 -79.79 16.55 -19.64
N ALA B 134 -79.67 15.78 -18.55
CA ALA B 134 -80.03 16.20 -17.19
C ALA B 134 -81.54 16.46 -17.03
N GLU B 135 -82.35 15.69 -17.75
CA GLU B 135 -83.80 15.85 -17.72
C GLU B 135 -84.46 15.10 -16.58
N VAL B 136 -83.72 14.16 -15.98
CA VAL B 136 -84.28 13.27 -14.95
C VAL B 136 -83.41 13.31 -13.70
N SER B 137 -84.03 13.00 -12.56
CA SER B 137 -83.31 12.84 -11.29
C SER B 137 -83.32 11.38 -10.87
N THR B 138 -82.21 10.69 -11.17
CA THR B 138 -82.04 9.27 -10.84
C THR B 138 -82.10 9.05 -9.33
N THR B 139 -82.62 7.90 -8.91
CA THR B 139 -82.61 7.54 -7.50
C THR B 139 -81.21 7.07 -7.09
N ILE B 140 -80.87 7.27 -5.82
CA ILE B 140 -79.51 6.97 -5.36
C ILE B 140 -79.12 5.49 -5.47
N GLY B 141 -80.12 4.61 -5.35
CA GLY B 141 -79.90 3.17 -5.52
C GLY B 141 -79.47 2.80 -6.92
N VAL B 142 -80.09 3.45 -7.91
CA VAL B 142 -79.79 3.19 -9.33
C VAL B 142 -78.47 3.87 -9.73
N LEU B 143 -78.24 5.08 -9.23
CA LEU B 143 -76.95 5.75 -9.47
C LEU B 143 -75.80 5.00 -8.81
N SER B 144 -76.07 4.38 -7.66
CA SER B 144 -75.09 3.51 -7.00
C SER B 144 -74.72 2.34 -7.90
N SER B 145 -75.71 1.74 -8.55
CA SER B 145 -75.47 0.69 -9.54
C SER B 145 -74.97 1.26 -10.87
N LEU B 146 -75.26 2.53 -11.11
CA LEU B 146 -74.67 3.28 -12.24
C LEU B 146 -73.28 3.83 -11.86
N ALA B 147 -72.82 3.53 -10.65
CA ALA B 147 -71.42 3.73 -10.25
C ALA B 147 -70.72 2.39 -10.03
N ARG B 148 -71.31 1.55 -9.19
CA ARG B 148 -70.78 0.23 -8.83
C ARG B 148 -70.53 -0.68 -10.05
N ALA B 149 -71.22 -0.42 -11.15
CA ALA B 149 -70.91 -1.07 -12.43
C ALA B 149 -69.49 -0.71 -12.89
N PHE B 150 -69.11 0.55 -12.71
CA PHE B 150 -67.78 1.04 -13.08
C PHE B 150 -66.68 0.68 -12.08
N GLY B 151 -67.06 0.16 -10.91
CA GLY B 151 -66.14 0.00 -9.79
C GLY B 151 -66.01 1.27 -8.96
N HIS B 152 -66.60 2.37 -9.44
CA HIS B 152 -66.75 3.60 -8.68
C HIS B 152 -67.95 3.47 -7.75
N GLU B 153 -68.18 4.49 -6.92
CA GLU B 153 -69.38 4.53 -6.08
C GLU B 153 -70.21 5.81 -6.28
N ALA B 154 -71.47 5.74 -5.86
CA ALA B 154 -72.49 6.75 -6.16
C ALA B 154 -71.99 8.19 -6.01
N TYR B 155 -71.47 8.49 -4.82
CA TYR B 155 -71.09 9.85 -4.46
C TYR B 155 -70.12 10.51 -5.45
N GLU B 156 -69.29 9.70 -6.11
CA GLU B 156 -68.28 10.21 -7.04
C GLU B 156 -68.89 10.91 -8.25
N MET B 157 -70.10 10.54 -8.63
CA MET B 157 -70.80 11.19 -9.74
C MET B 157 -71.46 12.50 -9.32
N ILE B 158 -71.81 12.61 -8.03
CA ILE B 158 -72.57 13.75 -7.53
C ILE B 158 -71.74 14.80 -6.77
N ILE B 159 -70.43 14.55 -6.63
CA ILE B 159 -69.53 15.55 -6.03
C ILE B 159 -69.44 16.75 -6.97
N PRO B 160 -69.56 17.97 -6.43
CA PRO B 160 -69.39 19.17 -7.26
C PRO B 160 -67.90 19.40 -7.59
N VAL B 161 -67.39 18.64 -8.55
CA VAL B 161 -65.96 18.64 -8.88
C VAL B 161 -65.49 20.03 -9.35
N GLY B 162 -66.39 20.80 -9.95
CA GLY B 162 -66.06 22.13 -10.44
C GLY B 162 -65.78 23.13 -9.34
N ALA B 163 -66.30 22.87 -8.14
CA ALA B 163 -66.08 23.75 -6.99
C ALA B 163 -64.58 24.01 -6.71
N PRO B 164 -64.22 25.25 -6.35
CA PRO B 164 -62.82 25.63 -6.14
C PRO B 164 -62.11 24.81 -5.08
N GLY B 165 -62.80 24.51 -3.98
CA GLY B 165 -62.23 23.79 -2.85
C GLY B 165 -62.37 22.28 -2.95
N ILE B 166 -62.82 21.79 -4.10
CA ILE B 166 -62.95 20.35 -4.34
C ILE B 166 -61.89 19.95 -5.35
N ILE B 167 -60.95 19.11 -4.92
CA ILE B 167 -59.87 18.64 -5.77
C ILE B 167 -60.45 17.68 -6.80
N ASP B 168 -60.06 17.86 -8.05
CA ASP B 168 -60.42 16.95 -9.11
C ASP B 168 -59.37 15.84 -9.15
N TYR B 169 -59.75 14.68 -8.61
CA TYR B 169 -58.98 13.46 -8.77
C TYR B 169 -59.92 12.27 -8.76
N ASP B 170 -59.46 11.15 -9.28
CA ASP B 170 -60.25 9.92 -9.31
C ASP B 170 -60.27 9.29 -7.92
N HIS B 171 -61.46 9.24 -7.32
CA HIS B 171 -61.61 8.79 -5.93
C HIS B 171 -61.44 7.29 -5.75
N ARG B 172 -61.86 6.50 -6.74
CA ARG B 172 -61.67 5.05 -6.74
C ARG B 172 -60.19 4.69 -6.79
N MET B 173 -59.43 5.38 -7.64
CA MET B 173 -57.98 5.16 -7.78
C MET B 173 -57.21 5.52 -6.53
N TYR B 174 -57.69 6.52 -5.80
CA TYR B 174 -57.09 6.92 -4.54
C TYR B 174 -57.40 5.94 -3.41
N ALA B 175 -58.58 5.32 -3.46
CA ALA B 175 -58.98 4.29 -2.49
C ALA B 175 -58.01 3.12 -2.46
N ALA B 176 -57.66 2.62 -3.64
CA ALA B 176 -56.81 1.44 -3.78
C ALA B 176 -55.35 1.63 -3.34
N LEU B 177 -54.93 2.89 -3.21
CA LEU B 177 -53.54 3.20 -2.85
C LEU B 177 -53.18 2.62 -1.48
N PRO B 178 -51.93 2.13 -1.33
CA PRO B 178 -51.42 1.84 0.00
C PRO B 178 -51.38 3.10 0.87
N GLN B 179 -51.44 2.91 2.18
CA GLN B 179 -51.35 4.02 3.10
C GLN B 179 -50.08 4.86 2.89
N GLU B 180 -48.98 4.19 2.54
CA GLU B 180 -47.72 4.86 2.28
C GLU B 180 -47.87 5.92 1.18
N GLU B 181 -48.61 5.59 0.12
CA GLU B 181 -48.81 6.52 -1.00
C GLU B 181 -49.92 7.55 -0.71
N LYS B 182 -50.95 7.15 0.04
CA LYS B 182 -51.92 8.10 0.57
C LYS B 182 -51.23 9.19 1.39
N ASN B 183 -50.31 8.78 2.27
CA ASN B 183 -49.56 9.71 3.11
C ASN B 183 -48.70 10.67 2.30
N LYS B 184 -48.10 10.16 1.24
CA LYS B 184 -47.31 10.98 0.33
C LYS B 184 -48.13 12.08 -0.35
N ILE B 185 -49.38 11.76 -0.69
CA ILE B 185 -50.28 12.73 -1.30
C ILE B 185 -50.69 13.77 -0.26
N THR B 186 -51.10 13.29 0.91
CA THR B 186 -51.46 14.17 2.02
C THR B 186 -50.29 15.06 2.49
N SER B 187 -49.08 14.50 2.49
CA SER B 187 -47.90 15.25 2.95
C SER B 187 -47.55 16.41 2.05
N PHE B 188 -47.63 16.19 0.73
CA PHE B 188 -47.36 17.23 -0.25
C PHE B 188 -48.41 18.36 -0.21
N ILE B 189 -49.67 18.00 -0.05
CA ILE B 189 -50.76 18.98 0.04
C ILE B 189 -50.50 19.98 1.15
N ASN B 190 -50.32 19.47 2.36
CA ASN B 190 -50.07 20.32 3.53
C ASN B 190 -48.80 21.15 3.39
N PHE B 191 -47.80 20.63 2.69
CA PHE B 191 -46.62 21.42 2.37
C PHE B 191 -46.99 22.60 1.48
N VAL B 192 -47.71 22.30 0.41
CA VAL B 192 -48.17 23.33 -0.52
C VAL B 192 -49.06 24.37 0.20
N PHE B 193 -49.88 23.91 1.14
CA PHE B 193 -50.65 24.82 2.01
C PHE B 193 -49.77 25.74 2.85
N GLU B 194 -48.65 25.22 3.37
CA GLU B 194 -47.77 26.04 4.22
C GLU B 194 -47.02 27.06 3.37
N GLN B 195 -46.65 26.68 2.15
CA GLN B 195 -46.27 27.66 1.16
C GLN B 195 -47.55 28.47 0.87
N ASN B 196 -47.41 29.68 0.36
CA ASN B 196 -48.57 30.59 0.17
C ASN B 196 -49.20 30.94 1.51
N LYS B 197 -48.36 31.42 2.44
CA LYS B 197 -48.73 31.64 3.83
C LYS B 197 -49.34 30.38 4.42
N ALA C 1 -21.23 -1.87 -2.13
CA ALA C 1 -21.80 -0.49 -1.98
C ALA C 1 -21.07 0.28 -0.88
N MET C 2 -21.42 1.56 -0.73
CA MET C 2 -20.63 2.49 0.10
C MET C 2 -20.48 2.10 1.58
N LYS C 3 -19.22 1.91 1.97
CA LYS C 3 -18.81 1.62 3.35
C LYS C 3 -19.31 0.28 3.88
N SER C 4 -18.52 -0.76 3.62
CA SER C 4 -18.65 -2.06 4.29
C SER C 4 -17.78 -2.04 5.55
N ILE C 5 -17.78 -3.14 6.30
CA ILE C 5 -17.11 -3.20 7.60
C ILE C 5 -15.60 -3.25 7.46
N TYR C 6 -15.14 -4.08 6.51
CA TYR C 6 -13.73 -4.17 6.17
C TYR C 6 -13.17 -2.78 5.86
N ASP C 7 -13.96 -2.00 5.14
CA ASP C 7 -13.59 -0.64 4.77
C ASP C 7 -13.60 0.27 5.99
N ILE C 8 -14.55 0.05 6.89
CA ILE C 8 -14.59 0.75 8.18
C ILE C 8 -13.38 0.37 9.06
N ARG C 9 -13.13 -0.92 9.22
CA ARG C 9 -12.00 -1.40 10.02
C ARG C 9 -10.67 -0.84 9.49
N ARG C 10 -10.49 -0.91 8.17
CA ARG C 10 -9.35 -0.35 7.46
C ARG C 10 -9.11 1.12 7.76
N LYS C 11 -10.21 1.88 7.82
CA LYS C 11 -10.13 3.31 8.04
C LYS C 11 -9.76 3.59 9.50
N ASN C 12 -10.37 2.83 10.40
CA ASN C 12 -10.07 2.96 11.82
C ASN C 12 -8.65 2.51 12.17
N LEU C 13 -8.18 1.46 11.49
CA LEU C 13 -6.79 1.01 11.67
C LEU C 13 -5.79 2.07 11.21
N ASN C 14 -6.02 2.65 10.03
CA ASN C 14 -5.16 3.73 9.54
C ASN C 14 -5.24 4.96 10.42
N GLU C 15 -6.41 5.18 11.00
CA GLU C 15 -6.58 6.30 11.92
C GLU C 15 -5.71 6.05 13.15
N ILE C 16 -5.84 4.87 13.76
CA ILE C 16 -5.00 4.47 14.90
C ILE C 16 -3.52 4.65 14.57
N ILE C 17 -3.10 4.20 13.39
CA ILE C 17 -1.70 4.29 12.99
C ILE C 17 -1.27 5.74 12.80
N LEU C 18 -2.08 6.53 12.11
CA LEU C 18 -1.81 7.97 11.93
C LEU C 18 -1.88 8.73 13.25
N ARG C 19 -2.87 8.38 14.10
CA ARG C 19 -3.08 9.06 15.39
C ARG C 19 -2.04 8.69 16.44
N ASP C 20 -1.97 7.40 16.76
CA ASP C 20 -1.18 6.92 17.91
C ASP C 20 0.22 6.48 17.51
N PHE C 21 0.31 5.47 16.65
CA PHE C 21 1.61 4.90 16.24
C PHE C 21 2.23 5.63 15.03
N ASP C 22 1.73 6.84 14.77
CA ASP C 22 2.34 7.82 13.86
C ASP C 22 2.75 7.32 12.45
N ASP C 23 4.04 7.36 12.12
CA ASP C 23 4.49 7.14 10.76
C ASP C 23 4.35 5.67 10.35
N THR C 24 5.10 4.80 11.02
CA THR C 24 5.34 3.44 10.53
C THR C 24 4.34 2.39 11.01
N GLN C 25 3.90 1.58 10.06
CA GLN C 25 3.05 0.42 10.33
C GLN C 25 3.85 -0.72 10.97
N LEU C 26 5.17 -0.60 10.93
CA LEU C 26 6.06 -1.54 11.62
C LEU C 26 5.90 -1.45 13.13
N ARG C 27 5.56 -0.27 13.62
CA ARG C 27 5.35 -0.07 15.05
C ARG C 27 4.07 -0.70 15.60
N PHE C 28 3.02 -0.76 14.78
CA PHE C 28 1.84 -1.50 15.19
C PHE C 28 2.10 -3.00 15.08
N ALA C 29 2.79 -3.40 14.01
CA ALA C 29 3.20 -4.79 13.82
C ALA C 29 3.94 -5.35 15.04
N GLU C 30 4.76 -4.51 15.68
CA GLU C 30 5.45 -4.89 16.91
C GLU C 30 4.51 -5.06 18.11
N ARG C 31 3.58 -4.11 18.28
CA ARG C 31 2.62 -4.17 19.38
C ARG C 31 1.57 -5.26 19.19
N VAL C 32 1.09 -5.44 17.97
CA VAL C 32 0.09 -6.48 17.68
C VAL C 32 0.74 -7.86 17.53
N LYS C 33 2.08 -7.88 17.41
CA LYS C 33 2.88 -9.11 17.33
C LYS C 33 2.54 -9.92 16.09
N ARG C 34 2.40 -9.21 14.97
CA ARG C 34 2.10 -9.85 13.68
C ARG C 34 3.00 -9.27 12.60
N SER C 35 3.24 -10.05 11.54
CA SER C 35 4.10 -9.62 10.44
C SER C 35 3.71 -8.24 9.93
N GLN C 36 4.72 -7.42 9.67
CA GLN C 36 4.51 -6.11 9.08
C GLN C 36 3.98 -6.23 7.64
N ASN C 37 4.32 -7.33 6.97
CA ASN C 37 3.70 -7.67 5.68
C ASN C 37 2.19 -7.89 5.80
N LEU C 38 1.76 -8.50 6.90
CA LEU C 38 0.33 -8.69 7.16
C LEU C 38 -0.34 -7.36 7.54
N VAL C 39 0.31 -6.59 8.40
CA VAL C 39 -0.20 -5.30 8.83
C VAL C 39 -0.29 -4.32 7.66
N ASN C 40 0.59 -4.47 6.68
CA ASN C 40 0.62 -3.61 5.49
C ASN C 40 -0.50 -3.95 4.51
N ARG C 41 -0.81 -5.23 4.38
CA ARG C 41 -1.88 -5.66 3.47
C ARG C 41 -3.28 -5.45 4.05
N TRP C 42 -3.39 -5.16 5.34
CA TRP C 42 -4.66 -4.71 5.93
C TRP C 42 -4.90 -3.26 5.59
N CYS C 43 -3.88 -2.43 5.79
CA CYS C 43 -3.98 -0.99 5.64
C CYS C 43 -4.30 -0.55 4.22
N THR C 44 -3.57 -1.09 3.24
CA THR C 44 -3.68 -0.65 1.85
C THR C 44 -4.90 -1.24 1.13
N GLY C 45 -5.51 -2.28 1.72
CA GLY C 45 -6.76 -2.83 1.22
C GLY C 45 -6.68 -4.20 0.58
N ILE C 46 -5.47 -4.76 0.52
CA ILE C 46 -5.24 -6.03 -0.17
C ILE C 46 -5.93 -7.16 0.58
N LYS C 47 -5.67 -7.24 1.88
CA LYS C 47 -6.32 -8.22 2.74
C LYS C 47 -7.32 -7.54 3.66
N ASN C 48 -8.54 -8.04 3.69
CA ASN C 48 -9.58 -7.49 4.56
C ASN C 48 -9.37 -7.94 6.01
N ILE C 49 -9.97 -7.21 6.93
CA ILE C 49 -9.80 -7.45 8.36
C ILE C 49 -10.99 -8.25 8.92
N GLY C 50 -10.75 -9.51 9.27
CA GLY C 50 -11.80 -10.40 9.73
C GLY C 50 -12.26 -10.16 11.16
N PRO C 51 -13.14 -11.04 11.67
CA PRO C 51 -13.70 -10.89 13.02
C PRO C 51 -12.66 -10.94 14.14
N ASN C 52 -11.76 -11.91 14.06
CA ASN C 52 -10.78 -12.20 15.10
C ASN C 52 -9.67 -11.16 15.13
N ALA C 53 -9.20 -10.80 13.93
CA ALA C 53 -8.13 -9.82 13.80
C ALA C 53 -8.63 -8.46 14.27
N ALA C 54 -9.90 -8.16 14.00
CA ALA C 54 -10.51 -6.90 14.44
C ALA C 54 -10.36 -6.69 15.94
N ARG C 55 -10.77 -7.69 16.72
CA ARG C 55 -10.64 -7.60 18.19
C ARG C 55 -9.17 -7.63 18.61
N ILE C 56 -8.38 -8.49 17.99
CA ILE C 56 -6.94 -8.52 18.25
C ILE C 56 -6.35 -7.13 18.02
N ILE C 57 -6.68 -6.53 16.88
CA ILE C 57 -6.26 -5.16 16.58
C ILE C 57 -6.73 -4.21 17.69
N GLU C 58 -8.00 -4.31 18.06
CA GLU C 58 -8.56 -3.51 19.18
C GLU C 58 -7.83 -3.75 20.49
N GLU C 59 -7.66 -5.02 20.84
CA GLU C 59 -6.90 -5.44 22.01
C GLU C 59 -5.50 -4.84 21.98
N ALA C 60 -4.88 -4.85 20.81
CA ALA C 60 -3.58 -4.19 20.60
C ALA C 60 -3.68 -2.66 20.57
N ALA C 61 -4.82 -2.14 20.12
CA ALA C 61 -5.02 -0.67 20.02
C ALA C 61 -5.49 0.01 21.32
N ARG C 62 -5.78 -0.78 22.35
CA ARG C 62 -6.30 -0.27 23.61
C ARG C 62 -7.62 0.50 23.46
N LYS C 63 -8.50 0.00 22.58
CA LYS C 63 -9.85 0.53 22.42
C LYS C 63 -10.82 -0.51 22.98
N GLU C 64 -12.11 -0.17 23.03
CA GLU C 64 -13.12 -1.10 23.51
C GLU C 64 -13.66 -1.91 22.34
N LYS C 65 -14.40 -2.97 22.64
CA LYS C 65 -14.82 -3.96 21.66
C LYS C 65 -15.81 -3.41 20.64
N PHE C 66 -15.55 -3.73 19.37
CA PHE C 66 -16.34 -3.26 18.21
C PHE C 66 -16.17 -1.77 17.84
N TRP C 67 -15.32 -1.04 18.56
CA TRP C 67 -14.96 0.33 18.16
C TRP C 67 -14.44 0.35 16.72
N LEU C 68 -13.69 -0.68 16.33
CA LEU C 68 -13.12 -0.78 14.98
C LEU C 68 -14.21 -0.90 13.90
N ASP C 69 -15.29 -1.62 14.23
CA ASP C 69 -16.42 -1.77 13.31
C ASP C 69 -17.34 -0.54 13.26
N VAL C 70 -17.18 0.37 14.21
CA VAL C 70 -18.00 1.57 14.31
C VAL C 70 -17.40 2.72 13.51
N ASP C 71 -18.19 3.30 12.59
CA ASP C 71 -17.75 4.43 11.78
C ASP C 71 -17.77 5.69 12.62
N HIS C 72 -16.61 6.34 12.73
CA HIS C 72 -16.46 7.50 13.59
C HIS C 72 -16.45 8.81 12.81
N GLU C 73 -16.95 8.79 11.57
CA GLU C 73 -16.95 9.99 10.74
C GLU C 73 -17.75 11.15 11.36
N LEU C 74 -18.88 10.86 11.98
CA LEU C 74 -19.75 11.91 12.53
C LEU C 74 -19.04 12.90 13.45
N ASP C 75 -18.00 12.42 14.16
CA ASP C 75 -17.12 13.33 14.89
C ASP C 75 -16.19 14.06 13.93
N ALA C 76 -15.60 13.32 13.00
CA ALA C 76 -14.65 13.87 12.03
C ALA C 76 -15.22 15.03 11.22
N VAL C 77 -16.54 15.03 11.00
CA VAL C 77 -17.18 16.11 10.26
C VAL C 77 -17.45 17.32 11.16
N TRP C 91 8.66 22.85 4.37
CA TRP C 91 8.66 22.09 3.12
C TRP C 91 9.26 22.92 2.01
N THR C 92 10.21 22.33 1.28
CA THR C 92 10.84 23.01 0.15
C THR C 92 10.57 22.32 -1.18
N VAL C 93 10.43 23.17 -2.18
CA VAL C 93 10.12 22.77 -3.56
C VAL C 93 11.27 21.97 -4.15
N GLU C 94 12.49 22.34 -3.79
CA GLU C 94 13.71 21.77 -4.35
C GLU C 94 13.94 20.37 -3.80
N LYS C 95 13.91 20.26 -2.48
CA LYS C 95 14.02 18.95 -1.82
C LYS C 95 12.85 18.04 -2.19
N GLN C 96 11.70 18.63 -2.46
CA GLN C 96 10.55 17.88 -2.97
C GLN C 96 10.86 17.35 -4.37
N ALA C 97 11.27 18.25 -5.25
CA ALA C 97 11.70 17.87 -6.60
C ALA C 97 12.82 16.84 -6.57
N ALA C 98 13.66 16.93 -5.55
CA ALA C 98 14.69 15.94 -5.31
C ALA C 98 14.10 14.65 -4.76
N ALA C 99 13.35 14.77 -3.67
CA ALA C 99 12.74 13.60 -3.01
C ALA C 99 11.75 12.87 -3.92
N THR C 100 11.07 13.61 -4.80
CA THR C 100 10.25 13.01 -5.84
C THR C 100 11.14 12.27 -6.83
N LEU C 101 12.16 12.96 -7.33
CA LEU C 101 13.12 12.35 -8.26
C LEU C 101 13.87 11.19 -7.62
N ASN C 102 14.05 11.24 -6.31
CA ASN C 102 14.59 10.12 -5.54
C ASN C 102 13.61 8.95 -5.54
N ALA C 103 12.37 9.23 -5.19
CA ALA C 103 11.31 8.21 -5.15
C ALA C 103 10.91 7.72 -6.54
N TRP C 104 11.20 8.50 -7.57
CA TRP C 104 10.99 8.07 -8.96
C TRP C 104 12.13 7.17 -9.43
N MET C 105 13.28 7.29 -8.78
CA MET C 105 14.44 6.43 -9.07
C MET C 105 14.26 5.03 -8.46
N ARG C 106 13.30 4.89 -7.56
CA ARG C 106 12.89 3.58 -7.04
C ARG C 106 12.30 2.71 -8.15
N LYS C 107 11.36 3.28 -8.90
CA LYS C 107 10.71 2.56 -10.00
C LYS C 107 11.61 2.58 -11.24
N ALA C 121 15.10 7.31 -17.08
CA ALA C 121 15.54 5.99 -16.66
C ALA C 121 16.72 6.11 -15.69
N GLY C 122 17.23 4.97 -15.23
CA GLY C 122 18.37 4.92 -14.31
C GLY C 122 19.58 5.68 -14.83
N ILE C 123 20.37 6.22 -13.90
CA ILE C 123 21.50 7.09 -14.24
C ILE C 123 22.57 6.31 -15.02
N GLY C 124 23.05 6.86 -16.15
CA GLY C 124 22.70 8.19 -16.65
C GLY C 124 21.42 8.24 -17.46
N PRO C 125 20.59 9.28 -17.24
CA PRO C 125 19.62 9.66 -18.26
C PRO C 125 20.29 10.42 -19.41
N ALA C 126 19.49 11.08 -20.23
CA ALA C 126 19.99 11.82 -21.37
C ALA C 126 19.45 13.25 -21.36
N THR C 127 20.04 14.07 -22.24
CA THR C 127 19.53 15.40 -22.57
C THR C 127 19.98 16.50 -21.58
N VAL C 128 20.45 16.13 -20.39
CA VAL C 128 20.83 17.11 -19.35
C VAL C 128 21.95 16.55 -18.47
N ASN C 129 22.77 17.44 -17.93
CA ASN C 129 23.73 17.12 -16.88
C ASN C 129 23.53 18.20 -15.81
N ARG C 130 24.52 18.50 -14.98
CA ARG C 130 24.38 19.46 -13.87
C ARG C 130 23.23 19.12 -12.91
N ILE C 131 22.89 17.84 -12.81
CA ILE C 131 21.77 17.42 -11.96
C ILE C 131 22.19 17.35 -10.49
N MET C 132 21.91 18.44 -9.78
CA MET C 132 22.09 18.52 -8.32
C MET C 132 20.71 18.44 -7.69
N LYS C 133 20.63 17.79 -6.53
CA LYS C 133 19.35 17.45 -5.91
C LYS C 133 19.05 18.29 -4.67
N ALA C 134 19.94 18.25 -3.70
CA ALA C 134 19.72 18.90 -2.40
C ALA C 134 19.64 20.44 -2.47
N GLU C 135 20.71 21.06 -2.94
CA GLU C 135 20.90 22.52 -2.83
C GLU C 135 20.10 23.37 -3.83
N VAL C 136 20.26 23.05 -5.11
CA VAL C 136 19.84 23.94 -6.20
C VAL C 136 18.32 24.09 -6.35
N SER C 137 17.90 25.29 -6.78
CA SER C 137 16.53 25.51 -7.22
C SER C 137 16.52 25.55 -8.74
N THR C 138 16.33 24.38 -9.35
CA THR C 138 16.35 24.23 -10.80
C THR C 138 15.30 25.11 -11.46
N THR C 139 15.53 25.46 -12.72
CA THR C 139 14.50 26.09 -13.54
C THR C 139 13.44 25.06 -13.95
N ILE C 140 12.21 25.52 -14.13
CA ILE C 140 11.07 24.66 -14.48
C ILE C 140 11.22 23.93 -15.82
N GLY C 141 12.01 24.50 -16.74
CA GLY C 141 12.24 23.89 -18.05
C GLY C 141 13.04 22.61 -17.95
N VAL C 142 14.11 22.66 -17.17
CA VAL C 142 14.96 21.50 -16.91
C VAL C 142 14.17 20.50 -16.09
N LEU C 143 13.59 21.00 -15.00
CA LEU C 143 12.69 20.23 -14.14
C LEU C 143 11.71 19.39 -14.97
N SER C 144 11.14 20.05 -15.98
CA SER C 144 10.23 19.41 -16.91
C SER C 144 10.95 18.37 -17.75
N SER C 145 12.13 18.71 -18.27
CA SER C 145 12.94 17.75 -19.06
C SER C 145 13.30 16.51 -18.26
N LEU C 146 13.54 16.68 -16.96
CA LEU C 146 13.80 15.56 -16.05
C LEU C 146 12.53 14.74 -15.86
N ALA C 147 11.43 15.44 -15.54
CA ALA C 147 10.13 14.81 -15.30
C ALA C 147 9.58 14.13 -16.55
N ARG C 148 9.59 14.85 -17.67
CA ARG C 148 9.09 14.33 -18.96
C ARG C 148 9.85 13.10 -19.46
N ALA C 149 11.13 13.01 -19.10
CA ALA C 149 11.96 11.85 -19.44
C ALA C 149 11.45 10.56 -18.78
N PHE C 150 10.71 10.72 -17.69
CA PHE C 150 10.07 9.60 -16.98
C PHE C 150 8.59 9.45 -17.39
N GLY C 151 8.19 10.07 -18.50
CA GLY C 151 6.79 10.13 -18.90
C GLY C 151 5.88 10.87 -17.91
N HIS C 152 6.45 11.85 -17.20
CA HIS C 152 5.74 12.60 -16.16
C HIS C 152 5.72 14.09 -16.47
N GLU C 153 5.21 14.90 -15.54
CA GLU C 153 5.20 16.36 -15.69
C GLU C 153 5.93 17.04 -14.54
N ALA C 154 6.30 18.29 -14.77
CA ALA C 154 7.09 19.07 -13.81
C ALA C 154 6.31 19.40 -12.53
N TYR C 155 5.02 19.68 -12.67
CA TYR C 155 4.19 20.03 -11.51
C TYR C 155 4.20 18.95 -10.43
N GLU C 156 4.26 17.69 -10.85
CA GLU C 156 4.30 16.55 -9.92
C GLU C 156 5.55 16.55 -9.05
N MET C 157 6.66 17.06 -9.59
CA MET C 157 7.91 17.13 -8.84
C MET C 157 7.84 18.08 -7.64
N ILE C 158 6.98 19.08 -7.72
CA ILE C 158 6.95 20.17 -6.73
C ILE C 158 5.64 20.23 -5.92
N ILE C 159 5.00 19.08 -5.77
CA ILE C 159 3.74 18.95 -5.03
C ILE C 159 3.99 19.02 -3.51
N PRO C 160 3.12 19.75 -2.77
CA PRO C 160 3.33 19.88 -1.31
C PRO C 160 3.29 18.56 -0.53
N VAL C 161 3.74 18.62 0.73
CA VAL C 161 3.60 17.49 1.64
C VAL C 161 2.12 17.21 1.88
N GLY C 162 1.68 16.02 1.48
CA GLY C 162 0.25 15.73 1.39
C GLY C 162 -0.33 16.46 0.19
N ALA C 163 -1.27 15.83 -0.52
CA ALA C 163 -1.82 16.41 -1.74
C ALA C 163 -3.28 16.86 -1.52
N PRO C 164 -3.46 18.03 -0.87
CA PRO C 164 -4.79 18.45 -0.43
C PRO C 164 -5.69 19.00 -1.53
N GLY C 165 -5.09 19.63 -2.53
CA GLY C 165 -5.84 20.23 -3.64
C GLY C 165 -5.94 19.33 -4.86
N ILE C 166 -5.61 18.05 -4.71
CA ILE C 166 -5.35 17.21 -5.87
C ILE C 166 -6.56 16.62 -6.61
N ILE C 167 -7.51 16.04 -5.87
CA ILE C 167 -8.61 15.26 -6.47
C ILE C 167 -8.09 14.03 -7.26
N ASP C 168 -7.69 12.97 -6.55
CA ASP C 168 -7.34 11.69 -7.20
C ASP C 168 -8.44 11.11 -8.09
N TYR C 169 -8.05 10.73 -9.31
CA TYR C 169 -8.96 10.13 -10.29
C TYR C 169 -8.20 9.51 -11.46
N ASP C 170 -8.89 8.73 -12.26
CA ASP C 170 -8.30 8.14 -13.46
C ASP C 170 -8.38 9.17 -14.58
N HIS C 171 -7.19 9.61 -15.04
CA HIS C 171 -7.09 10.70 -16.02
C HIS C 171 -7.54 10.30 -17.42
N ARG C 172 -7.36 9.04 -17.77
CA ARG C 172 -7.83 8.54 -19.06
C ARG C 172 -9.35 8.69 -19.19
N MET C 173 -10.05 8.38 -18.10
CA MET C 173 -11.51 8.40 -18.09
C MET C 173 -12.08 9.81 -18.12
N TYR C 174 -11.44 10.75 -17.42
CA TYR C 174 -11.87 12.15 -17.51
C TYR C 174 -11.68 12.71 -18.93
N ALA C 175 -10.54 12.37 -19.53
CA ALA C 175 -10.24 12.74 -20.92
C ALA C 175 -11.27 12.17 -21.87
N ALA C 176 -11.69 10.94 -21.59
CA ALA C 176 -12.70 10.25 -22.38
C ALA C 176 -14.13 10.81 -22.25
N LEU C 177 -14.44 11.49 -21.15
CA LEU C 177 -15.78 12.07 -20.99
C LEU C 177 -16.10 13.07 -22.09
N PRO C 178 -17.36 13.11 -22.55
CA PRO C 178 -17.74 14.19 -23.46
C PRO C 178 -17.57 15.54 -22.78
N GLN C 179 -17.38 16.60 -23.57
CA GLN C 179 -17.23 17.95 -23.01
C GLN C 179 -18.46 18.38 -22.20
N GLU C 180 -19.64 17.90 -22.58
CA GLU C 180 -20.88 18.21 -21.85
C GLU C 180 -20.82 17.63 -20.43
N GLU C 181 -20.21 16.46 -20.30
CA GLU C 181 -20.07 15.79 -19.01
C GLU C 181 -18.93 16.37 -18.19
N LYS C 182 -17.93 16.98 -18.85
CA LYS C 182 -16.86 17.70 -18.14
C LYS C 182 -17.37 18.96 -17.46
N ASN C 183 -18.24 19.68 -18.15
CA ASN C 183 -18.80 20.92 -17.63
C ASN C 183 -19.72 20.70 -16.44
N LYS C 184 -20.49 19.62 -16.49
CA LYS C 184 -21.33 19.22 -15.37
C LYS C 184 -20.48 18.92 -14.13
N ILE C 185 -19.35 18.22 -14.31
CA ILE C 185 -18.44 17.96 -13.20
C ILE C 185 -17.82 19.23 -12.64
N THR C 186 -17.32 20.10 -13.53
CA THR C 186 -16.60 21.31 -13.10
C THR C 186 -17.52 22.36 -12.47
N SER C 187 -18.73 22.49 -12.99
CA SER C 187 -19.66 23.50 -12.48
C SER C 187 -20.12 23.14 -11.07
N PHE C 188 -20.25 21.85 -10.80
CA PHE C 188 -20.64 21.38 -9.49
C PHE C 188 -19.58 21.67 -8.44
N ILE C 189 -18.31 21.47 -8.78
CA ILE C 189 -17.20 21.73 -7.85
C ILE C 189 -17.17 23.20 -7.43
N ASN C 190 -17.27 24.09 -8.41
CA ASN C 190 -17.28 25.52 -8.13
C ASN C 190 -18.42 25.91 -7.20
N PHE C 191 -19.61 25.37 -7.44
CA PHE C 191 -20.76 25.62 -6.56
C PHE C 191 -20.42 25.15 -5.15
N VAL C 192 -19.81 23.97 -5.06
CA VAL C 192 -19.34 23.44 -3.77
C VAL C 192 -18.36 24.41 -3.08
N PHE C 193 -17.39 24.92 -3.84
CA PHE C 193 -16.50 25.98 -3.33
C PHE C 193 -17.30 27.17 -2.83
N GLU C 194 -18.20 27.69 -3.65
CA GLU C 194 -18.98 28.88 -3.28
C GLU C 194 -19.76 28.69 -1.96
N GLN C 195 -20.40 27.53 -1.80
CA GLN C 195 -21.16 27.23 -0.59
C GLN C 195 -20.28 27.00 0.64
N ASN C 196 -18.99 26.80 0.43
CA ASN C 196 -18.01 26.75 1.52
C ASN C 196 -17.20 28.04 1.68
N LYS C 197 -17.44 29.02 0.80
CA LYS C 197 -16.92 30.39 0.95
C LYS C 197 -17.36 31.31 -0.20
N LEU D 68 -21.84 34.14 -36.26
CA LEU D 68 -22.08 33.25 -35.09
C LEU D 68 -22.37 34.05 -33.82
N ASP D 69 -23.65 34.29 -33.57
CA ASP D 69 -24.11 35.03 -32.39
C ASP D 69 -24.63 34.07 -31.32
N VAL D 70 -25.52 33.16 -31.72
CA VAL D 70 -26.15 32.23 -30.78
C VAL D 70 -25.16 31.21 -30.22
N ASP D 71 -25.58 30.48 -29.18
CA ASP D 71 -24.67 29.70 -28.34
C ASP D 71 -23.92 28.58 -29.08
N HIS D 72 -24.64 27.79 -29.86
CA HIS D 72 -24.07 26.61 -30.55
C HIS D 72 -23.54 25.53 -29.59
N GLU D 73 -24.01 25.51 -28.35
CA GLU D 73 -23.48 24.59 -27.34
C GLU D 73 -23.93 23.15 -27.57
N LEU D 74 -25.18 22.97 -28.01
CA LEU D 74 -25.71 21.63 -28.28
C LEU D 74 -24.93 20.89 -29.37
N ASP D 75 -24.42 21.65 -30.34
CA ASP D 75 -23.62 21.07 -31.42
C ASP D 75 -22.19 20.77 -30.97
N ALA D 76 -21.86 21.18 -29.74
CA ALA D 76 -20.58 20.86 -29.09
C ALA D 76 -19.41 21.52 -29.82
N VAL D 77 -18.26 20.83 -29.88
CA VAL D 77 -17.10 21.27 -30.67
C VAL D 77 -16.49 22.56 -30.11
N TRP D 91 3.11 23.78 -27.14
CA TRP D 91 2.95 24.06 -25.72
C TRP D 91 4.26 23.87 -24.96
N THR D 92 4.57 24.82 -24.08
CA THR D 92 5.72 24.68 -23.16
C THR D 92 5.34 25.17 -21.75
N VAL D 93 6.23 24.91 -20.80
CA VAL D 93 5.99 25.20 -19.39
C VAL D 93 5.90 26.71 -19.11
N GLU D 94 6.69 27.50 -19.83
CA GLU D 94 6.73 28.94 -19.65
C GLU D 94 5.46 29.63 -20.16
N LYS D 95 4.78 28.98 -21.11
CA LYS D 95 3.50 29.48 -21.63
C LYS D 95 2.37 29.27 -20.62
N GLN D 96 2.47 28.21 -19.81
CA GLN D 96 1.47 27.95 -18.78
C GLN D 96 1.62 28.96 -17.64
N ALA D 97 2.85 29.17 -17.16
CA ALA D 97 3.11 30.19 -16.15
C ALA D 97 2.68 31.58 -16.62
N ALA D 98 2.76 31.80 -17.93
CA ALA D 98 2.25 33.02 -18.54
C ALA D 98 0.73 33.12 -18.39
N ALA D 99 0.04 32.03 -18.70
CA ALA D 99 -1.42 31.99 -18.63
C ALA D 99 -1.92 31.94 -17.18
N THR D 100 -1.39 31.03 -16.39
CA THR D 100 -1.91 30.80 -15.03
C THR D 100 -1.66 31.97 -14.09
N LEU D 101 -0.61 32.75 -14.32
CA LEU D 101 -0.41 33.98 -13.54
C LEU D 101 -1.31 35.09 -14.07
N ASN D 102 -1.43 35.19 -15.40
CA ASN D 102 -2.43 36.08 -16.01
C ASN D 102 -3.86 35.72 -15.61
N ALA D 103 -4.10 34.43 -15.34
CA ALA D 103 -5.37 33.95 -14.81
C ALA D 103 -5.53 34.21 -13.32
N TRP D 104 -4.45 34.62 -12.66
CA TRP D 104 -4.42 34.80 -11.19
C TRP D 104 -4.61 36.25 -10.73
N MET D 105 -5.40 37.03 -11.45
CA MET D 105 -5.82 38.33 -10.96
C MET D 105 -7.23 38.22 -10.38
N ALA D 121 5.82 41.93 -2.71
CA ALA D 121 6.79 40.90 -2.38
C ALA D 121 6.36 39.51 -2.90
N GLY D 122 6.22 39.34 -4.22
CA GLY D 122 6.46 40.40 -5.22
C GLY D 122 7.87 40.92 -5.19
N ILE D 123 8.84 40.03 -5.35
CA ILE D 123 10.24 40.35 -5.04
C ILE D 123 10.79 41.47 -5.93
N GLY D 124 10.94 41.22 -7.22
CA GLY D 124 11.47 42.22 -8.16
C GLY D 124 10.58 42.42 -9.38
N PRO D 125 10.23 43.68 -9.70
CA PRO D 125 9.20 43.97 -10.72
C PRO D 125 9.53 43.53 -12.15
N ALA D 126 10.74 43.81 -12.61
CA ALA D 126 11.15 43.46 -13.98
C ALA D 126 11.24 41.95 -14.15
N THR D 127 11.75 41.29 -13.12
CA THR D 127 11.74 39.83 -13.03
C THR D 127 10.34 39.28 -13.29
N VAL D 128 9.34 39.92 -12.68
CA VAL D 128 7.93 39.53 -12.85
C VAL D 128 7.35 40.00 -14.19
N ASN D 129 7.75 41.18 -14.65
CA ASN D 129 7.21 41.74 -15.89
C ASN D 129 7.63 40.95 -17.14
N ARG D 130 8.71 40.18 -17.02
CA ARG D 130 9.14 39.27 -18.08
C ARG D 130 8.31 37.99 -18.15
N ILE D 131 7.96 37.44 -16.98
CA ILE D 131 7.31 36.13 -16.88
C ILE D 131 5.97 36.05 -17.61
N MET D 132 5.21 37.14 -17.62
CA MET D 132 3.86 37.17 -18.18
C MET D 132 3.79 36.97 -19.69
N LYS D 133 4.86 37.32 -20.40
CA LYS D 133 4.94 37.07 -21.84
C LYS D 133 5.93 35.95 -22.16
N ALA D 134 6.18 35.09 -21.17
CA ALA D 134 7.18 34.02 -21.25
C ALA D 134 8.59 34.61 -21.40
N GLU D 135 9.28 34.34 -22.51
CA GLU D 135 10.60 34.93 -22.80
C GLU D 135 11.73 34.55 -21.82
N VAL D 136 11.43 33.71 -20.83
CA VAL D 136 12.41 33.35 -19.79
C VAL D 136 11.86 32.19 -18.96
N SER D 137 12.75 31.41 -18.35
CA SER D 137 12.36 30.27 -17.51
C SER D 137 12.69 30.53 -16.04
N THR D 138 11.66 30.48 -15.20
CA THR D 138 11.79 30.79 -13.77
C THR D 138 12.15 29.57 -12.91
N THR D 139 12.84 29.82 -11.81
CA THR D 139 13.26 28.76 -10.90
C THR D 139 12.15 28.37 -9.94
N ILE D 140 12.13 27.10 -9.55
CA ILE D 140 11.09 26.56 -8.67
C ILE D 140 11.02 27.22 -7.30
N GLY D 141 12.18 27.67 -6.82
CA GLY D 141 12.26 28.41 -5.56
C GLY D 141 11.61 29.78 -5.67
N VAL D 142 11.85 30.45 -6.80
CA VAL D 142 11.22 31.74 -7.11
C VAL D 142 9.77 31.54 -7.51
N LEU D 143 9.47 30.41 -8.15
CA LEU D 143 8.11 30.02 -8.50
C LEU D 143 7.23 29.90 -7.25
N SER D 144 7.80 29.32 -6.19
CA SER D 144 7.07 29.06 -4.94
C SER D 144 6.67 30.33 -4.20
N SER D 145 7.66 31.17 -3.88
CA SER D 145 7.41 32.39 -3.12
C SER D 145 6.47 33.34 -3.87
N LEU D 146 6.55 33.32 -5.19
CA LEU D 146 5.65 34.11 -6.02
C LEU D 146 4.20 33.63 -5.92
N ALA D 147 4.00 32.32 -5.79
CA ALA D 147 2.67 31.74 -5.75
C ALA D 147 1.90 32.14 -4.50
N ARG D 148 2.57 32.09 -3.35
CA ARG D 148 1.99 32.49 -2.07
C ARG D 148 1.38 33.90 -2.06
N ALA D 149 1.88 34.78 -2.92
CA ALA D 149 1.36 36.15 -3.05
C ALA D 149 -0.16 36.19 -3.25
N PHE D 150 -0.67 35.21 -3.98
CA PHE D 150 -2.11 35.11 -4.28
C PHE D 150 -2.83 34.16 -3.32
N GLY D 151 -2.07 33.38 -2.55
CA GLY D 151 -2.60 32.36 -1.64
C GLY D 151 -2.48 30.94 -2.18
N HIS D 152 -1.75 30.80 -3.28
CA HIS D 152 -1.68 29.56 -4.04
C HIS D 152 -0.30 28.91 -3.87
N GLU D 153 -0.12 27.72 -4.47
CA GLU D 153 1.15 26.98 -4.42
C GLU D 153 1.86 26.97 -5.77
N ALA D 154 3.06 26.39 -5.80
CA ALA D 154 3.96 26.46 -6.97
C ALA D 154 3.44 25.67 -8.17
N TYR D 155 3.17 24.39 -7.93
CA TYR D 155 2.70 23.49 -8.99
C TYR D 155 1.45 24.00 -9.73
N GLU D 156 0.62 24.77 -9.03
CA GLU D 156 -0.60 25.33 -9.61
C GLU D 156 -0.35 26.14 -10.87
N MET D 157 0.73 26.93 -10.86
CA MET D 157 1.04 27.79 -12.02
C MET D 157 1.61 27.03 -13.21
N ILE D 158 2.34 25.94 -12.97
CA ILE D 158 2.91 25.14 -14.07
C ILE D 158 2.13 23.86 -14.39
N ILE D 159 1.03 23.62 -13.68
CA ILE D 159 0.18 22.46 -13.99
C ILE D 159 -0.51 22.72 -15.34
N PRO D 160 -0.43 21.75 -16.27
CA PRO D 160 -1.08 21.92 -17.56
C PRO D 160 -2.55 21.51 -17.53
N VAL D 161 -3.28 21.88 -18.57
CA VAL D 161 -4.64 21.39 -18.77
C VAL D 161 -4.79 20.81 -20.17
N GLY D 162 -4.30 19.58 -20.33
CA GLY D 162 -4.62 18.75 -21.48
C GLY D 162 -5.89 17.98 -21.17
N ALA D 163 -6.44 17.30 -22.17
CA ALA D 163 -7.68 16.54 -22.03
C ALA D 163 -7.81 15.77 -20.69
N PRO D 164 -6.75 15.03 -20.29
CA PRO D 164 -6.81 14.33 -19.00
C PRO D 164 -6.83 15.24 -17.77
N GLY D 165 -5.85 16.14 -17.67
CA GLY D 165 -5.68 16.97 -16.48
C GLY D 165 -6.44 18.27 -16.53
N ILE D 166 -7.43 18.37 -17.43
CA ILE D 166 -8.27 19.57 -17.55
C ILE D 166 -9.46 19.55 -16.57
N ILE D 167 -9.41 18.74 -15.52
CA ILE D 167 -10.31 18.99 -14.41
C ILE D 167 -9.84 20.37 -13.96
N ASP D 168 -10.63 21.36 -14.34
CA ASP D 168 -10.24 22.76 -14.21
C ASP D 168 -10.93 23.37 -13.01
N TYR D 169 -10.18 23.51 -11.93
CA TYR D 169 -10.69 24.05 -10.69
C TYR D 169 -9.59 24.74 -9.89
N ASP D 170 -10.01 25.61 -8.98
CA ASP D 170 -9.11 26.30 -8.08
C ASP D 170 -8.68 25.34 -6.98
N HIS D 171 -7.38 25.06 -6.90
CA HIS D 171 -6.83 24.12 -5.92
C HIS D 171 -6.84 24.68 -4.51
N ARG D 172 -6.62 26.00 -4.38
CA ARG D 172 -6.64 26.68 -3.09
C ARG D 172 -7.99 26.44 -2.40
N MET D 173 -9.08 26.66 -3.15
CA MET D 173 -10.43 26.45 -2.65
C MET D 173 -10.68 25.00 -2.25
N TYR D 174 -10.25 24.06 -3.09
CA TYR D 174 -10.44 22.62 -2.81
C TYR D 174 -9.70 22.18 -1.54
N ALA D 175 -8.42 22.55 -1.42
CA ALA D 175 -7.60 22.20 -0.24
C ALA D 175 -8.26 22.61 1.07
N ALA D 176 -8.89 23.79 1.06
CA ALA D 176 -9.56 24.35 2.24
C ALA D 176 -10.86 23.63 2.64
N LEU D 177 -11.44 22.84 1.73
CA LEU D 177 -12.70 22.15 2.02
C LEU D 177 -12.54 21.13 3.16
N PRO D 178 -13.61 20.92 3.95
CA PRO D 178 -13.63 19.77 4.85
C PRO D 178 -13.70 18.44 4.09
N GLN D 179 -13.25 17.36 4.72
CA GLN D 179 -13.19 16.05 4.06
C GLN D 179 -14.55 15.54 3.57
N GLU D 180 -15.53 15.54 4.47
CA GLU D 180 -16.90 15.16 4.12
C GLU D 180 -17.39 15.77 2.79
N GLU D 181 -17.01 17.01 2.53
CA GLU D 181 -17.46 17.74 1.35
C GLU D 181 -16.57 17.47 0.13
N LYS D 182 -15.29 17.17 0.37
CA LYS D 182 -14.45 16.67 -0.70
C LYS D 182 -15.02 15.35 -1.20
N ASN D 183 -15.57 14.55 -0.28
CA ASN D 183 -16.23 13.29 -0.64
C ASN D 183 -17.36 13.44 -1.64
N LYS D 184 -18.11 14.52 -1.52
CA LYS D 184 -19.19 14.83 -2.46
C LYS D 184 -18.68 15.01 -3.89
N ILE D 185 -17.53 15.68 -4.03
CA ILE D 185 -16.94 15.91 -5.36
C ILE D 185 -16.51 14.60 -6.02
N THR D 186 -15.70 13.82 -5.33
CA THR D 186 -15.21 12.55 -5.86
C THR D 186 -16.30 11.50 -6.08
N SER D 187 -17.34 11.54 -5.25
CA SER D 187 -18.51 10.67 -5.43
C SER D 187 -19.28 11.07 -6.70
N PHE D 188 -19.46 12.37 -6.91
CA PHE D 188 -20.11 12.86 -8.13
C PHE D 188 -19.29 12.53 -9.39
N ILE D 189 -18.00 12.81 -9.38
CA ILE D 189 -17.12 12.53 -10.51
C ILE D 189 -17.21 11.06 -10.90
N ASN D 190 -16.97 10.20 -9.91
CA ASN D 190 -16.97 8.75 -10.11
C ASN D 190 -18.36 8.21 -10.52
N PHE D 191 -19.41 8.95 -10.22
CA PHE D 191 -20.73 8.63 -10.76
C PHE D 191 -20.84 9.06 -12.22
N VAL D 192 -20.33 10.25 -12.55
CA VAL D 192 -20.31 10.72 -13.94
C VAL D 192 -19.58 9.76 -14.87
N PHE D 193 -18.51 9.13 -14.40
CA PHE D 193 -17.80 8.10 -15.16
C PHE D 193 -18.73 6.92 -15.46
N GLU D 194 -19.30 6.35 -14.40
CA GLU D 194 -20.19 5.19 -14.51
C GLU D 194 -21.37 5.40 -15.47
N GLN D 195 -21.83 6.64 -15.62
CA GLN D 195 -22.95 6.91 -16.54
C GLN D 195 -22.61 6.71 -18.03
N ASN D 196 -21.34 6.45 -18.35
CA ASN D 196 -20.94 6.10 -19.71
C ASN D 196 -20.82 4.58 -19.86
N LYS D 197 -19.79 3.98 -19.26
CA LYS D 197 -19.64 2.52 -19.18
C LYS D 197 -18.82 2.10 -17.96
N PHE E 13 -24.26 -13.42 8.67
CA PHE E 13 -25.13 -12.66 9.63
C PHE E 13 -24.70 -11.20 9.75
N GLU E 14 -23.41 -10.97 10.02
CA GLU E 14 -22.88 -9.62 10.18
C GLU E 14 -23.04 -8.78 8.91
N GLU E 15 -22.91 -9.41 7.75
CA GLU E 15 -23.15 -8.71 6.49
C GLU E 15 -24.65 -8.50 6.26
N ARG E 16 -25.45 -9.51 6.61
CA ARG E 16 -26.91 -9.41 6.52
C ARG E 16 -27.40 -8.16 7.23
N ILE E 17 -27.06 -8.04 8.51
CA ILE E 17 -27.52 -6.92 9.34
C ILE E 17 -27.03 -5.57 8.83
N HIS E 18 -25.88 -5.58 8.15
CA HIS E 18 -25.35 -4.37 7.52
C HIS E 18 -26.00 -4.00 6.18
N THR E 19 -26.64 -4.97 5.51
CA THR E 19 -27.52 -4.64 4.39
C THR E 19 -28.70 -3.84 4.95
N PRO E 20 -29.29 -2.94 4.13
CA PRO E 20 -30.52 -2.27 4.54
C PRO E 20 -31.64 -3.25 4.93
N VAL E 21 -31.72 -4.39 4.25
CA VAL E 21 -32.67 -5.44 4.63
C VAL E 21 -32.47 -5.82 6.09
N GLY E 22 -31.20 -5.97 6.48
CA GLY E 22 -30.83 -6.36 7.83
C GLY E 22 -31.09 -5.31 8.90
N VAL E 23 -30.83 -4.04 8.59
CA VAL E 23 -31.12 -2.96 9.54
C VAL E 23 -32.62 -2.80 9.75
N ARG E 24 -33.40 -2.96 8.68
CA ARG E 24 -34.86 -2.96 8.76
C ARG E 24 -35.37 -4.16 9.59
N SER E 25 -34.67 -5.30 9.48
CA SER E 25 -34.98 -6.49 10.28
C SER E 25 -34.90 -6.25 11.78
N LEU E 26 -34.09 -5.28 12.18
CA LEU E 26 -33.87 -4.98 13.59
C LEU E 26 -35.00 -4.17 14.22
N VAL E 27 -35.88 -3.61 13.39
CA VAL E 27 -36.99 -2.80 13.87
C VAL E 27 -37.92 -3.59 14.81
N GLU E 28 -38.48 -4.68 14.32
CA GLU E 28 -39.49 -5.42 15.07
C GLU E 28 -38.87 -6.23 16.20
N ASP E 29 -38.03 -7.20 15.84
CA ASP E 29 -37.41 -8.05 16.84
C ASP E 29 -35.97 -8.38 16.48
N SER E 30 -35.06 -7.93 17.34
CA SER E 30 -33.66 -8.23 17.26
C SER E 30 -33.26 -8.91 18.56
N HIS E 31 -32.11 -9.60 18.56
CA HIS E 31 -31.59 -10.23 19.79
C HIS E 31 -31.44 -9.19 20.90
N LEU E 32 -31.08 -7.96 20.54
CA LEU E 32 -30.92 -6.86 21.49
C LEU E 32 -32.26 -6.44 22.15
N MET E 33 -33.35 -6.50 21.39
CA MET E 33 -34.69 -6.25 21.93
C MET E 33 -35.11 -7.41 22.81
N LYS E 34 -34.73 -8.63 22.42
CA LYS E 34 -34.92 -9.81 23.27
C LYS E 34 -34.07 -9.65 24.52
N LEU E 35 -32.80 -9.32 24.33
CA LEU E 35 -31.83 -9.21 25.41
C LEU E 35 -32.27 -8.20 26.46
N LEU E 36 -32.56 -6.98 26.02
CA LEU E 36 -32.96 -5.90 26.93
C LEU E 36 -34.24 -6.20 27.73
N ARG E 37 -35.15 -6.96 27.14
CA ARG E 37 -36.41 -7.27 27.80
C ARG E 37 -36.23 -8.27 28.94
N GLU E 38 -35.18 -9.10 28.87
CA GLU E 38 -34.88 -10.04 29.93
C GLU E 38 -34.26 -9.31 31.13
N LEU E 39 -33.32 -8.40 30.86
CA LEU E 39 -32.67 -7.61 31.90
C LEU E 39 -33.66 -6.81 32.76
N ASP E 40 -34.71 -6.30 32.13
CA ASP E 40 -35.73 -5.51 32.82
C ASP E 40 -36.48 -6.32 33.88
N LYS E 41 -36.70 -7.59 33.58
CA LYS E 41 -37.41 -8.53 34.47
C LYS E 41 -36.81 -8.63 35.88
N ASP E 42 -35.49 -8.49 35.99
CA ASP E 42 -34.78 -8.74 37.24
C ASP E 42 -34.70 -7.53 38.19
N GLY E 43 -35.24 -6.39 37.78
CA GLY E 43 -35.23 -5.19 38.63
C GLY E 43 -34.19 -4.15 38.24
N PHE E 44 -33.37 -4.48 37.24
CA PHE E 44 -32.49 -3.51 36.62
C PHE E 44 -33.32 -2.54 35.79
N ASN E 45 -33.10 -1.24 36.00
CA ASN E 45 -33.82 -0.20 35.26
C ASN E 45 -33.10 0.15 33.96
N VAL E 46 -33.62 -0.35 32.85
CA VAL E 46 -33.05 -0.11 31.52
C VAL E 46 -33.76 1.02 30.77
N ASP E 47 -34.44 1.91 31.49
CA ASP E 47 -35.13 3.06 30.89
C ASP E 47 -34.20 3.80 29.93
N GLY E 48 -32.97 4.08 30.37
CA GLY E 48 -31.98 4.76 29.55
C GLY E 48 -31.64 3.96 28.31
N PRO E 49 -31.15 2.72 28.49
CA PRO E 49 -30.89 1.80 27.38
C PRO E 49 -32.06 1.58 26.43
N LEU E 50 -33.23 1.24 26.97
CA LEU E 50 -34.40 0.90 26.12
C LEU E 50 -34.94 2.10 25.32
N ALA E 51 -34.89 3.29 25.92
CA ALA E 51 -35.36 4.49 25.25
C ALA E 51 -34.51 4.87 24.03
N GLU E 52 -33.26 4.42 24.03
CA GLU E 52 -32.32 4.65 22.91
C GLU E 52 -32.58 3.69 21.75
N LEU E 53 -32.76 2.41 22.05
CA LEU E 53 -33.03 1.40 21.01
C LEU E 53 -34.28 1.75 20.23
N VAL E 54 -35.31 2.17 20.95
CA VAL E 54 -36.58 2.59 20.35
C VAL E 54 -36.35 3.77 19.40
N ALA E 55 -35.66 4.78 19.87
CA ALA E 55 -35.26 5.91 19.02
C ALA E 55 -34.49 5.43 17.77
N LEU E 56 -33.49 4.59 17.97
CA LEU E 56 -32.69 4.06 16.85
C LEU E 56 -33.56 3.34 15.84
N VAL E 57 -34.45 2.49 16.32
CA VAL E 57 -35.39 1.77 15.46
C VAL E 57 -36.40 2.73 14.81
N ASN E 58 -36.86 3.72 15.57
CA ASN E 58 -37.80 4.72 15.04
C ASN E 58 -37.16 5.61 13.97
N TYR E 59 -35.85 5.84 14.09
CA TYR E 59 -35.14 6.59 13.06
C TYR E 59 -35.02 5.76 11.78
N VAL E 60 -34.91 4.44 11.94
CA VAL E 60 -34.82 3.52 10.81
C VAL E 60 -36.14 3.50 10.06
N THR E 61 -37.25 3.40 10.79
CA THR E 61 -38.58 3.47 10.18
C THR E 61 -38.78 4.81 9.50
N SER E 62 -38.47 5.88 10.21
CA SER E 62 -38.70 7.24 9.76
C SER E 62 -37.88 7.64 8.54
N SER E 63 -36.57 7.39 8.59
CA SER E 63 -35.67 7.78 7.49
C SER E 63 -35.86 6.93 6.24
N GLN E 64 -36.16 5.65 6.41
CA GLN E 64 -36.53 4.79 5.28
C GLN E 64 -37.78 5.30 4.54
N MET E 65 -38.75 5.81 5.31
CA MET E 65 -40.01 6.33 4.75
C MET E 65 -39.76 7.63 3.98
N THR E 66 -39.04 8.56 4.59
CA THR E 66 -38.56 9.78 3.93
C THR E 66 -37.79 9.51 2.65
N MET E 67 -36.87 8.56 2.69
CA MET E 67 -36.08 8.20 1.51
C MET E 67 -37.00 7.69 0.40
N GLN E 68 -37.93 6.83 0.77
CA GLN E 68 -38.96 6.34 -0.16
C GLN E 68 -39.83 7.48 -0.66
N ASP E 69 -40.09 8.44 0.21
CA ASP E 69 -40.83 9.63 -0.13
C ASP E 69 -40.04 10.53 -1.10
N LEU E 70 -38.75 10.74 -0.83
CA LEU E 70 -37.91 11.48 -1.74
C LEU E 70 -37.76 10.73 -3.06
N GLN E 71 -37.72 9.40 -2.97
CA GLN E 71 -37.66 8.54 -4.14
C GLN E 71 -38.86 8.82 -5.08
N THR E 72 -40.03 9.00 -4.51
CA THR E 72 -41.23 9.29 -5.28
C THR E 72 -41.14 10.67 -5.96
N HIS E 73 -40.65 11.67 -5.24
CA HIS E 73 -40.54 13.02 -5.80
C HIS E 73 -39.47 13.18 -6.87
N LEU E 74 -38.34 12.48 -6.71
CA LEU E 74 -37.27 12.58 -7.70
C LEU E 74 -37.66 11.96 -9.04
N ASP E 75 -38.36 10.84 -9.00
CA ASP E 75 -38.86 10.21 -10.22
C ASP E 75 -39.97 11.04 -10.86
N TYR E 76 -40.72 11.80 -10.05
CA TYR E 76 -41.67 12.78 -10.58
C TYR E 76 -40.91 13.90 -11.30
N CYS E 77 -39.94 14.50 -10.60
CA CYS E 77 -39.07 15.50 -11.21
C CYS E 77 -38.38 14.98 -12.50
N ALA E 78 -37.94 13.73 -12.49
CA ALA E 78 -37.29 13.13 -13.68
C ALA E 78 -38.29 12.87 -14.81
N GLU E 79 -39.50 12.47 -14.43
CA GLU E 79 -40.59 12.27 -15.37
C GLU E 79 -40.86 13.54 -16.18
N GLN E 80 -40.95 14.68 -15.50
CA GLN E 80 -41.27 15.95 -16.17
C GLN E 80 -40.12 16.41 -17.06
N LEU E 81 -38.90 16.37 -16.53
CA LEU E 81 -37.71 16.77 -17.29
C LEU E 81 -37.52 15.97 -18.59
N ARG E 82 -37.91 14.69 -18.58
CA ARG E 82 -37.90 13.90 -19.80
C ARG E 82 -38.75 14.58 -20.87
N LYS E 83 -40.00 14.86 -20.53
CA LYS E 83 -40.97 15.41 -21.48
C LYS E 83 -40.49 16.72 -22.10
N GLN E 84 -39.87 17.57 -21.29
CA GLN E 84 -39.22 18.80 -21.79
C GLN E 84 -38.03 18.52 -22.71
N THR E 85 -37.29 17.46 -22.41
CA THR E 85 -36.15 17.03 -23.23
C THR E 85 -36.61 16.13 -24.40
N THR E 86 -37.03 14.92 -24.06
CA THR E 86 -37.38 13.86 -25.03
C THR E 86 -37.61 14.37 -26.46
N GLU F 10 -36.44 19.78 37.36
CA GLU F 10 -35.76 18.83 36.42
C GLU F 10 -36.45 18.79 35.05
N GLU F 11 -35.75 18.27 34.06
CA GLU F 11 -36.31 18.07 32.71
C GLU F 11 -35.96 16.66 32.19
N GLY F 12 -36.81 16.15 31.31
CA GLY F 12 -36.79 14.73 30.92
C GLY F 12 -35.58 14.24 30.16
N PHE F 13 -35.54 12.92 29.95
CA PHE F 13 -34.42 12.25 29.26
C PHE F 13 -34.69 12.12 27.77
N GLU F 14 -35.89 11.61 27.44
CA GLU F 14 -36.21 11.19 26.08
C GLU F 14 -36.57 12.34 25.13
N GLU F 15 -36.76 13.55 25.67
CA GLU F 15 -37.16 14.69 24.85
C GLU F 15 -36.00 15.15 23.96
N ARG F 16 -34.77 15.01 24.47
CA ARG F 16 -33.56 15.26 23.69
C ARG F 16 -33.34 14.15 22.67
N ILE F 17 -33.67 12.93 23.03
CA ILE F 17 -33.43 11.77 22.17
C ILE F 17 -34.45 11.66 21.03
N HIS F 18 -35.52 12.45 21.09
CA HIS F 18 -36.45 12.58 19.96
C HIS F 18 -35.79 13.33 18.82
N THR F 19 -35.04 14.37 19.15
CA THR F 19 -34.34 15.18 18.14
C THR F 19 -33.26 14.37 17.44
N PRO F 20 -32.94 14.72 16.17
CA PRO F 20 -31.80 14.10 15.49
C PRO F 20 -30.45 14.37 16.16
N VAL F 21 -30.37 15.45 16.95
CA VAL F 21 -29.16 15.75 17.72
C VAL F 21 -28.94 14.65 18.76
N GLY F 22 -30.03 14.11 19.28
CA GLY F 22 -29.98 12.98 20.21
C GLY F 22 -29.68 11.64 19.55
N VAL F 23 -30.25 11.39 18.39
CA VAL F 23 -30.00 10.13 17.67
C VAL F 23 -28.55 10.06 17.18
N ARG F 24 -28.05 11.16 16.64
CA ARG F 24 -26.66 11.22 16.23
C ARG F 24 -25.71 11.02 17.42
N SER F 25 -26.10 11.54 18.59
CA SER F 25 -25.28 11.39 19.80
C SER F 25 -25.20 9.93 20.26
N LEU F 26 -26.19 9.13 19.87
CA LEU F 26 -26.18 7.69 20.19
C LEU F 26 -25.16 6.88 19.41
N VAL F 27 -24.63 7.47 18.33
CA VAL F 27 -23.66 6.79 17.45
C VAL F 27 -22.52 6.15 18.25
N GLU F 28 -21.79 6.96 19.03
CA GLU F 28 -20.71 6.42 19.86
C GLU F 28 -20.93 6.61 21.36
N ASP F 29 -21.08 5.47 22.05
CA ASP F 29 -21.23 5.39 23.50
C ASP F 29 -22.60 5.83 23.99
N SER F 30 -23.60 5.05 23.62
CA SER F 30 -24.91 5.08 24.25
C SER F 30 -24.83 4.29 25.56
N HIS F 31 -25.82 4.47 26.42
CA HIS F 31 -25.94 3.66 27.64
C HIS F 31 -26.13 2.20 27.26
N LEU F 32 -26.70 1.97 26.07
CA LEU F 32 -26.83 0.64 25.51
C LEU F 32 -25.47 0.06 25.12
N MET F 33 -24.59 0.90 24.57
CA MET F 33 -23.20 0.54 24.33
C MET F 33 -22.49 0.23 25.65
N LYS F 34 -22.67 1.12 26.62
CA LYS F 34 -22.16 0.89 27.98
C LYS F 34 -22.61 -0.47 28.53
N LEU F 35 -23.89 -0.77 28.32
CA LEU F 35 -24.52 -1.94 28.92
C LEU F 35 -23.97 -3.24 28.35
N LEU F 36 -23.94 -3.37 27.04
CA LEU F 36 -23.51 -4.63 26.40
C LEU F 36 -22.02 -4.99 26.59
N ARG F 37 -21.17 -4.00 26.80
CA ARG F 37 -19.72 -4.24 26.88
C ARG F 37 -19.28 -4.89 28.18
N GLU F 38 -19.68 -4.33 29.32
CA GLU F 38 -19.40 -4.95 30.61
C GLU F 38 -20.09 -6.31 30.76
N LEU F 39 -21.25 -6.46 30.10
CA LEU F 39 -21.93 -7.75 30.04
C LEU F 39 -21.10 -8.78 29.30
N ASP F 40 -20.40 -8.34 28.26
CA ASP F 40 -19.45 -9.19 27.55
C ASP F 40 -18.27 -9.60 28.44
N LYS F 41 -17.79 -8.66 29.24
CA LYS F 41 -16.67 -8.88 30.17
C LYS F 41 -16.98 -9.89 31.28
N ASP F 42 -18.26 -10.22 31.47
CA ASP F 42 -18.68 -11.24 32.45
C ASP F 42 -19.00 -12.60 31.83
N GLY F 43 -18.49 -12.86 30.62
CA GLY F 43 -18.44 -14.23 30.07
C GLY F 43 -19.54 -14.69 29.14
N PHE F 44 -20.66 -13.98 29.08
CA PHE F 44 -21.73 -14.33 28.13
C PHE F 44 -21.43 -13.66 26.80
N ASN F 45 -21.66 -14.40 25.71
CA ASN F 45 -21.38 -13.91 24.37
C ASN F 45 -22.49 -12.96 23.90
N VAL F 46 -22.17 -11.67 23.85
CA VAL F 46 -23.11 -10.65 23.36
C VAL F 46 -22.66 -10.08 22.01
N ASP F 47 -21.83 -10.81 21.28
CA ASP F 47 -21.35 -10.37 19.97
C ASP F 47 -22.52 -10.14 19.00
N GLY F 48 -23.50 -11.05 19.04
CA GLY F 48 -24.71 -10.92 18.23
C GLY F 48 -25.37 -9.58 18.46
N PRO F 49 -25.84 -9.33 19.69
CA PRO F 49 -26.37 -8.03 20.07
C PRO F 49 -25.43 -6.86 19.78
N LEU F 50 -24.17 -7.00 20.14
CA LEU F 50 -23.17 -5.96 19.86
C LEU F 50 -23.10 -5.63 18.37
N ALA F 51 -23.24 -6.64 17.52
CA ALA F 51 -23.21 -6.46 16.06
C ALA F 51 -24.43 -5.71 15.55
N GLU F 52 -25.59 -5.97 16.16
CA GLU F 52 -26.86 -5.33 15.77
C GLU F 52 -26.80 -3.83 16.01
N LEU F 53 -26.29 -3.44 17.16
CA LEU F 53 -26.09 -2.04 17.49
C LEU F 53 -25.06 -1.38 16.54
N VAL F 54 -24.09 -2.17 16.08
CA VAL F 54 -23.10 -1.70 15.10
C VAL F 54 -23.78 -1.34 13.77
N ALA F 55 -24.67 -2.21 13.29
CA ALA F 55 -25.40 -1.92 12.06
C ALA F 55 -26.27 -0.64 12.14
N LEU F 56 -26.97 -0.47 13.27
CA LEU F 56 -27.89 0.67 13.43
C LEU F 56 -27.13 1.99 13.54
N VAL F 57 -26.14 2.01 14.42
CA VAL F 57 -25.30 3.18 14.63
C VAL F 57 -24.58 3.60 13.34
N ASN F 58 -24.06 2.62 12.59
CA ASN F 58 -23.48 2.89 11.28
C ASN F 58 -24.51 3.44 10.29
N TYR F 59 -25.71 2.84 10.30
CA TYR F 59 -26.80 3.35 9.49
C TYR F 59 -27.10 4.83 9.82
N VAL F 60 -27.11 5.17 11.10
CA VAL F 60 -27.32 6.57 11.49
C VAL F 60 -26.27 7.44 10.82
N THR F 61 -25.01 7.09 11.03
CA THR F 61 -23.91 7.79 10.38
C THR F 61 -24.12 7.89 8.86
N SER F 62 -24.34 6.73 8.24
CA SER F 62 -24.41 6.62 6.80
C SER F 62 -25.61 7.37 6.21
N SER F 63 -26.79 7.12 6.76
CA SER F 63 -28.01 7.76 6.28
C SER F 63 -27.96 9.27 6.46
N GLN F 64 -27.42 9.72 7.59
CA GLN F 64 -27.18 11.16 7.81
C GLN F 64 -26.21 11.74 6.79
N MET F 65 -25.26 10.93 6.31
CA MET F 65 -24.27 11.37 5.33
C MET F 65 -24.86 11.54 3.92
N THR F 66 -25.65 10.54 3.52
CA THR F 66 -26.40 10.61 2.27
C THR F 66 -27.34 11.82 2.21
N MET F 67 -28.06 12.07 3.31
CA MET F 67 -29.03 13.18 3.37
C MET F 67 -28.39 14.56 3.19
N GLN F 68 -27.22 14.75 3.78
CA GLN F 68 -26.46 15.98 3.59
C GLN F 68 -25.93 16.09 2.16
N ASP F 69 -25.53 14.95 1.61
CA ASP F 69 -25.09 14.88 0.24
C ASP F 69 -26.22 15.34 -0.68
N LEU F 70 -27.41 14.77 -0.49
CA LEU F 70 -28.58 15.19 -1.24
C LEU F 70 -28.92 16.64 -0.95
N GLN F 71 -28.76 17.08 0.30
CA GLN F 71 -28.96 18.50 0.63
C GLN F 71 -28.12 19.38 -0.29
N THR F 72 -26.86 19.02 -0.49
CA THR F 72 -25.96 19.78 -1.35
C THR F 72 -26.43 19.76 -2.81
N HIS F 73 -26.82 18.57 -3.29
CA HIS F 73 -27.24 18.42 -4.67
C HIS F 73 -28.59 19.08 -4.97
N LEU F 74 -29.48 19.12 -3.98
CA LEU F 74 -30.75 19.83 -4.15
C LEU F 74 -30.56 21.34 -4.12
N ASP F 75 -29.64 21.81 -3.30
CA ASP F 75 -29.23 23.20 -3.32
C ASP F 75 -28.65 23.58 -4.68
N TYR F 76 -27.84 22.69 -5.25
CA TYR F 76 -27.28 22.92 -6.57
C TYR F 76 -28.38 23.05 -7.61
N CYS F 77 -29.22 22.02 -7.69
CA CYS F 77 -30.34 21.98 -8.64
C CYS F 77 -31.21 23.24 -8.57
N ALA F 78 -31.52 23.71 -7.36
CA ALA F 78 -32.39 24.89 -7.19
C ALA F 78 -31.66 26.20 -7.45
N GLU F 79 -30.34 26.22 -7.29
CA GLU F 79 -29.52 27.35 -7.67
C GLU F 79 -29.53 27.53 -9.19
N GLN F 80 -29.49 26.43 -9.93
CA GLN F 80 -29.54 26.47 -11.39
C GLN F 80 -30.95 26.83 -11.89
N LEU F 81 -31.97 26.34 -11.18
CA LEU F 81 -33.38 26.64 -11.49
C LEU F 81 -33.72 28.11 -11.28
N ARG F 82 -33.20 28.67 -10.19
CA ARG F 82 -33.35 30.09 -9.87
C ARG F 82 -32.94 30.96 -11.05
N LYS F 83 -31.73 30.73 -11.55
CA LYS F 83 -31.16 31.52 -12.64
C LYS F 83 -32.08 31.57 -13.85
N GLN F 84 -32.57 30.40 -14.25
CA GLN F 84 -33.39 30.28 -15.46
C GLN F 84 -34.79 30.88 -15.31
N THR F 85 -35.32 30.92 -14.09
CA THR F 85 -36.66 31.49 -13.84
C THR F 85 -36.62 32.82 -13.08
N THR F 86 -35.41 33.30 -12.76
CA THR F 86 -35.25 34.55 -12.00
C THR F 86 -33.99 35.30 -12.43
N MET G 2 30.08 -3.41 16.31
CA MET G 2 29.53 -2.83 17.57
C MET G 2 30.30 -3.41 18.76
N LYS G 3 31.57 -3.09 18.86
CA LYS G 3 32.49 -3.75 19.79
C LYS G 3 33.07 -2.78 20.84
N SER G 4 33.42 -3.34 22.00
CA SER G 4 34.05 -2.58 23.08
C SER G 4 35.12 -3.40 23.79
N ILE G 5 36.15 -2.71 24.27
CA ILE G 5 37.08 -3.29 25.24
C ILE G 5 36.34 -3.58 26.56
N TYR G 6 35.34 -2.75 26.86
CA TYR G 6 34.52 -2.90 28.05
C TYR G 6 33.88 -4.28 28.10
N ASP G 7 33.25 -4.67 26.99
CA ASP G 7 32.61 -5.97 26.84
C ASP G 7 33.59 -7.14 27.13
N ILE G 8 34.86 -6.95 26.81
CA ILE G 8 35.88 -7.97 27.09
C ILE G 8 36.21 -8.00 28.59
N ARG G 9 36.51 -6.84 29.15
CA ARG G 9 36.76 -6.71 30.59
C ARG G 9 35.59 -7.21 31.42
N ARG G 10 34.39 -6.83 30.98
CA ARG G 10 33.13 -7.27 31.59
C ARG G 10 33.01 -8.78 31.59
N LYS G 11 33.31 -9.38 30.44
CA LYS G 11 33.29 -10.84 30.29
C LYS G 11 34.30 -11.48 31.25
N ASN G 12 35.54 -10.99 31.20
CA ASN G 12 36.62 -11.52 32.03
C ASN G 12 36.34 -11.42 33.52
N LEU G 13 35.85 -10.27 33.97
CA LEU G 13 35.44 -10.12 35.37
C LEU G 13 34.40 -11.17 35.76
N ASN G 14 33.38 -11.34 34.93
CA ASN G 14 32.39 -12.40 35.13
C ASN G 14 33.02 -13.78 35.31
N GLU G 15 34.02 -14.11 34.50
CA GLU G 15 34.67 -15.41 34.58
C GLU G 15 35.55 -15.57 35.83
N ILE G 16 36.17 -14.48 36.27
CA ILE G 16 36.81 -14.42 37.58
C ILE G 16 35.80 -14.79 38.67
N ILE G 17 34.63 -14.15 38.60
CA ILE G 17 33.56 -14.38 39.56
C ILE G 17 32.91 -15.75 39.40
N LEU G 18 32.43 -16.03 38.19
CA LEU G 18 31.67 -17.25 37.90
C LEU G 18 32.33 -18.52 38.41
N ARG G 19 33.60 -18.72 38.07
CA ARG G 19 34.30 -19.96 38.39
C ARG G 19 35.04 -19.91 39.72
N ASP G 20 35.91 -18.92 39.89
CA ASP G 20 36.84 -18.88 41.03
C ASP G 20 36.36 -18.13 42.29
N PHE G 21 35.12 -17.62 42.28
CA PHE G 21 34.52 -17.00 43.48
C PHE G 21 33.17 -17.61 43.81
N ASP G 22 33.00 -18.90 43.51
CA ASP G 22 31.75 -19.62 43.75
C ASP G 22 30.53 -18.86 43.21
N ASP G 23 30.69 -18.26 42.03
CA ASP G 23 29.63 -17.46 41.42
C ASP G 23 29.00 -16.48 42.41
N THR G 24 29.82 -15.96 43.33
CA THR G 24 29.35 -15.14 44.44
C THR G 24 30.05 -13.79 44.44
N GLN G 25 29.29 -12.76 44.10
CA GLN G 25 29.81 -11.42 43.87
C GLN G 25 30.35 -10.79 45.15
N LEU G 26 29.63 -11.01 46.25
CA LEU G 26 30.02 -10.45 47.55
C LEU G 26 31.42 -10.89 47.96
N ARG G 27 31.75 -12.16 47.68
CA ARG G 27 33.08 -12.68 47.98
C ARG G 27 34.15 -11.88 47.22
N PHE G 28 33.89 -11.60 45.94
CA PHE G 28 34.78 -10.75 45.15
C PHE G 28 34.71 -9.29 45.61
N ALA G 29 33.52 -8.81 45.94
CA ALA G 29 33.35 -7.44 46.42
C ALA G 29 34.16 -7.18 47.69
N GLU G 30 34.18 -8.16 48.58
CA GLU G 30 35.01 -8.11 49.77
C GLU G 30 36.49 -8.33 49.40
N ARG G 31 36.73 -9.20 48.43
CA ARG G 31 38.08 -9.42 47.89
C ARG G 31 38.67 -8.16 47.27
N VAL G 32 37.90 -7.49 46.42
CA VAL G 32 38.34 -6.25 45.78
C VAL G 32 38.20 -5.03 46.70
N LYS G 33 37.44 -5.18 47.79
CA LYS G 33 37.15 -4.10 48.74
C LYS G 33 36.42 -2.94 48.06
N ARG G 34 35.34 -3.26 47.38
CA ARG G 34 34.44 -2.26 46.80
C ARG G 34 32.99 -2.66 47.07
N SER G 35 32.08 -1.71 46.93
CA SER G 35 30.66 -1.94 47.21
C SER G 35 30.11 -3.16 46.47
N GLN G 36 29.28 -3.93 47.17
CA GLN G 36 28.59 -5.07 46.56
C GLN G 36 27.72 -4.62 45.39
N ASN G 37 27.27 -3.37 45.41
CA ASN G 37 26.51 -2.78 44.31
C ASN G 37 27.40 -2.28 43.16
N LEU G 38 28.65 -1.93 43.45
CA LEU G 38 29.57 -1.51 42.40
C LEU G 38 29.97 -2.71 41.55
N VAL G 39 30.33 -3.79 42.21
CA VAL G 39 30.78 -5.00 41.53
C VAL G 39 29.67 -5.61 40.67
N ASN G 40 28.41 -5.52 41.12
CA ASN G 40 27.27 -5.95 40.30
C ASN G 40 27.04 -5.00 39.12
N ARG G 41 27.26 -3.72 39.30
CA ARG G 41 27.20 -2.77 38.18
C ARG G 41 28.34 -3.06 37.19
N TRP G 42 29.45 -3.59 37.69
CA TRP G 42 30.50 -4.15 36.84
C TRP G 42 30.06 -5.46 36.20
N CYS G 43 29.46 -6.34 37.01
CA CYS G 43 29.04 -7.68 36.56
C CYS G 43 27.99 -7.58 35.47
N THR G 44 27.03 -6.68 35.62
CA THR G 44 26.12 -6.29 34.55
C THR G 44 26.79 -5.12 33.81
N GLY G 45 26.12 -4.53 32.84
CA GLY G 45 26.74 -3.51 31.99
C GLY G 45 26.47 -2.06 32.33
N ILE G 46 26.02 -1.79 33.57
CA ILE G 46 25.57 -0.44 33.95
C ILE G 46 26.74 0.54 33.96
N LYS G 47 27.78 0.24 34.74
CA LYS G 47 29.00 1.05 34.72
C LYS G 47 30.12 0.32 33.99
N ASN G 48 30.66 0.97 32.96
CA ASN G 48 31.76 0.41 32.19
C ASN G 48 33.05 0.41 33.00
N ILE G 49 33.83 -0.66 32.86
CA ILE G 49 35.09 -0.80 33.58
C ILE G 49 36.18 -0.03 32.82
N GLY G 50 36.64 1.07 33.42
CA GLY G 50 37.70 1.86 32.82
C GLY G 50 39.05 1.21 33.00
N PRO G 51 40.09 1.73 32.31
CA PRO G 51 41.45 1.21 32.46
C PRO G 51 41.93 1.26 33.91
N ASN G 52 41.35 2.17 34.67
CA ASN G 52 41.67 2.36 36.08
C ASN G 52 41.29 1.13 36.90
N ALA G 53 40.03 0.75 36.78
CA ALA G 53 39.45 -0.32 37.59
C ALA G 53 39.90 -1.73 37.18
N ALA G 54 40.40 -1.87 35.95
CA ALA G 54 40.77 -3.18 35.44
C ALA G 54 41.96 -3.80 36.16
N ARG G 55 42.91 -2.97 36.56
CA ARG G 55 44.10 -3.42 37.30
C ARG G 55 43.73 -3.81 38.71
N ILE G 56 42.89 -2.98 39.33
CA ILE G 56 42.35 -3.25 40.65
C ILE G 56 41.68 -4.61 40.62
N ILE G 57 40.80 -4.79 39.62
CA ILE G 57 40.08 -6.05 39.41
C ILE G 57 41.05 -7.22 39.24
N GLU G 58 42.15 -7.00 38.53
CA GLU G 58 43.14 -8.04 38.23
C GLU G 58 43.85 -8.66 39.45
N GLU G 59 44.57 -7.85 40.21
CA GLU G 59 45.32 -8.40 41.35
C GLU G 59 44.45 -8.76 42.56
N ALA G 60 43.21 -8.30 42.57
CA ALA G 60 42.21 -8.89 43.46
C ALA G 60 42.06 -10.38 43.13
N ALA G 61 42.05 -10.69 41.82
CA ALA G 61 41.94 -12.05 41.33
C ALA G 61 43.28 -12.74 41.06
N ARG G 62 44.39 -12.11 41.48
CA ARG G 62 45.74 -12.64 41.31
C ARG G 62 46.08 -12.97 39.84
N LYS G 63 45.65 -12.11 38.93
CA LYS G 63 45.88 -12.32 37.49
C LYS G 63 47.06 -11.48 37.01
N GLU G 64 47.54 -11.80 35.82
CA GLU G 64 48.69 -11.10 35.23
C GLU G 64 48.26 -9.75 34.69
N LYS G 65 49.22 -8.83 34.55
CA LYS G 65 48.92 -7.47 34.09
C LYS G 65 48.36 -7.45 32.67
N PHE G 66 47.26 -6.72 32.49
CA PHE G 66 46.48 -6.67 31.23
C PHE G 66 45.80 -7.99 30.84
N TRP G 67 45.61 -8.91 31.79
CA TRP G 67 44.88 -10.15 31.49
C TRP G 67 43.40 -9.86 31.25
N LEU G 68 42.87 -8.89 32.00
CA LEU G 68 41.45 -8.52 31.93
C LEU G 68 41.06 -7.86 30.61
N ASP G 69 42.03 -7.30 29.89
CA ASP G 69 41.77 -6.61 28.62
C ASP G 69 42.02 -7.51 27.40
N VAL G 70 42.41 -8.75 27.63
CA VAL G 70 42.67 -9.70 26.57
C VAL G 70 41.44 -10.55 26.35
N ASP G 71 41.05 -10.66 25.09
CA ASP G 71 39.94 -11.51 24.67
C ASP G 71 40.44 -12.95 24.68
N HIS G 72 39.87 -13.76 25.56
CA HIS G 72 40.27 -15.15 25.71
C HIS G 72 39.31 -16.14 25.03
N GLU G 73 38.51 -15.64 24.09
CA GLU G 73 37.58 -16.48 23.32
C GLU G 73 38.23 -17.69 22.63
N LEU G 74 39.47 -17.54 22.18
CA LEU G 74 40.18 -18.64 21.53
C LEU G 74 40.50 -19.80 22.48
N ASP G 75 40.88 -19.48 23.71
CA ASP G 75 41.20 -20.49 24.72
C ASP G 75 39.96 -21.18 25.31
N ALA G 76 38.80 -20.52 25.25
CA ALA G 76 37.56 -20.99 25.90
C ALA G 76 37.13 -22.42 25.57
N VAL G 77 37.72 -23.02 24.55
CA VAL G 77 37.50 -24.43 24.21
C VAL G 77 38.32 -25.33 25.15
N TRP G 91 18.18 -34.39 37.25
CA TRP G 91 17.24 -33.29 37.10
C TRP G 91 15.80 -33.81 36.95
N THR G 92 14.87 -33.16 37.64
CA THR G 92 13.44 -33.40 37.46
C THR G 92 12.74 -32.06 37.22
N VAL G 93 11.73 -32.08 36.36
CA VAL G 93 11.04 -30.85 35.94
C VAL G 93 10.27 -30.15 37.06
N GLU G 94 10.14 -30.82 38.20
CA GLU G 94 9.17 -30.45 39.21
C GLU G 94 9.54 -29.17 39.95
N LYS G 95 10.69 -29.17 40.60
CA LYS G 95 11.01 -28.15 41.61
C LYS G 95 11.13 -26.72 41.09
N GLN G 96 11.51 -26.51 39.83
CA GLN G 96 11.65 -25.13 39.32
C GLN G 96 10.31 -24.52 38.94
N ALA G 97 9.29 -25.35 38.73
CA ALA G 97 7.92 -24.86 38.59
C ALA G 97 7.55 -24.00 39.79
N ALA G 98 7.97 -24.43 40.98
CA ALA G 98 7.78 -23.67 42.20
C ALA G 98 8.67 -22.43 42.25
N ALA G 99 9.95 -22.62 41.94
CA ALA G 99 10.95 -21.55 41.97
C ALA G 99 10.63 -20.40 41.02
N THR G 100 10.22 -20.74 39.80
CA THR G 100 9.88 -19.73 38.80
C THR G 100 8.61 -18.96 39.19
N LEU G 101 7.61 -19.69 39.67
CA LEU G 101 6.34 -19.09 40.10
C LEU G 101 6.56 -17.98 41.12
N ASN G 102 7.27 -18.33 42.18
CA ASN G 102 7.59 -17.40 43.28
C ASN G 102 8.38 -16.18 42.81
N ALA G 103 9.30 -16.41 41.88
CA ALA G 103 10.31 -15.44 41.51
C ALA G 103 9.79 -14.14 40.88
N TRP G 104 9.32 -14.21 39.64
CA TRP G 104 9.24 -13.02 38.80
C TRP G 104 8.14 -12.04 39.19
N MET G 105 6.87 -12.43 39.01
CA MET G 105 5.76 -11.49 39.12
C MET G 105 5.67 -10.83 40.50
N ARG G 106 5.15 -9.61 40.50
CA ARG G 106 5.39 -8.65 41.57
C ARG G 106 4.21 -7.69 41.71
N LYS G 107 3.77 -7.51 42.95
CA LYS G 107 2.57 -6.72 43.27
C LYS G 107 1.30 -7.35 42.71
N ALA G 121 3.56 -9.85 46.14
CA ALA G 121 2.49 -9.87 47.14
C ALA G 121 2.03 -11.30 47.40
N GLY G 122 1.97 -11.67 48.67
CA GLY G 122 1.47 -12.98 49.08
C GLY G 122 -0.02 -13.11 48.82
N ILE G 123 -0.45 -14.32 48.46
CA ILE G 123 -1.79 -14.55 47.95
C ILE G 123 -2.22 -15.99 48.30
N GLY G 124 -3.50 -16.34 48.20
CA GLY G 124 -4.55 -15.49 47.64
C GLY G 124 -4.87 -15.64 46.15
N PRO G 125 -4.25 -16.61 45.44
CA PRO G 125 -4.54 -16.67 44.00
C PRO G 125 -5.96 -17.15 43.73
N ALA G 126 -6.71 -16.38 42.95
CA ALA G 126 -8.14 -16.61 42.76
C ALA G 126 -8.45 -17.88 41.98
N THR G 127 -7.81 -18.04 40.83
CA THR G 127 -8.16 -19.10 39.86
C THR G 127 -8.02 -20.54 40.41
N VAL G 128 -7.11 -20.74 41.35
CA VAL G 128 -6.88 -22.06 41.95
C VAL G 128 -6.94 -21.95 43.48
N ASN G 129 -6.47 -22.98 44.19
CA ASN G 129 -6.44 -22.96 45.65
C ASN G 129 -5.18 -23.57 46.26
N ARG G 130 -4.97 -24.87 46.03
CA ARG G 130 -3.93 -25.60 46.74
C ARG G 130 -2.52 -25.29 46.22
N ILE G 131 -1.59 -25.13 47.15
CA ILE G 131 -0.23 -24.66 46.85
C ILE G 131 0.63 -25.69 46.12
N MET G 132 1.33 -25.21 45.09
CA MET G 132 2.22 -26.03 44.26
C MET G 132 3.65 -25.97 44.78
N LYS G 133 3.95 -24.95 45.57
CA LYS G 133 5.33 -24.57 45.90
C LYS G 133 6.03 -25.65 46.74
N ALA G 134 5.27 -26.30 47.63
CA ALA G 134 5.78 -27.43 48.39
C ALA G 134 5.71 -28.73 47.58
N GLU G 135 4.51 -29.30 47.42
CA GLU G 135 4.36 -30.60 46.76
C GLU G 135 2.96 -30.84 46.18
N VAL G 136 2.94 -31.39 44.96
CA VAL G 136 1.74 -31.90 44.31
C VAL G 136 2.15 -32.50 42.96
N SER G 137 1.53 -33.62 42.58
CA SER G 137 1.72 -34.18 41.24
C SER G 137 0.91 -33.32 40.27
N THR G 138 1.61 -32.43 39.56
CA THR G 138 0.99 -31.25 38.94
C THR G 138 0.74 -31.39 37.43
N THR G 139 -0.20 -30.60 36.94
CA THR G 139 -0.70 -30.69 35.56
C THR G 139 -0.37 -29.42 34.74
N ILE G 140 -0.20 -29.62 33.42
CA ILE G 140 0.18 -28.53 32.50
C ILE G 140 -0.92 -27.47 32.33
N GLY G 141 -2.16 -27.92 32.25
CA GLY G 141 -3.32 -27.03 32.13
C GLY G 141 -3.50 -26.07 33.29
N VAL G 142 -2.94 -26.43 34.44
CA VAL G 142 -2.97 -25.56 35.62
C VAL G 142 -1.91 -24.46 35.50
N LEU G 143 -0.72 -24.82 35.06
CA LEU G 143 0.38 -23.86 34.86
C LEU G 143 -0.03 -22.73 33.92
N SER G 144 -0.72 -23.09 32.83
CA SER G 144 -1.11 -22.10 31.82
C SER G 144 -2.02 -21.02 32.39
N SER G 145 -3.18 -21.42 32.92
CA SER G 145 -4.15 -20.47 33.49
C SER G 145 -3.47 -19.55 34.51
N LEU G 146 -2.62 -20.13 35.35
CA LEU G 146 -1.84 -19.38 36.33
C LEU G 146 -0.87 -18.42 35.63
N ALA G 147 -0.18 -18.91 34.61
CA ALA G 147 0.76 -18.11 33.82
C ALA G 147 0.05 -17.02 33.01
N ARG G 148 -1.13 -17.33 32.48
CA ARG G 148 -1.86 -16.40 31.63
C ARG G 148 -2.63 -15.36 32.46
N ALA G 149 -2.72 -15.58 33.77
CA ALA G 149 -3.20 -14.54 34.68
C ALA G 149 -2.14 -13.46 34.81
N PHE G 150 -0.89 -13.84 34.53
CA PHE G 150 0.19 -12.89 34.28
C PHE G 150 0.34 -12.71 32.76
N GLY G 151 1.48 -12.18 32.31
CA GLY G 151 1.75 -12.02 30.88
C GLY G 151 2.74 -13.05 30.32
N HIS G 152 2.81 -14.21 30.95
CA HIS G 152 3.76 -15.27 30.58
C HIS G 152 3.03 -16.59 30.26
N GLU G 153 3.80 -17.59 29.84
CA GLU G 153 3.26 -18.89 29.45
C GLU G 153 3.74 -20.04 30.35
N ALA G 154 3.09 -21.18 30.21
CA ALA G 154 3.32 -22.35 31.07
C ALA G 154 4.72 -22.96 30.91
N TYR G 155 5.25 -22.95 29.69
CA TYR G 155 6.58 -23.54 29.44
C TYR G 155 7.68 -22.87 30.26
N GLU G 156 7.52 -21.58 30.53
CA GLU G 156 8.52 -20.77 31.20
C GLU G 156 8.81 -21.25 32.63
N MET G 157 7.78 -21.77 33.30
CA MET G 157 7.88 -22.18 34.70
C MET G 157 8.75 -23.42 34.89
N ILE G 158 8.80 -24.27 33.88
CA ILE G 158 9.52 -25.54 33.97
C ILE G 158 10.84 -25.53 33.17
N ILE G 159 11.24 -24.34 32.74
CA ILE G 159 12.52 -24.08 32.03
C ILE G 159 13.72 -24.47 32.90
N PRO G 160 14.68 -25.24 32.36
CA PRO G 160 15.93 -25.51 33.08
C PRO G 160 16.81 -24.29 33.28
N VAL G 161 18.04 -24.50 33.75
CA VAL G 161 19.02 -23.42 33.98
C VAL G 161 19.21 -22.42 32.81
N GLY G 162 18.77 -22.79 31.61
CA GLY G 162 18.69 -21.86 30.47
C GLY G 162 19.48 -22.21 29.22
N ALA G 163 20.12 -23.38 29.20
CA ALA G 163 20.98 -23.78 28.08
C ALA G 163 20.31 -23.68 26.70
N PRO G 164 19.02 -24.05 26.60
CA PRO G 164 18.37 -24.05 25.30
C PRO G 164 17.82 -22.70 24.84
N GLY G 165 17.67 -21.74 25.75
CA GLY G 165 17.03 -20.46 25.46
C GLY G 165 17.92 -19.41 24.78
N ILE G 166 17.46 -18.93 23.63
CA ILE G 166 18.10 -17.82 22.92
C ILE G 166 17.62 -16.51 23.56
N ILE G 167 18.45 -15.92 24.42
CA ILE G 167 18.05 -14.74 25.22
C ILE G 167 18.21 -13.42 24.46
N ASP G 168 19.18 -13.36 23.54
CA ASP G 168 19.37 -12.19 22.67
C ASP G 168 18.13 -11.96 21.79
N TYR G 169 17.41 -13.04 21.55
CA TYR G 169 16.17 -13.05 20.78
C TYR G 169 15.06 -12.16 21.36
N ASP G 170 14.68 -11.13 20.61
CA ASP G 170 13.55 -10.27 20.94
C ASP G 170 12.28 -10.80 20.26
N HIS G 171 11.22 -10.98 21.04
CA HIS G 171 10.03 -11.70 20.56
C HIS G 171 9.10 -10.87 19.67
N ARG G 172 8.99 -9.58 19.95
CA ARG G 172 8.07 -8.71 19.20
C ARG G 172 8.55 -8.38 17.79
N MET G 173 9.84 -8.07 17.63
CA MET G 173 10.39 -7.74 16.32
C MET G 173 10.52 -8.99 15.45
N TYR G 174 10.67 -10.16 16.06
CA TYR G 174 10.64 -11.39 15.27
C TYR G 174 9.27 -11.59 14.65
N ALA G 175 8.24 -11.46 15.48
CA ALA G 175 6.85 -11.51 15.00
C ALA G 175 6.60 -10.53 13.85
N ALA G 176 7.16 -9.34 13.96
CA ALA G 176 7.01 -8.30 12.94
C ALA G 176 7.77 -8.54 11.62
N LEU G 177 8.65 -9.55 11.56
CA LEU G 177 9.34 -9.87 10.32
C LEU G 177 8.39 -10.43 9.25
N PRO G 178 8.70 -10.18 7.97
CA PRO G 178 8.04 -10.97 6.92
C PRO G 178 8.37 -12.44 7.12
N GLN G 179 7.47 -13.32 6.71
CA GLN G 179 7.67 -14.76 6.86
C GLN G 179 8.98 -15.21 6.20
N GLU G 180 9.32 -14.60 5.06
CA GLU G 180 10.56 -14.89 4.34
C GLU G 180 11.77 -14.63 5.24
N GLU G 181 11.79 -13.47 5.89
CA GLU G 181 12.84 -13.13 6.84
C GLU G 181 12.84 -14.10 8.04
N LYS G 182 11.66 -14.58 8.44
CA LYS G 182 11.56 -15.61 9.48
C LYS G 182 12.19 -16.92 9.03
N ASN G 183 11.91 -17.32 7.80
CA ASN G 183 12.38 -18.60 7.26
C ASN G 183 13.90 -18.65 6.96
N LYS G 184 14.45 -17.53 6.49
CA LYS G 184 15.91 -17.41 6.35
C LYS G 184 16.64 -17.63 7.67
N ILE G 185 16.05 -17.16 8.76
CA ILE G 185 16.61 -17.39 10.09
C ILE G 185 16.58 -18.88 10.46
N THR G 186 15.46 -19.55 10.20
CA THR G 186 15.31 -20.95 10.60
C THR G 186 16.09 -21.91 9.70
N SER G 187 16.07 -21.65 8.39
CA SER G 187 16.79 -22.48 7.42
C SER G 187 18.30 -22.46 7.68
N PHE G 188 18.81 -21.32 8.14
CA PHE G 188 20.20 -21.20 8.54
C PHE G 188 20.49 -21.97 9.82
N ILE G 189 19.68 -21.72 10.85
CA ILE G 189 19.74 -22.45 12.11
C ILE G 189 19.81 -23.97 11.89
N ASN G 190 18.92 -24.47 11.04
CA ASN G 190 18.89 -25.90 10.76
C ASN G 190 20.20 -26.34 10.12
N PHE G 191 20.70 -25.54 9.18
CA PHE G 191 21.96 -25.84 8.48
C PHE G 191 23.11 -25.92 9.48
N VAL G 192 23.14 -25.02 10.45
CA VAL G 192 24.18 -25.03 11.49
C VAL G 192 24.09 -26.30 12.32
N PHE G 193 22.87 -26.74 12.65
CA PHE G 193 22.69 -28.03 13.34
C PHE G 193 23.28 -29.18 12.52
N GLU G 194 22.99 -29.20 11.21
CA GLU G 194 23.56 -30.22 10.31
C GLU G 194 25.09 -30.26 10.34
N GLN G 195 25.73 -29.14 10.64
CA GLN G 195 27.20 -29.08 10.76
C GLN G 195 27.74 -29.76 12.02
N ASN G 196 26.86 -30.11 12.95
CA ASN G 196 27.20 -31.00 14.05
C ASN G 196 26.54 -32.37 13.87
N LYS G 197 26.81 -33.27 14.81
CA LYS G 197 26.30 -34.64 14.77
C LYS G 197 24.80 -34.70 15.07
N LEU H 68 -2.28 -29.17 -12.10
CA LEU H 68 -3.32 -28.80 -11.07
C LEU H 68 -2.80 -27.72 -10.10
N ASP H 69 -1.96 -28.11 -9.15
CA ASP H 69 -1.41 -27.19 -8.15
C ASP H 69 0.02 -26.77 -8.51
N VAL H 70 0.28 -25.47 -8.42
CA VAL H 70 1.64 -24.94 -8.56
C VAL H 70 1.99 -24.08 -7.36
N ASP H 71 3.29 -23.89 -7.13
CA ASP H 71 3.80 -23.17 -5.97
C ASP H 71 3.61 -21.66 -6.14
N HIS H 72 2.77 -21.07 -5.31
CA HIS H 72 2.52 -19.62 -5.32
C HIS H 72 3.15 -18.91 -4.12
N GLU H 73 4.18 -19.51 -3.53
CA GLU H 73 4.82 -18.95 -2.33
C GLU H 73 5.58 -17.64 -2.58
N LEU H 74 5.76 -17.29 -3.85
CA LEU H 74 6.36 -16.01 -4.24
C LEU H 74 5.40 -14.81 -4.10
N ASP H 75 4.11 -15.09 -3.89
CA ASP H 75 3.05 -14.06 -3.87
C ASP H 75 3.40 -12.79 -3.08
N ALA H 76 3.92 -12.95 -1.87
CA ALA H 76 4.24 -11.82 -0.99
C ALA H 76 5.30 -10.89 -1.60
N VAL H 77 6.20 -11.45 -2.39
CA VAL H 77 7.28 -10.67 -3.00
C VAL H 77 6.80 -9.98 -4.27
N TRP H 91 -6.74 -22.86 21.38
CA TRP H 91 -5.44 -23.47 21.63
C TRP H 91 -5.26 -23.75 23.10
N THR H 92 -4.59 -24.86 23.41
CA THR H 92 -4.22 -25.20 24.78
C THR H 92 -2.88 -25.93 24.80
N VAL H 93 -2.26 -25.99 25.98
CA VAL H 93 -1.01 -26.71 26.17
C VAL H 93 -1.16 -28.22 26.08
N GLU H 94 -2.38 -28.71 26.30
CA GLU H 94 -2.67 -30.14 26.17
C GLU H 94 -2.58 -30.58 24.71
N LYS H 95 -3.10 -29.73 23.83
CA LYS H 95 -3.01 -29.94 22.39
C LYS H 95 -1.57 -29.75 21.89
N GLN H 96 -0.84 -28.86 22.55
CA GLN H 96 0.55 -28.55 22.19
C GLN H 96 1.49 -29.73 22.44
N ALA H 97 1.35 -30.35 23.60
CA ALA H 97 2.13 -31.53 23.97
C ALA H 97 1.85 -32.70 23.03
N ALA H 98 0.58 -32.86 22.65
CA ALA H 98 0.18 -33.94 21.75
C ALA H 98 0.89 -33.82 20.40
N ALA H 99 0.72 -32.66 19.76
CA ALA H 99 1.36 -32.39 18.46
C ALA H 99 2.88 -32.51 18.53
N THR H 100 3.46 -32.11 19.64
CA THR H 100 4.90 -32.21 19.84
C THR H 100 5.34 -33.64 20.17
N LEU H 101 4.51 -34.37 20.92
CA LEU H 101 4.80 -35.77 21.25
C LEU H 101 4.74 -36.65 20.01
N ASN H 102 3.68 -36.49 19.22
CA ASN H 102 3.47 -37.31 18.03
C ASN H 102 4.48 -37.01 16.93
N ALA H 103 4.72 -35.73 16.67
CA ALA H 103 5.67 -35.30 15.63
C ALA H 103 7.10 -35.75 15.93
N TRP H 104 7.47 -35.77 17.22
CA TRP H 104 8.80 -36.22 17.64
C TRP H 104 9.00 -37.72 17.50
N MET H 105 8.02 -38.51 17.94
CA MET H 105 8.15 -39.97 17.98
C MET H 105 8.26 -40.64 16.61
N ARG H 106 8.11 -39.86 15.55
CA ARG H 106 8.38 -40.35 14.19
C ARG H 106 9.89 -40.60 14.01
N LYS H 107 10.71 -39.85 14.75
CA LYS H 107 12.16 -40.03 14.75
C LYS H 107 12.55 -41.48 15.08
N GLY H 122 8.55 -43.78 34.29
CA GLY H 122 8.07 -45.16 34.13
C GLY H 122 6.55 -45.21 34.04
N ILE H 123 6.03 -45.50 32.85
CA ILE H 123 4.67 -45.12 32.49
C ILE H 123 4.02 -46.10 31.52
N GLY H 124 2.68 -46.16 31.56
CA GLY H 124 1.89 -47.11 30.78
C GLY H 124 1.51 -46.62 29.40
N PRO H 125 1.27 -47.56 28.45
CA PRO H 125 0.97 -47.16 27.07
C PRO H 125 -0.37 -46.46 26.83
N ALA H 126 -1.41 -46.84 27.55
CA ALA H 126 -2.72 -46.18 27.39
C ALA H 126 -2.72 -44.81 28.02
N THR H 127 -1.89 -44.64 29.06
CA THR H 127 -1.73 -43.33 29.70
C THR H 127 -1.05 -42.36 28.73
N VAL H 128 -0.22 -42.90 27.83
CA VAL H 128 0.36 -42.15 26.72
C VAL H 128 -0.67 -41.86 25.63
N ASN H 129 -1.46 -42.85 25.26
CA ASN H 129 -2.43 -42.69 24.18
C ASN H 129 -3.43 -41.55 24.43
N ARG H 130 -3.79 -41.34 25.69
CA ARG H 130 -4.67 -40.23 26.06
C ARG H 130 -3.95 -38.90 25.77
N ILE H 131 -2.65 -38.86 26.06
CA ILE H 131 -1.84 -37.65 25.82
C ILE H 131 -1.70 -37.34 24.31
N MET H 132 -1.79 -38.36 23.47
CA MET H 132 -1.73 -38.17 22.00
C MET H 132 -3.02 -37.61 21.39
N LYS H 133 -4.15 -37.75 22.08
CA LYS H 133 -5.42 -37.17 21.63
C LYS H 133 -5.73 -35.82 22.30
N ALA H 134 -4.93 -35.46 23.30
CA ALA H 134 -5.18 -34.27 24.15
C ALA H 134 -6.49 -34.36 24.93
N GLU H 135 -6.91 -35.59 25.27
CA GLU H 135 -8.16 -35.81 26.00
C GLU H 135 -7.95 -35.67 27.52
N VAL H 136 -6.76 -36.04 27.98
CA VAL H 136 -6.38 -35.86 29.39
C VAL H 136 -5.28 -34.81 29.50
N SER H 137 -5.38 -33.95 30.50
CA SER H 137 -4.33 -32.98 30.77
C SER H 137 -3.17 -33.66 31.48
N THR H 138 -1.97 -33.49 30.93
CA THR H 138 -0.81 -34.26 31.32
C THR H 138 -0.21 -33.79 32.63
N THR H 139 0.43 -34.72 33.34
CA THR H 139 1.25 -34.40 34.50
C THR H 139 2.51 -33.71 33.98
N ILE H 140 3.16 -32.88 34.81
CA ILE H 140 4.44 -32.29 34.41
C ILE H 140 5.55 -33.34 34.46
N GLY H 141 5.49 -34.23 35.45
CA GLY H 141 6.44 -35.34 35.57
C GLY H 141 6.32 -36.32 34.42
N VAL H 142 5.09 -36.53 33.97
CA VAL H 142 4.82 -37.35 32.78
C VAL H 142 5.34 -36.63 31.56
N LEU H 143 5.25 -35.30 31.56
CA LEU H 143 5.85 -34.49 30.51
C LEU H 143 7.39 -34.59 30.60
N SER H 144 7.91 -34.56 31.83
CA SER H 144 9.35 -34.68 32.06
C SER H 144 9.89 -36.03 31.59
N SER H 145 9.47 -37.10 32.25
CA SER H 145 10.01 -38.44 32.02
C SER H 145 9.77 -38.93 30.60
N LEU H 146 8.60 -38.57 30.05
CA LEU H 146 8.25 -38.92 28.68
C LEU H 146 9.26 -38.40 27.67
N ALA H 147 9.60 -37.12 27.79
CA ALA H 147 10.45 -36.44 26.82
C ALA H 147 11.87 -37.01 26.76
N ARG H 148 12.42 -37.37 27.92
CA ARG H 148 13.84 -37.76 28.04
C ARG H 148 14.22 -38.90 27.12
N ALA H 149 13.31 -39.86 26.94
CA ALA H 149 13.55 -41.00 26.05
C ALA H 149 13.95 -40.55 24.65
N PHE H 150 13.36 -39.46 24.19
CA PHE H 150 13.60 -38.92 22.84
C PHE H 150 14.87 -38.06 22.76
N GLY H 151 15.53 -37.83 23.88
CA GLY H 151 16.69 -36.95 23.92
C GLY H 151 16.32 -35.50 24.19
N HIS H 152 15.02 -35.22 24.31
CA HIS H 152 14.52 -33.86 24.50
C HIS H 152 14.06 -33.74 25.94
N GLU H 153 14.04 -32.52 26.45
CA GLU H 153 13.95 -32.34 27.89
C GLU H 153 12.99 -31.24 28.38
N ALA H 154 11.97 -31.66 29.13
CA ALA H 154 11.11 -30.81 29.98
C ALA H 154 10.04 -29.94 29.26
N TYR H 155 10.20 -28.63 29.38
CA TYR H 155 9.24 -27.62 28.91
C TYR H 155 9.01 -27.58 27.41
N GLU H 156 9.79 -28.33 26.65
CA GLU H 156 9.76 -28.25 25.18
C GLU H 156 8.49 -28.80 24.53
N MET H 157 7.54 -29.27 25.33
CA MET H 157 6.29 -29.81 24.81
C MET H 157 5.11 -28.85 24.82
N ILE H 158 5.13 -27.86 25.72
CA ILE H 158 3.98 -26.96 25.90
C ILE H 158 4.20 -25.52 25.41
N ILE H 159 5.20 -25.31 24.56
CA ILE H 159 5.56 -23.97 24.07
C ILE H 159 4.68 -23.63 22.87
N PRO H 160 4.03 -22.47 22.88
CA PRO H 160 3.26 -22.07 21.70
C PRO H 160 4.16 -21.63 20.54
N VAL H 161 4.11 -22.36 19.43
CA VAL H 161 4.89 -22.05 18.23
C VAL H 161 4.17 -21.09 17.27
N GLY H 162 3.30 -20.22 17.80
CA GLY H 162 2.59 -19.23 16.98
C GLY H 162 3.50 -18.13 16.49
N ALA H 163 2.91 -16.96 16.22
CA ALA H 163 3.63 -15.84 15.58
C ALA H 163 4.88 -15.36 16.33
N PRO H 164 4.82 -15.25 17.66
CA PRO H 164 5.99 -14.77 18.41
C PRO H 164 7.27 -15.63 18.29
N GLY H 165 7.15 -16.93 18.57
CA GLY H 165 8.31 -17.81 18.74
C GLY H 165 8.96 -18.29 17.45
N ILE H 166 10.30 -18.45 17.49
CA ILE H 166 11.07 -18.89 16.33
C ILE H 166 10.63 -20.27 15.90
N ILE H 167 10.37 -20.41 14.60
CA ILE H 167 9.59 -21.52 14.07
C ILE H 167 10.28 -22.87 14.33
N ASP H 168 9.72 -23.60 15.28
CA ASP H 168 10.13 -24.97 15.61
C ASP H 168 11.65 -25.18 15.51
N TYR H 169 12.42 -24.31 16.15
CA TYR H 169 13.86 -24.51 16.23
C TYR H 169 14.13 -25.48 17.39
N ASP H 170 14.99 -26.46 17.13
CA ASP H 170 15.27 -27.51 18.10
C ASP H 170 16.12 -26.97 19.24
N HIS H 171 15.57 -27.07 20.46
CA HIS H 171 16.24 -26.60 21.66
C HIS H 171 17.42 -27.50 22.05
N ARG H 172 17.27 -28.81 21.82
CA ARG H 172 18.33 -29.78 22.11
C ARG H 172 19.61 -29.47 21.36
N MET H 173 19.51 -29.36 20.03
CA MET H 173 20.66 -29.13 19.16
C MET H 173 21.33 -27.79 19.45
N TYR H 174 20.54 -26.77 19.74
CA TYR H 174 21.08 -25.45 20.09
C TYR H 174 21.86 -25.49 21.40
N ALA H 175 21.27 -26.07 22.43
CA ALA H 175 22.00 -26.26 23.69
C ALA H 175 23.28 -27.08 23.51
N ALA H 176 23.25 -28.03 22.57
CA ALA H 176 24.39 -28.90 22.27
C ALA H 176 25.47 -28.23 21.38
N LEU H 177 25.10 -27.14 20.70
CA LEU H 177 26.05 -26.38 19.87
C LEU H 177 27.17 -25.77 20.71
N PRO H 178 28.40 -25.71 20.15
CA PRO H 178 29.48 -24.92 20.73
C PRO H 178 29.12 -23.43 20.82
N GLN H 179 29.70 -22.74 21.80
CA GLN H 179 29.33 -21.37 22.09
C GLN H 179 29.49 -20.41 20.90
N GLU H 180 30.56 -20.58 20.13
CA GLU H 180 30.75 -19.73 18.95
C GLU H 180 29.80 -20.08 17.81
N GLU H 181 29.41 -21.37 17.73
CA GLU H 181 28.37 -21.78 16.79
C GLU H 181 27.02 -21.11 17.13
N LYS H 182 26.74 -20.98 18.43
CA LYS H 182 25.58 -20.25 18.92
C LYS H 182 25.70 -18.78 18.54
N ASN H 183 26.89 -18.23 18.76
CA ASN H 183 27.15 -16.82 18.46
C ASN H 183 26.89 -16.41 17.02
N LYS H 184 27.05 -17.34 16.08
CA LYS H 184 26.78 -17.08 14.67
C LYS H 184 25.29 -16.88 14.40
N ILE H 185 24.46 -17.69 15.06
CA ILE H 185 23.00 -17.62 14.91
C ILE H 185 22.45 -16.28 15.42
N THR H 186 22.79 -15.95 16.66
CA THR H 186 22.32 -14.69 17.28
C THR H 186 22.72 -13.48 16.41
N SER H 187 23.99 -13.44 16.01
CA SER H 187 24.50 -12.41 15.12
C SER H 187 23.70 -12.31 13.84
N PHE H 188 23.40 -13.46 13.23
CA PHE H 188 22.57 -13.49 12.02
C PHE H 188 21.15 -12.98 12.28
N ILE H 189 20.50 -13.49 13.32
CA ILE H 189 19.14 -13.05 13.69
C ILE H 189 19.11 -11.53 13.85
N ASN H 190 20.05 -11.01 14.64
CA ASN H 190 20.19 -9.56 14.83
C ASN H 190 20.31 -8.81 13.50
N PHE H 191 21.23 -9.26 12.66
CA PHE H 191 21.42 -8.65 11.35
C PHE H 191 20.11 -8.62 10.56
N VAL H 192 19.35 -9.72 10.65
CA VAL H 192 18.02 -9.81 10.02
C VAL H 192 17.03 -8.77 10.57
N PHE H 193 16.96 -8.63 11.90
CA PHE H 193 16.09 -7.61 12.54
C PHE H 193 16.49 -6.21 12.09
N GLU H 194 17.79 -5.94 12.17
CA GLU H 194 18.32 -4.63 11.83
C GLU H 194 18.10 -4.26 10.37
N GLN H 195 17.87 -5.25 9.51
CA GLN H 195 17.41 -4.99 8.14
C GLN H 195 15.92 -4.64 8.05
N ASN H 196 15.26 -4.48 9.20
CA ASN H 196 13.90 -3.93 9.30
C ASN H 196 13.91 -2.71 10.19
N LYS H 197 13.28 -1.63 9.72
CA LYS H 197 13.28 -0.36 10.44
C LYS H 197 12.25 -0.34 11.57
N MET I 2 49.31 -17.38 1.17
CA MET I 2 50.19 -18.15 0.23
C MET I 2 51.39 -17.27 -0.14
N LYS I 3 52.12 -16.83 0.89
CA LYS I 3 53.28 -15.96 0.73
C LYS I 3 54.34 -16.29 1.75
N SER I 4 55.38 -16.99 1.31
CA SER I 4 56.53 -17.32 2.15
C SER I 4 57.18 -16.08 2.76
N ILE I 5 57.87 -16.28 3.88
CA ILE I 5 58.73 -15.23 4.44
C ILE I 5 59.80 -14.81 3.42
N TYR I 6 60.16 -15.74 2.54
CA TYR I 6 61.11 -15.47 1.46
C TYR I 6 60.53 -14.51 0.43
N ASP I 7 59.27 -14.72 0.04
CA ASP I 7 58.60 -13.80 -0.88
C ASP I 7 58.62 -12.37 -0.34
N ILE I 8 58.39 -12.20 0.97
CA ILE I 8 58.40 -10.86 1.59
C ILE I 8 59.82 -10.29 1.64
N ARG I 9 60.78 -11.15 2.03
CA ARG I 9 62.20 -10.77 2.04
C ARG I 9 62.73 -10.42 0.65
N ARG I 10 62.36 -11.22 -0.33
CA ARG I 10 62.76 -10.97 -1.71
C ARG I 10 62.28 -9.62 -2.21
N LYS I 11 61.02 -9.31 -1.90
CA LYS I 11 60.39 -8.10 -2.41
C LYS I 11 61.03 -6.87 -1.78
N ASN I 12 61.25 -6.91 -0.47
CA ASN I 12 61.93 -5.83 0.24
C ASN I 12 63.39 -5.68 -0.20
N LEU I 13 64.04 -6.80 -0.56
CA LEU I 13 65.37 -6.76 -1.15
C LEU I 13 65.37 -6.08 -2.52
N ASN I 14 64.47 -6.53 -3.40
CA ASN I 14 64.36 -5.95 -4.74
C ASN I 14 64.17 -4.43 -4.72
N GLU I 15 63.31 -3.96 -3.84
CA GLU I 15 63.01 -2.54 -3.76
C GLU I 15 63.99 -1.76 -2.87
N ILE I 16 64.77 -2.45 -2.04
CA ILE I 16 65.98 -1.83 -1.49
C ILE I 16 66.83 -1.37 -2.69
N ILE I 17 67.08 -2.29 -3.60
CA ILE I 17 67.89 -2.01 -4.78
C ILE I 17 67.26 -0.94 -5.68
N LEU I 18 65.94 -1.00 -5.84
CA LEU I 18 65.23 -0.03 -6.69
C LEU I 18 65.27 1.41 -6.16
N ARG I 19 65.33 1.58 -4.83
CA ARG I 19 65.27 2.92 -4.22
C ARG I 19 66.59 3.67 -4.24
N ASP I 20 67.60 3.15 -3.54
CA ASP I 20 68.87 3.85 -3.35
C ASP I 20 70.03 3.28 -4.18
N PHE I 21 69.80 2.17 -4.90
CA PHE I 21 70.86 1.52 -5.67
C PHE I 21 70.62 1.55 -7.18
N ASP I 22 69.79 2.50 -7.63
CA ASP I 22 69.61 2.78 -9.05
C ASP I 22 69.10 1.57 -9.87
N ASP I 23 68.34 0.70 -9.21
CA ASP I 23 67.80 -0.52 -9.84
C ASP I 23 68.90 -1.49 -10.34
N THR I 24 70.16 -1.17 -10.04
CA THR I 24 71.31 -1.95 -10.51
C THR I 24 71.87 -2.80 -9.38
N GLN I 25 71.81 -4.11 -9.56
CA GLN I 25 72.25 -5.06 -8.54
C GLN I 25 73.73 -4.90 -8.17
N LEU I 26 74.55 -4.55 -9.16
CA LEU I 26 75.99 -4.45 -8.96
C LEU I 26 76.37 -3.35 -7.97
N ARG I 27 75.69 -2.21 -8.05
CA ARG I 27 75.90 -1.14 -7.05
C ARG I 27 75.60 -1.64 -5.65
N PHE I 28 74.56 -2.48 -5.53
CA PHE I 28 74.20 -3.06 -4.23
C PHE I 28 75.19 -4.13 -3.79
N ALA I 29 75.54 -5.03 -4.72
CA ALA I 29 76.49 -6.10 -4.45
C ALA I 29 77.80 -5.57 -3.85
N GLU I 30 78.25 -4.42 -4.32
CA GLU I 30 79.45 -3.78 -3.78
C GLU I 30 79.26 -3.28 -2.35
N ARG I 31 78.02 -2.93 -1.98
CA ARG I 31 77.71 -2.53 -0.60
C ARG I 31 77.61 -3.71 0.35
N VAL I 32 76.89 -4.75 -0.05
CA VAL I 32 76.75 -5.97 0.76
C VAL I 32 78.02 -6.83 0.72
N LYS I 33 78.88 -6.58 -0.28
CA LYS I 33 80.17 -7.30 -0.45
C LYS I 33 79.97 -8.81 -0.62
N ARG I 34 79.10 -9.18 -1.54
CA ARG I 34 78.88 -10.57 -1.90
C ARG I 34 78.93 -10.69 -3.41
N SER I 35 78.86 -11.91 -3.91
CA SER I 35 78.90 -12.17 -5.35
C SER I 35 77.73 -11.51 -6.08
N GLN I 36 78.02 -11.01 -7.29
CA GLN I 36 77.01 -10.44 -8.19
C GLN I 36 75.98 -11.49 -8.61
N ASN I 37 76.41 -12.74 -8.68
CA ASN I 37 75.50 -13.87 -8.92
C ASN I 37 74.52 -14.00 -7.78
N LEU I 38 75.06 -14.16 -6.58
CA LEU I 38 74.29 -14.39 -5.37
C LEU I 38 73.15 -13.39 -5.19
N VAL I 39 73.44 -12.11 -5.38
CA VAL I 39 72.44 -11.05 -5.26
C VAL I 39 71.34 -11.22 -6.30
N ASN I 40 71.74 -11.55 -7.53
CA ASN I 40 70.78 -11.88 -8.58
C ASN I 40 69.95 -13.09 -8.19
N ARG I 41 70.60 -14.10 -7.64
CA ARG I 41 69.93 -15.30 -7.14
C ARG I 41 68.99 -15.00 -5.96
N TRP I 42 69.28 -13.94 -5.21
CA TRP I 42 68.34 -13.41 -4.23
C TRP I 42 67.21 -12.63 -4.90
N CYS I 43 67.57 -11.75 -5.82
CA CYS I 43 66.59 -10.84 -6.45
C CYS I 43 65.51 -11.57 -7.24
N THR I 44 65.93 -12.57 -8.00
CA THR I 44 65.01 -13.38 -8.79
C THR I 44 64.41 -14.54 -7.97
N GLY I 45 65.05 -14.88 -6.86
CA GLY I 45 64.54 -15.86 -5.91
C GLY I 45 65.00 -17.29 -6.13
N ILE I 46 66.24 -17.47 -6.58
CA ILE I 46 66.81 -18.81 -6.80
C ILE I 46 67.31 -19.40 -5.49
N LYS I 47 68.11 -18.65 -4.73
CA LYS I 47 68.44 -19.03 -3.36
C LYS I 47 67.55 -18.20 -2.41
N ASN I 48 67.03 -18.86 -1.39
CA ASN I 48 66.20 -18.20 -0.39
C ASN I 48 67.07 -17.43 0.59
N ILE I 49 66.65 -16.20 0.91
CA ILE I 49 67.40 -15.36 1.85
C ILE I 49 67.16 -15.84 3.27
N GLY I 50 68.22 -16.26 3.94
CA GLY I 50 68.15 -16.62 5.35
C GLY I 50 68.02 -15.39 6.23
N PRO I 51 67.62 -15.57 7.50
CA PRO I 51 67.59 -14.42 8.41
C PRO I 51 68.96 -13.76 8.52
N ASN I 52 69.99 -14.59 8.65
CA ASN I 52 71.39 -14.15 8.74
C ASN I 52 71.72 -13.19 7.61
N ALA I 53 71.44 -13.63 6.39
CA ALA I 53 71.63 -12.81 5.19
C ALA I 53 70.68 -11.61 5.20
N ALA I 54 69.46 -11.82 5.68
CA ALA I 54 68.47 -10.75 5.78
C ALA I 54 68.92 -9.62 6.70
N ARG I 55 69.65 -9.94 7.76
CA ARG I 55 70.23 -8.91 8.64
C ARG I 55 71.33 -8.15 7.90
N ILE I 56 72.17 -8.90 7.20
CA ILE I 56 73.29 -8.32 6.45
C ILE I 56 72.79 -7.34 5.40
N ILE I 57 71.72 -7.72 4.71
CA ILE I 57 71.09 -6.86 3.72
C ILE I 57 70.72 -5.50 4.31
N GLU I 58 70.13 -5.53 5.51
CA GLU I 58 69.57 -4.32 6.13
C GLU I 58 70.60 -3.24 6.46
N GLU I 59 71.68 -3.61 7.13
CA GLU I 59 72.74 -2.63 7.43
C GLU I 59 73.36 -2.03 6.18
N ALA I 60 73.47 -2.82 5.10
CA ALA I 60 73.93 -2.32 3.80
C ALA I 60 73.07 -1.16 3.31
N ALA I 61 71.75 -1.34 3.38
CA ALA I 61 70.80 -0.26 3.12
C ALA I 61 70.52 0.62 4.35
N ARG I 62 71.19 0.33 5.47
CA ARG I 62 71.00 1.05 6.75
C ARG I 62 69.52 1.10 7.16
N LYS I 63 68.84 -0.03 7.00
CA LYS I 63 67.44 -0.16 7.38
C LYS I 63 67.36 -0.57 8.84
N GLU I 64 66.28 -0.15 9.51
CA GLU I 64 66.01 -0.59 10.87
C GLU I 64 65.96 -2.11 10.91
N LYS I 65 66.24 -2.69 12.06
CA LYS I 65 66.33 -4.14 12.18
C LYS I 65 64.98 -4.81 11.93
N PHE I 66 65.02 -5.94 11.22
CA PHE I 66 63.83 -6.70 10.81
C PHE I 66 62.91 -6.03 9.76
N TRP I 67 63.27 -4.85 9.26
CA TRP I 67 62.51 -4.18 8.19
C TRP I 67 62.32 -5.08 6.96
N LEU I 68 63.33 -5.91 6.66
CA LEU I 68 63.29 -6.80 5.50
C LEU I 68 62.36 -7.99 5.71
N ASP I 69 61.86 -8.16 6.94
CA ASP I 69 60.94 -9.25 7.30
C ASP I 69 59.48 -8.79 7.43
N VAL I 70 59.24 -7.50 7.26
CA VAL I 70 57.90 -6.92 7.44
C VAL I 70 57.22 -6.77 6.08
N ASP I 71 55.97 -7.22 6.04
CA ASP I 71 55.13 -7.11 4.86
C ASP I 71 54.66 -5.67 4.74
N HIS I 72 55.23 -4.93 3.80
CA HIS I 72 54.96 -3.49 3.67
C HIS I 72 53.89 -3.16 2.63
N GLU I 73 53.13 -4.15 2.18
CA GLU I 73 52.21 -3.96 1.04
C GLU I 73 51.09 -2.94 1.28
N LEU I 74 50.75 -2.67 2.54
CA LEU I 74 49.77 -1.63 2.85
C LEU I 74 50.39 -0.24 2.93
N ASP I 75 51.71 -0.17 3.09
CA ASP I 75 52.45 1.09 2.91
C ASP I 75 52.81 1.30 1.44
N ALA I 76 52.87 0.22 0.66
CA ALA I 76 53.26 0.27 -0.75
C ALA I 76 52.32 1.10 -1.65
N VAL I 77 51.13 1.44 -1.16
CA VAL I 77 50.19 2.27 -1.91
C VAL I 77 50.76 3.68 -2.11
N TRP I 91 61.89 7.45 -27.14
CA TRP I 91 60.65 7.55 -26.36
C TRP I 91 59.42 7.19 -27.21
N THR I 92 59.49 6.03 -27.85
CA THR I 92 58.39 5.52 -28.67
C THR I 92 58.70 4.10 -29.14
N VAL I 93 57.76 3.51 -29.87
CA VAL I 93 57.90 2.13 -30.37
C VAL I 93 59.19 1.86 -31.15
N GLU I 94 59.75 2.91 -31.75
CA GLU I 94 60.97 2.80 -32.57
C GLU I 94 62.20 2.51 -31.72
N LYS I 95 62.45 3.36 -30.73
CA LYS I 95 63.68 3.25 -29.94
C LYS I 95 63.74 1.97 -29.10
N GLN I 96 62.57 1.42 -28.76
CA GLN I 96 62.49 0.13 -28.05
C GLN I 96 62.88 -1.03 -28.97
N ALA I 97 62.70 -0.84 -30.27
CA ALA I 97 63.11 -1.84 -31.27
C ALA I 97 64.62 -2.06 -31.30
N ALA I 98 65.40 -1.09 -30.82
CA ALA I 98 66.87 -1.17 -30.84
C ALA I 98 67.43 -2.38 -30.08
N ALA I 99 67.09 -2.47 -28.79
CA ALA I 99 67.59 -3.55 -27.93
C ALA I 99 66.94 -4.89 -28.25
N THR I 100 65.64 -4.87 -28.57
CA THR I 100 64.90 -6.08 -28.91
C THR I 100 65.38 -6.69 -30.23
N LEU I 101 65.94 -5.88 -31.12
CA LEU I 101 66.52 -6.36 -32.38
C LEU I 101 67.71 -7.27 -32.09
N ASN I 102 68.68 -6.76 -31.32
CA ASN I 102 69.95 -7.47 -31.08
C ASN I 102 69.89 -8.74 -30.21
N ALA I 103 68.70 -9.29 -30.01
CA ALA I 103 68.47 -10.25 -28.93
C ALA I 103 68.61 -11.73 -29.32
N TRP I 104 67.64 -12.22 -30.07
CA TRP I 104 67.49 -13.67 -30.30
C TRP I 104 68.32 -14.11 -31.47
N MET I 105 69.04 -13.15 -32.06
CA MET I 105 69.51 -13.27 -33.41
C MET I 105 70.52 -14.41 -33.59
N ARG I 106 70.59 -14.91 -34.81
CA ARG I 106 71.17 -16.22 -35.08
C ARG I 106 72.70 -16.23 -35.05
N ALA I 121 73.56 -12.15 -36.14
CA ALA I 121 73.47 -12.02 -37.59
C ALA I 121 72.35 -11.08 -38.03
N GLY I 122 72.56 -10.37 -39.14
CA GLY I 122 71.59 -9.41 -39.66
C GLY I 122 70.40 -10.03 -40.38
N ILE I 123 70.47 -11.32 -40.66
CA ILE I 123 69.38 -12.02 -41.37
C ILE I 123 68.05 -11.99 -40.61
N GLY I 124 66.91 -12.10 -41.31
CA GLY I 124 66.84 -12.40 -42.74
C GLY I 124 66.16 -13.69 -43.16
N PRO I 125 65.81 -14.59 -42.21
CA PRO I 125 65.04 -15.76 -42.66
C PRO I 125 63.55 -15.46 -42.81
N ALA I 126 63.15 -14.25 -42.41
CA ALA I 126 61.84 -13.72 -42.74
C ALA I 126 61.87 -12.90 -44.03
N THR I 127 63.05 -12.82 -44.66
CA THR I 127 63.26 -12.16 -45.96
C THR I 127 63.28 -10.62 -45.88
N VAL I 128 63.21 -10.03 -44.69
CA VAL I 128 62.93 -8.60 -44.56
C VAL I 128 64.14 -7.71 -44.26
N ASN I 129 64.93 -8.06 -43.26
CA ASN I 129 65.89 -7.11 -42.70
C ASN I 129 67.03 -6.74 -43.64
N ARG I 130 67.08 -5.45 -43.96
CA ARG I 130 68.27 -4.80 -44.49
C ARG I 130 68.05 -3.30 -44.30
N ILE I 131 68.98 -2.46 -44.76
CA ILE I 131 68.93 -1.03 -44.48
C ILE I 131 69.00 -0.79 -42.97
N MET I 132 69.78 -1.60 -42.24
CA MET I 132 70.06 -1.33 -40.84
C MET I 132 68.93 -0.49 -40.24
N LYS I 133 67.74 -1.09 -40.22
CA LYS I 133 66.46 -0.36 -40.15
C LYS I 133 66.18 0.47 -38.89
N ALA I 134 67.12 0.52 -37.95
CA ALA I 134 66.91 1.23 -36.68
C ALA I 134 66.36 2.65 -36.86
N GLU I 135 66.83 3.36 -37.88
CA GLU I 135 66.45 4.77 -38.08
C GLU I 135 65.53 5.02 -39.29
N VAL I 136 64.93 3.95 -39.81
CA VAL I 136 64.00 4.07 -40.95
C VAL I 136 62.55 3.78 -40.50
N SER I 137 61.60 4.40 -41.18
CA SER I 137 60.17 4.19 -40.91
C SER I 137 59.77 2.75 -41.26
N THR I 138 59.31 2.00 -40.26
CA THR I 138 59.03 0.58 -40.42
C THR I 138 57.51 0.29 -40.48
N THR I 139 57.14 -0.73 -41.25
CA THR I 139 55.74 -1.09 -41.47
C THR I 139 55.18 -1.90 -40.31
N ILE I 140 54.03 -2.55 -40.50
CA ILE I 140 53.51 -3.56 -39.57
C ILE I 140 53.48 -4.98 -40.15
N GLY I 141 53.54 -5.11 -41.48
CA GLY I 141 53.72 -6.41 -42.14
C GLY I 141 55.07 -6.98 -41.80
N VAL I 142 56.04 -6.07 -41.70
CA VAL I 142 57.22 -6.26 -40.89
C VAL I 142 56.86 -5.42 -39.66
N LEU I 143 56.98 -5.93 -38.44
CA LEU I 143 57.79 -7.10 -38.10
C LEU I 143 56.95 -8.38 -38.00
N SER I 144 55.72 -8.36 -38.50
CA SER I 144 54.88 -9.55 -38.53
C SER I 144 55.52 -10.65 -39.38
N SER I 145 56.24 -10.23 -40.42
CA SER I 145 57.06 -11.15 -41.21
C SER I 145 58.26 -11.61 -40.40
N LEU I 146 59.00 -10.65 -39.85
CA LEU I 146 60.25 -10.91 -39.13
C LEU I 146 60.07 -11.85 -37.94
N ALA I 147 58.99 -11.65 -37.18
CA ALA I 147 58.77 -12.37 -35.94
C ALA I 147 58.19 -13.77 -36.14
N ARG I 148 57.28 -13.92 -37.10
CA ARG I 148 56.53 -15.18 -37.28
C ARG I 148 57.41 -16.42 -37.41
N ALA I 149 58.44 -16.33 -38.24
CA ALA I 149 59.37 -17.44 -38.45
C ALA I 149 59.94 -17.95 -37.13
N PHE I 150 60.27 -17.03 -36.23
CA PHE I 150 60.85 -17.36 -34.94
C PHE I 150 59.85 -17.96 -33.95
N GLY I 151 58.59 -17.51 -34.03
CA GLY I 151 57.53 -18.02 -33.15
C GLY I 151 56.86 -16.96 -32.28
N HIS I 152 57.34 -15.72 -32.35
CA HIS I 152 56.73 -14.60 -31.64
C HIS I 152 55.74 -13.83 -32.50
N GLU I 153 54.70 -13.31 -31.86
CA GLU I 153 53.71 -12.45 -32.50
C GLU I 153 54.30 -11.04 -32.59
N ALA I 154 53.78 -10.24 -33.50
CA ALA I 154 54.33 -8.92 -33.81
C ALA I 154 54.18 -7.93 -32.65
N TYR I 155 53.04 -7.99 -31.97
CA TYR I 155 52.77 -7.11 -30.83
C TYR I 155 53.84 -7.22 -29.73
N GLU I 156 54.46 -8.39 -29.62
CA GLU I 156 55.42 -8.68 -28.57
C GLU I 156 56.77 -7.96 -28.69
N MET I 157 56.95 -7.18 -29.76
CA MET I 157 58.23 -6.50 -30.04
C MET I 157 58.28 -5.06 -29.54
N ILE I 158 57.15 -4.37 -29.57
CA ILE I 158 57.11 -2.94 -29.29
C ILE I 158 56.29 -2.61 -28.02
N ILE I 159 56.40 -3.47 -27.00
CA ILE I 159 55.64 -3.28 -25.77
C ILE I 159 56.37 -2.28 -24.87
N PRO I 160 55.66 -1.22 -24.42
CA PRO I 160 56.26 -0.15 -23.61
C PRO I 160 56.60 -0.57 -22.18
N VAL I 161 57.75 -1.22 -22.02
CA VAL I 161 58.24 -1.62 -20.71
C VAL I 161 57.21 -2.47 -19.95
N GLY I 162 56.54 -3.37 -20.68
CA GLY I 162 55.64 -4.37 -20.11
C GLY I 162 54.78 -3.94 -18.94
N ALA I 163 54.18 -2.76 -19.05
CA ALA I 163 53.26 -2.26 -18.01
C ALA I 163 51.85 -2.86 -18.11
N PRO I 164 51.29 -2.91 -19.34
CA PRO I 164 49.89 -3.26 -19.47
C PRO I 164 49.58 -4.75 -19.60
N GLY I 165 50.60 -5.59 -19.61
CA GLY I 165 50.41 -7.03 -19.73
C GLY I 165 50.17 -7.69 -18.40
N ILE I 166 49.26 -8.66 -18.36
CA ILE I 166 48.87 -9.33 -17.11
C ILE I 166 50.00 -10.18 -16.52
N ILE I 167 50.34 -9.86 -15.26
CA ILE I 167 51.31 -10.62 -14.46
C ILE I 167 50.95 -12.11 -14.35
N ASP I 168 51.95 -12.96 -14.59
CA ASP I 168 51.83 -14.42 -14.41
C ASP I 168 50.70 -15.02 -15.24
N TYR I 169 50.84 -14.97 -16.56
CA TYR I 169 49.81 -15.46 -17.47
C TYR I 169 50.38 -16.46 -18.49
N ASP I 170 50.06 -17.73 -18.31
CA ASP I 170 50.41 -18.77 -19.28
C ASP I 170 49.28 -18.87 -20.32
N HIS I 171 49.65 -18.74 -21.59
CA HIS I 171 48.67 -18.78 -22.67
C HIS I 171 48.17 -20.22 -22.91
N ARG I 172 49.03 -21.19 -22.65
CA ARG I 172 48.69 -22.60 -22.88
C ARG I 172 47.59 -23.12 -21.96
N MET I 173 47.75 -22.96 -20.65
CA MET I 173 46.73 -23.44 -19.72
C MET I 173 45.45 -22.64 -19.89
N TYR I 174 45.58 -21.36 -20.24
CA TYR I 174 44.43 -20.54 -20.56
C TYR I 174 43.70 -21.10 -21.78
N ALA I 175 44.45 -21.33 -22.86
CA ALA I 175 43.91 -21.92 -24.09
C ALA I 175 43.18 -23.22 -23.81
N ALA I 176 43.78 -24.05 -22.96
CA ALA I 176 43.19 -25.34 -22.59
C ALA I 176 41.99 -25.26 -21.64
N LEU I 177 41.59 -24.06 -21.21
CA LEU I 177 40.40 -23.92 -20.35
C LEU I 177 39.09 -24.12 -21.10
N PRO I 178 38.08 -24.71 -20.43
CA PRO I 178 36.71 -24.67 -20.94
C PRO I 178 36.27 -23.23 -21.19
N GLN I 179 35.36 -23.01 -22.15
CA GLN I 179 35.03 -21.66 -22.58
C GLN I 179 34.31 -20.84 -21.50
N GLU I 180 33.42 -21.48 -20.74
CA GLU I 180 32.72 -20.79 -19.65
C GLU I 180 33.72 -20.31 -18.60
N GLU I 181 34.73 -21.15 -18.32
CA GLU I 181 35.80 -20.78 -17.41
C GLU I 181 36.53 -19.53 -17.90
N LYS I 182 36.76 -19.44 -19.22
CA LYS I 182 37.38 -18.24 -19.79
C LYS I 182 36.51 -17.00 -19.55
N ASN I 183 35.20 -17.17 -19.67
CA ASN I 183 34.26 -16.07 -19.44
C ASN I 183 34.31 -15.55 -18.02
N LYS I 184 34.34 -16.46 -17.06
CA LYS I 184 34.40 -16.10 -15.65
C LYS I 184 35.59 -15.18 -15.40
N ILE I 185 36.76 -15.56 -15.93
CA ILE I 185 37.96 -14.74 -15.85
C ILE I 185 37.76 -13.36 -16.48
N THR I 186 37.24 -13.33 -17.69
CA THR I 186 37.01 -12.06 -18.38
C THR I 186 35.96 -11.23 -17.65
N SER I 187 34.91 -11.90 -17.17
CA SER I 187 33.83 -11.20 -16.45
C SER I 187 34.34 -10.53 -15.18
N PHE I 188 35.09 -11.25 -14.37
CA PHE I 188 35.61 -10.69 -13.13
C PHE I 188 36.59 -9.53 -13.42
N ILE I 189 37.36 -9.65 -14.49
CA ILE I 189 38.21 -8.57 -14.98
C ILE I 189 37.39 -7.32 -15.33
N ASN I 190 36.23 -7.51 -15.94
CA ASN I 190 35.38 -6.37 -16.34
C ASN I 190 34.75 -5.65 -15.14
N PHE I 191 34.38 -6.43 -14.12
CA PHE I 191 33.79 -5.85 -12.90
C PHE I 191 34.80 -4.99 -12.14
N VAL I 192 36.00 -5.53 -11.95
CA VAL I 192 37.08 -4.78 -11.32
C VAL I 192 37.32 -3.45 -12.04
N PHE I 193 37.25 -3.47 -13.37
CA PHE I 193 37.40 -2.24 -14.16
C PHE I 193 36.31 -1.23 -13.84
N GLU I 194 35.06 -1.67 -13.80
CA GLU I 194 33.93 -0.76 -13.54
C GLU I 194 33.77 -0.35 -12.07
N GLN I 195 34.51 -0.99 -11.17
CA GLN I 195 34.63 -0.48 -9.80
C GLN I 195 35.69 0.62 -9.73
N ASN I 196 36.48 0.78 -10.79
CA ASN I 196 37.49 1.83 -10.86
C ASN I 196 37.36 2.69 -12.12
N LYS I 197 36.46 3.66 -12.08
CA LYS I 197 36.36 4.67 -13.13
C LYS I 197 35.45 5.82 -12.69
N LEU J 68 21.66 -17.96 -33.24
CA LEU J 68 22.50 -16.75 -32.92
C LEU J 68 21.98 -15.82 -31.81
N ASP J 69 20.74 -16.02 -31.35
CA ASP J 69 20.15 -15.17 -30.29
C ASP J 69 19.66 -15.99 -29.09
N VAL J 70 18.66 -16.85 -29.31
CA VAL J 70 18.08 -17.66 -28.23
C VAL J 70 18.89 -18.95 -28.01
N ASP J 71 19.16 -19.25 -26.75
CA ASP J 71 20.12 -20.30 -26.37
C ASP J 71 19.51 -21.39 -25.49
N HIS J 72 20.05 -22.60 -25.63
CA HIS J 72 19.75 -23.70 -24.70
C HIS J 72 21.00 -24.24 -23.98
N GLU J 73 22.18 -23.92 -24.51
CA GLU J 73 23.44 -23.76 -23.73
C GLU J 73 24.07 -24.94 -22.97
N LEU J 74 23.40 -26.09 -22.91
CA LEU J 74 23.73 -27.08 -21.89
C LEU J 74 24.55 -28.29 -22.35
N ASP J 75 23.89 -29.19 -23.05
CA ASP J 75 24.25 -30.62 -23.01
C ASP J 75 24.94 -31.20 -24.24
N ALA J 76 24.45 -30.87 -25.43
CA ALA J 76 24.81 -31.56 -26.67
C ALA J 76 24.35 -33.02 -26.66
N VAL J 77 23.06 -33.22 -26.39
CA VAL J 77 22.43 -34.55 -26.43
C VAL J 77 20.92 -34.41 -26.61
N TRP J 91 44.91 -14.74 -40.73
CA TRP J 91 45.20 -13.63 -39.83
C TRP J 91 46.46 -12.91 -40.24
N THR J 92 46.39 -11.59 -40.24
CA THR J 92 47.57 -10.76 -40.45
C THR J 92 47.49 -9.53 -39.55
N VAL J 93 48.66 -8.96 -39.27
CA VAL J 93 48.77 -7.82 -38.37
C VAL J 93 48.04 -6.59 -38.89
N GLU J 94 47.93 -6.47 -40.22
CA GLU J 94 47.21 -5.36 -40.83
C GLU J 94 45.74 -5.40 -40.50
N LYS J 95 45.09 -6.51 -40.81
CA LYS J 95 43.64 -6.64 -40.62
C LYS J 95 43.24 -6.66 -39.14
N GLN J 96 44.12 -7.18 -38.29
CA GLN J 96 43.94 -7.09 -36.83
C GLN J 96 43.98 -5.64 -36.38
N ALA J 97 44.92 -4.87 -36.92
CA ALA J 97 45.02 -3.43 -36.63
C ALA J 97 43.75 -2.68 -37.05
N ALA J 98 43.23 -3.03 -38.21
CA ALA J 98 42.03 -2.40 -38.77
C ALA J 98 40.73 -2.89 -38.14
N ALA J 99 40.71 -4.14 -37.69
CA ALA J 99 39.53 -4.73 -37.06
C ALA J 99 39.22 -4.07 -35.72
N THR J 100 40.27 -3.82 -34.94
CA THR J 100 40.12 -3.19 -33.63
C THR J 100 39.92 -1.67 -33.77
N LEU J 101 40.34 -1.10 -34.89
CA LEU J 101 40.09 0.32 -35.17
C LEU J 101 38.61 0.60 -35.39
N ASN J 102 37.89 -0.37 -35.96
CA ASN J 102 36.45 -0.28 -36.08
C ASN J 102 35.78 -0.26 -34.71
N ALA J 103 36.00 -1.33 -33.95
CA ALA J 103 35.33 -1.55 -32.67
C ALA J 103 35.37 -0.34 -31.73
N TRP J 104 36.48 0.39 -31.74
CA TRP J 104 36.62 1.58 -30.90
C TRP J 104 35.77 2.77 -31.38
N MET J 105 35.21 2.67 -32.58
CA MET J 105 34.03 3.43 -33.00
C MET J 105 34.02 4.95 -32.73
N ARG J 106 35.20 5.53 -32.53
CA ARG J 106 35.34 6.92 -32.07
C ARG J 106 34.44 7.18 -30.84
N LYS J 107 34.65 6.38 -29.79
CA LYS J 107 33.89 6.49 -28.56
C LYS J 107 34.67 7.34 -27.55
N ALA J 121 39.28 11.00 -36.50
CA ALA J 121 40.56 10.99 -37.21
C ALA J 121 41.71 11.45 -36.31
N GLY J 122 42.87 10.81 -36.49
CA GLY J 122 44.07 11.10 -35.71
C GLY J 122 44.99 12.12 -36.34
N ILE J 123 46.28 12.04 -36.00
CA ILE J 123 47.28 13.05 -36.38
C ILE J 123 47.55 13.05 -37.90
N GLY J 124 47.37 11.91 -38.54
CA GLY J 124 47.64 11.77 -39.97
C GLY J 124 46.49 12.19 -40.88
N PRO J 125 46.51 11.72 -42.14
CA PRO J 125 45.45 11.93 -43.14
C PRO J 125 44.07 11.40 -42.76
N ALA J 126 43.05 11.83 -43.49
CA ALA J 126 41.65 11.48 -43.23
C ALA J 126 41.18 10.17 -43.89
N THR J 127 41.01 10.19 -45.22
CA THR J 127 40.44 9.04 -45.96
C THR J 127 41.35 7.81 -46.05
N VAL J 128 42.60 7.94 -45.59
CA VAL J 128 43.50 6.79 -45.41
C VAL J 128 42.92 5.71 -44.47
N ASN J 129 42.08 6.15 -43.53
CA ASN J 129 41.49 5.26 -42.53
C ASN J 129 40.54 4.21 -43.10
N ARG J 130 39.90 4.52 -44.23
CA ARG J 130 39.01 3.55 -44.88
C ARG J 130 39.81 2.51 -45.65
N ILE J 131 40.83 2.95 -46.39
CA ILE J 131 41.73 2.04 -47.12
C ILE J 131 42.58 1.20 -46.14
N MET J 132 42.70 1.67 -44.91
CA MET J 132 43.31 0.88 -43.84
C MET J 132 42.55 -0.42 -43.55
N LYS J 133 41.33 -0.54 -44.08
CA LYS J 133 40.50 -1.75 -43.91
C LYS J 133 41.20 -3.04 -44.34
N ALA J 134 42.15 -2.96 -45.29
CA ALA J 134 42.76 -4.17 -45.85
C ALA J 134 44.20 -4.02 -46.37
N GLU J 135 44.39 -3.10 -47.30
CA GLU J 135 45.49 -3.22 -48.29
C GLU J 135 46.75 -2.38 -48.06
N VAL J 136 46.71 -1.46 -47.09
CA VAL J 136 47.78 -0.48 -46.92
C VAL J 136 49.09 -1.01 -46.28
N SER J 137 48.97 -1.79 -45.21
CA SER J 137 50.11 -2.16 -44.34
C SER J 137 50.81 -0.93 -43.74
N THR J 138 50.12 -0.32 -42.77
CA THR J 138 50.57 0.93 -42.15
C THR J 138 51.86 0.79 -41.35
N THR J 139 52.47 1.93 -41.02
CA THR J 139 53.65 1.96 -40.18
C THR J 139 53.24 1.87 -38.72
N ILE J 140 54.12 1.32 -37.90
CA ILE J 140 53.90 1.28 -36.44
C ILE J 140 53.77 2.68 -35.88
N GLY J 141 54.50 3.64 -36.48
CA GLY J 141 54.45 5.05 -36.09
C GLY J 141 53.09 5.68 -36.27
N VAL J 142 52.42 5.34 -37.37
CA VAL J 142 51.04 5.79 -37.59
C VAL J 142 50.08 5.08 -36.64
N LEU J 143 50.24 3.76 -36.50
CA LEU J 143 49.47 2.99 -35.51
C LEU J 143 49.62 3.54 -34.10
N SER J 144 50.86 3.89 -33.73
CA SER J 144 51.17 4.49 -32.44
C SER J 144 50.35 5.75 -32.23
N SER J 145 50.49 6.68 -33.17
CA SER J 145 49.75 7.93 -33.13
C SER J 145 48.23 7.70 -33.21
N LEU J 146 47.86 6.68 -33.98
CA LEU J 146 46.46 6.27 -34.09
C LEU J 146 45.94 5.63 -32.79
N ALA J 147 46.87 5.09 -31.99
CA ALA J 147 46.55 4.54 -30.69
C ALA J 147 46.67 5.58 -29.59
N ARG J 148 47.83 6.23 -29.52
CA ARG J 148 48.16 7.22 -28.49
C ARG J 148 47.13 8.35 -28.37
N ALA J 149 46.75 8.90 -29.52
CA ALA J 149 45.77 9.98 -29.57
C ALA J 149 44.42 9.54 -29.01
N PHE J 150 44.02 8.30 -29.29
CA PHE J 150 42.74 7.76 -28.82
C PHE J 150 42.85 6.93 -27.53
N GLY J 151 43.91 7.16 -26.77
CA GLY J 151 44.03 6.58 -25.43
C GLY J 151 44.31 5.09 -25.39
N HIS J 152 45.27 4.65 -26.19
CA HIS J 152 45.75 3.26 -26.17
C HIS J 152 47.21 3.23 -26.62
N GLU J 153 47.81 2.04 -26.67
CA GLU J 153 49.16 1.86 -27.18
C GLU J 153 49.16 1.09 -28.50
N ALA J 154 50.20 1.31 -29.30
CA ALA J 154 50.35 0.70 -30.62
C ALA J 154 50.25 -0.81 -30.55
N TYR J 155 50.96 -1.41 -29.60
CA TYR J 155 51.05 -2.85 -29.49
C TYR J 155 49.69 -3.50 -29.23
N GLU J 156 48.82 -2.80 -28.49
CA GLU J 156 47.46 -3.29 -28.21
C GLU J 156 46.65 -3.52 -29.48
N MET J 157 46.91 -2.73 -30.51
CA MET J 157 46.14 -2.77 -31.75
C MET J 157 46.34 -4.05 -32.57
N ILE J 158 47.51 -4.66 -32.47
CA ILE J 158 47.89 -5.78 -33.36
C ILE J 158 47.95 -7.15 -32.67
N ILE J 159 47.49 -7.22 -31.42
CA ILE J 159 47.42 -8.50 -30.68
C ILE J 159 46.33 -9.38 -31.29
N PRO J 160 46.64 -10.66 -31.57
CA PRO J 160 45.63 -11.58 -32.08
C PRO J 160 44.63 -11.98 -30.98
N VAL J 161 43.71 -11.06 -30.69
CA VAL J 161 42.76 -11.21 -29.60
C VAL J 161 41.98 -12.54 -29.68
N GLY J 162 41.50 -12.88 -30.86
CA GLY J 162 40.67 -14.07 -31.07
C GLY J 162 41.32 -15.40 -30.74
N ALA J 163 42.65 -15.45 -30.74
CA ALA J 163 43.38 -16.66 -30.35
C ALA J 163 42.90 -17.20 -28.98
N PRO J 164 42.99 -18.53 -28.80
CA PRO J 164 42.59 -19.16 -27.53
C PRO J 164 43.39 -18.67 -26.32
N GLY J 165 44.71 -18.69 -26.43
CA GLY J 165 45.61 -18.41 -25.33
C GLY J 165 45.82 -16.95 -24.94
N ILE J 166 45.07 -16.03 -25.54
CA ILE J 166 45.23 -14.60 -25.24
C ILE J 166 43.94 -14.10 -24.60
N ILE J 167 44.04 -13.52 -23.40
CA ILE J 167 42.87 -12.88 -22.79
C ILE J 167 42.56 -11.60 -23.55
N ASP J 168 41.30 -11.45 -23.93
CA ASP J 168 40.80 -10.21 -24.46
C ASP J 168 40.48 -9.30 -23.27
N TYR J 169 41.26 -8.25 -23.13
CA TYR J 169 40.97 -7.22 -22.15
C TYR J 169 41.56 -5.90 -22.60
N ASP J 170 41.09 -4.80 -22.01
CA ASP J 170 41.69 -3.51 -22.28
C ASP J 170 42.99 -3.41 -21.48
N HIS J 171 44.11 -3.39 -22.21
CA HIS J 171 45.44 -3.34 -21.61
C HIS J 171 45.77 -2.01 -20.95
N ARG J 172 45.14 -0.93 -21.39
CA ARG J 172 45.36 0.38 -20.79
C ARG J 172 44.74 0.46 -19.39
N MET J 173 43.46 0.07 -19.27
CA MET J 173 42.76 0.09 -17.99
C MET J 173 43.45 -0.76 -16.94
N TYR J 174 44.00 -1.90 -17.38
CA TYR J 174 44.74 -2.78 -16.47
C TYR J 174 46.05 -2.13 -15.98
N ALA J 175 46.80 -1.52 -16.89
CA ALA J 175 47.99 -0.76 -16.50
C ALA J 175 47.65 0.43 -15.58
N ALA J 176 46.43 0.95 -15.72
CA ALA J 176 45.95 2.04 -14.87
C ALA J 176 45.53 1.56 -13.47
N LEU J 177 45.08 0.31 -13.36
CA LEU J 177 44.66 -0.26 -12.07
C LEU J 177 45.72 -0.08 -10.99
N PRO J 178 45.27 0.14 -9.74
CA PRO J 178 46.19 0.04 -8.62
C PRO J 178 46.73 -1.38 -8.49
N GLN J 179 47.97 -1.50 -8.01
CA GLN J 179 48.62 -2.80 -7.81
C GLN J 179 47.74 -3.78 -7.01
N GLU J 180 47.05 -3.26 -5.99
CA GLU J 180 46.11 -4.04 -5.18
C GLU J 180 45.05 -4.76 -6.04
N GLU J 181 44.46 -4.04 -6.98
CA GLU J 181 43.37 -4.58 -7.79
C GLU J 181 43.89 -5.47 -8.91
N LYS J 182 45.08 -5.17 -9.42
CA LYS J 182 45.76 -6.05 -10.39
C LYS J 182 46.01 -7.44 -9.82
N ASN J 183 46.34 -7.50 -8.53
CA ASN J 183 46.63 -8.76 -7.87
C ASN J 183 45.39 -9.61 -7.56
N LYS J 184 44.23 -8.96 -7.44
CA LYS J 184 42.96 -9.67 -7.30
C LYS J 184 42.63 -10.42 -8.59
N ILE J 185 42.86 -9.76 -9.72
CA ILE J 185 42.61 -10.37 -11.03
C ILE J 185 43.53 -11.57 -11.23
N THR J 186 44.82 -11.31 -11.12
CA THR J 186 45.85 -12.32 -11.25
C THR J 186 45.58 -13.53 -10.36
N SER J 187 45.40 -13.27 -9.07
CA SER J 187 45.07 -14.31 -8.11
C SER J 187 43.89 -15.15 -8.59
N PHE J 188 42.82 -14.51 -9.03
CA PHE J 188 41.64 -15.24 -9.52
C PHE J 188 41.94 -16.05 -10.80
N ILE J 189 42.83 -15.53 -11.66
CA ILE J 189 43.30 -16.28 -12.83
C ILE J 189 43.98 -17.58 -12.43
N ASN J 190 44.94 -17.51 -11.53
CA ASN J 190 45.63 -18.72 -11.03
C ASN J 190 44.71 -19.73 -10.36
N PHE J 191 43.72 -19.25 -9.63
CA PHE J 191 42.76 -20.14 -8.96
C PHE J 191 41.97 -20.96 -9.98
N VAL J 192 41.47 -20.28 -11.02
CA VAL J 192 40.74 -20.97 -12.10
C VAL J 192 41.61 -22.04 -12.79
N PHE J 193 42.88 -21.73 -13.08
CA PHE J 193 43.80 -22.72 -13.66
C PHE J 193 43.86 -23.97 -12.78
N GLU J 194 44.08 -23.77 -11.48
CA GLU J 194 44.16 -24.88 -10.54
C GLU J 194 42.85 -25.68 -10.49
N GLN J 195 41.72 -24.97 -10.54
CA GLN J 195 40.42 -25.63 -10.60
C GLN J 195 40.29 -26.54 -11.82
N ASN J 196 40.90 -26.14 -12.93
CA ASN J 196 40.86 -26.91 -14.18
C ASN J 196 42.15 -27.72 -14.43
N LYS J 197 42.95 -27.89 -13.38
CA LYS J 197 44.20 -28.65 -13.40
C LYS J 197 45.29 -27.94 -14.20
N GLU K 10 65.74 -19.43 18.17
CA GLU K 10 66.85 -19.10 17.21
C GLU K 10 66.75 -19.84 15.87
N GLU K 11 66.36 -21.12 15.91
CA GLU K 11 66.35 -21.98 14.73
C GLU K 11 64.94 -22.25 14.20
N GLY K 12 64.63 -21.63 13.06
CA GLY K 12 63.37 -21.88 12.36
C GLY K 12 62.13 -21.37 13.08
N PHE K 13 62.33 -20.47 14.03
CA PHE K 13 61.22 -19.91 14.79
C PHE K 13 60.40 -18.99 13.90
N GLU K 14 61.05 -17.96 13.34
CA GLU K 14 60.39 -16.99 12.48
C GLU K 14 59.56 -17.64 11.37
N GLU K 15 60.12 -18.68 10.74
CA GLU K 15 59.46 -19.37 9.64
C GLU K 15 58.27 -20.20 10.09
N ARG K 16 58.40 -20.88 11.23
CA ARG K 16 57.37 -21.79 11.73
C ARG K 16 56.14 -21.07 12.29
N ILE K 17 56.25 -19.77 12.54
CA ILE K 17 55.12 -18.97 13.02
C ILE K 17 54.15 -18.59 11.90
N HIS K 18 54.57 -18.72 10.64
CA HIS K 18 53.79 -18.21 9.51
C HIS K 18 52.57 -19.07 9.12
N THR K 19 52.38 -20.21 9.78
CA THR K 19 51.07 -20.86 9.75
C THR K 19 50.12 -20.04 10.63
N PRO K 20 48.81 -20.01 10.29
CA PRO K 20 47.84 -19.35 11.17
C PRO K 20 47.71 -19.99 12.56
N VAL K 21 48.02 -21.28 12.67
CA VAL K 21 48.00 -21.98 13.95
C VAL K 21 48.95 -21.28 14.93
N GLY K 22 50.16 -20.99 14.42
CA GLY K 22 51.19 -20.31 15.18
C GLY K 22 50.83 -18.89 15.57
N VAL K 23 50.04 -18.23 14.70
CA VAL K 23 49.51 -16.91 15.02
C VAL K 23 48.48 -17.00 16.15
N ARG K 24 47.63 -18.03 16.11
CA ARG K 24 46.61 -18.24 17.13
C ARG K 24 47.18 -18.69 18.48
N SER K 25 48.38 -19.27 18.47
CA SER K 25 49.06 -19.67 19.70
C SER K 25 49.65 -18.47 20.45
N LEU K 26 49.91 -17.37 19.73
CA LEU K 26 50.50 -16.17 20.34
C LEU K 26 49.59 -15.42 21.30
N VAL K 27 48.28 -15.64 21.20
CA VAL K 27 47.32 -14.91 22.02
C VAL K 27 47.50 -15.27 23.49
N GLU K 28 47.64 -16.56 23.75
CA GLU K 28 47.74 -17.09 25.11
C GLU K 28 49.16 -16.91 25.64
N ASP K 29 50.10 -17.69 25.11
CA ASP K 29 51.48 -17.68 25.59
C ASP K 29 52.40 -17.15 24.50
N SER K 30 53.14 -16.10 24.83
CA SER K 30 54.08 -15.50 23.89
C SER K 30 55.31 -14.95 24.62
N HIS K 31 56.45 -15.00 23.95
CA HIS K 31 57.67 -14.40 24.45
C HIS K 31 57.51 -12.88 24.54
N LEU K 32 56.70 -12.33 23.64
CA LEU K 32 56.48 -10.89 23.53
C LEU K 32 55.76 -10.31 24.76
N MET K 33 54.74 -11.04 25.22
CA MET K 33 53.92 -10.60 26.35
C MET K 33 54.73 -10.65 27.64
N LYS K 34 55.29 -11.81 27.93
CA LYS K 34 56.09 -12.00 29.13
C LYS K 34 57.05 -10.84 29.31
N LEU K 35 57.96 -10.65 28.35
CA LEU K 35 58.94 -9.58 28.39
C LEU K 35 58.35 -8.29 28.92
N LEU K 36 57.27 -7.82 28.29
CA LEU K 36 56.60 -6.60 28.73
C LEU K 36 56.10 -6.68 30.16
N ARG K 37 55.48 -7.81 30.52
CA ARG K 37 55.01 -8.06 31.89
C ARG K 37 56.19 -8.22 32.84
N GLU K 38 57.18 -9.02 32.43
CA GLU K 38 58.42 -9.18 33.20
C GLU K 38 59.23 -7.88 33.25
N LEU K 39 59.04 -6.98 32.28
CA LEU K 39 59.57 -5.62 32.38
C LEU K 39 58.78 -4.85 33.42
N ASP K 40 57.46 -5.02 33.41
CA ASP K 40 56.57 -4.41 34.40
C ASP K 40 56.88 -4.88 35.82
N LYS K 41 57.17 -6.17 35.97
CA LYS K 41 57.58 -6.72 37.25
C LYS K 41 58.88 -6.03 37.74
N ASP K 42 59.78 -5.74 36.80
CA ASP K 42 61.08 -5.14 37.11
C ASP K 42 61.08 -3.60 37.18
N GLY K 43 59.91 -3.00 37.34
CA GLY K 43 59.81 -1.55 37.54
C GLY K 43 59.87 -0.69 36.31
N PHE K 44 59.61 -1.26 35.13
CA PHE K 44 59.58 -0.49 33.89
C PHE K 44 58.17 -0.30 33.35
N ASN K 45 57.89 0.92 32.88
CA ASN K 45 56.62 1.25 32.25
C ASN K 45 56.49 0.63 30.85
N VAL K 46 55.55 -0.31 30.70
CA VAL K 46 55.29 -0.94 29.40
C VAL K 46 53.87 -0.63 28.90
N ASP K 47 53.17 0.29 29.56
CA ASP K 47 51.75 0.53 29.30
C ASP K 47 51.43 0.84 27.85
N GLY K 48 52.34 1.53 27.18
CA GLY K 48 52.23 1.76 25.75
C GLY K 48 52.33 0.44 25.00
N PRO K 49 53.52 -0.18 25.02
CA PRO K 49 53.74 -1.47 24.34
C PRO K 49 52.68 -2.52 24.67
N LEU K 50 52.40 -2.70 25.97
CA LEU K 50 51.54 -3.78 26.44
C LEU K 50 50.10 -3.63 25.94
N ALA K 51 49.61 -2.40 25.92
CA ALA K 51 48.29 -2.11 25.36
C ALA K 51 48.29 -2.25 23.83
N GLU K 52 49.37 -1.82 23.19
CA GLU K 52 49.52 -2.00 21.73
C GLU K 52 49.53 -3.47 21.36
N LEU K 53 50.24 -4.28 22.15
CA LEU K 53 50.21 -5.73 21.98
C LEU K 53 48.77 -6.23 22.13
N VAL K 54 48.09 -5.79 23.18
CA VAL K 54 46.68 -6.17 23.45
C VAL K 54 45.79 -5.93 22.24
N ALA K 55 45.98 -4.80 21.56
CA ALA K 55 45.25 -4.50 20.34
C ALA K 55 45.47 -5.55 19.23
N LEU K 56 46.71 -5.97 19.03
CA LEU K 56 47.08 -6.91 17.95
C LEU K 56 46.51 -8.28 18.19
N VAL K 57 46.72 -8.82 19.39
CA VAL K 57 46.23 -10.15 19.73
C VAL K 57 44.69 -10.20 19.80
N ASN K 58 44.07 -9.13 20.27
CA ASN K 58 42.61 -9.02 20.20
C ASN K 58 42.13 -8.98 18.75
N TYR K 59 42.88 -8.28 17.90
CA TYR K 59 42.57 -8.23 16.48
C TYR K 59 42.67 -9.61 15.82
N VAL K 60 43.69 -10.40 16.22
CA VAL K 60 43.84 -11.75 15.70
C VAL K 60 42.59 -12.57 16.01
N THR K 61 42.22 -12.59 17.28
CA THR K 61 41.03 -13.28 17.75
C THR K 61 39.78 -12.74 17.07
N SER K 62 39.71 -11.42 16.92
CA SER K 62 38.62 -10.76 16.21
C SER K 62 38.54 -11.15 14.73
N SER K 63 39.69 -11.22 14.09
CA SER K 63 39.79 -11.51 12.65
C SER K 63 39.45 -12.95 12.36
N GLN K 64 39.95 -13.85 13.21
CA GLN K 64 39.74 -15.27 13.05
C GLN K 64 38.30 -15.69 13.34
N MET K 65 37.71 -15.18 14.41
CA MET K 65 36.30 -15.46 14.69
C MET K 65 35.41 -14.93 13.56
N THR K 66 35.74 -13.76 13.02
CA THR K 66 35.07 -13.23 11.83
C THR K 66 35.28 -14.13 10.61
N MET K 67 36.49 -14.66 10.44
CA MET K 67 36.77 -15.53 9.28
C MET K 67 36.28 -16.96 9.49
N GLN K 68 36.49 -17.51 10.68
CA GLN K 68 35.83 -18.75 11.10
C GLN K 68 34.70 -18.35 12.05
N ASP K 69 33.48 -18.24 11.53
CA ASP K 69 33.14 -18.64 10.17
C ASP K 69 32.29 -17.59 9.39
N LEU K 70 32.98 -16.87 8.53
CA LEU K 70 32.40 -16.35 7.31
C LEU K 70 32.22 -17.56 6.39
N GLN K 71 33.05 -18.57 6.61
CA GLN K 71 33.00 -19.82 5.86
C GLN K 71 31.72 -20.63 6.06
N THR K 72 31.05 -20.45 7.20
CA THR K 72 29.83 -21.20 7.49
C THR K 72 28.73 -20.62 6.59
N HIS K 73 28.69 -19.29 6.49
CA HIS K 73 27.80 -18.62 5.54
C HIS K 73 28.15 -19.00 4.10
N LEU K 74 29.45 -19.05 3.80
CA LEU K 74 29.92 -19.55 2.50
C LEU K 74 29.55 -21.02 2.29
N ASP K 75 29.69 -21.83 3.33
CA ASP K 75 29.22 -23.21 3.30
C ASP K 75 27.71 -23.22 3.00
N TYR K 76 26.95 -22.43 3.75
CA TYR K 76 25.50 -22.35 3.54
C TYR K 76 25.16 -21.97 2.10
N CYS K 77 25.75 -20.88 1.62
CA CYS K 77 25.51 -20.40 0.25
C CYS K 77 25.82 -21.47 -0.79
N ALA K 78 26.92 -22.19 -0.60
CA ALA K 78 27.41 -23.13 -1.60
C ALA K 78 26.48 -24.33 -1.77
N GLU K 79 25.96 -24.83 -0.65
CA GLU K 79 25.04 -25.97 -0.66
C GLU K 79 23.72 -25.60 -1.29
N GLN K 80 23.20 -24.41 -0.94
CA GLN K 80 21.94 -23.92 -1.51
C GLN K 80 22.07 -23.71 -3.01
N LEU K 81 23.28 -23.34 -3.47
CA LEU K 81 23.59 -23.26 -4.89
C LEU K 81 23.69 -24.65 -5.52
N ARG K 82 24.29 -25.58 -4.79
CA ARG K 82 24.45 -26.95 -5.31
C ARG K 82 23.10 -27.66 -5.47
N LYS K 83 22.10 -27.23 -4.71
CA LYS K 83 20.72 -27.69 -4.94
C LYS K 83 20.31 -27.40 -6.38
N GLN K 84 20.53 -26.16 -6.81
CA GLN K 84 19.99 -25.67 -8.06
C GLN K 84 20.88 -25.85 -9.28
N THR K 85 22.09 -26.38 -9.11
CA THR K 85 23.06 -26.40 -10.20
C THR K 85 23.34 -27.82 -10.70
N THR K 86 23.83 -28.68 -9.83
CA THR K 86 24.05 -30.10 -10.18
C THR K 86 24.17 -30.95 -8.92
N GLU L 10 51.11 7.87 27.27
CA GLU L 10 50.79 6.41 27.37
C GLU L 10 49.53 6.14 28.21
N GLU L 11 48.47 6.90 27.96
CA GLU L 11 47.25 6.81 28.78
C GLU L 11 45.97 6.78 27.94
N GLY L 12 45.09 5.84 28.27
CA GLY L 12 43.75 5.77 27.68
C GLY L 12 43.68 5.40 26.20
N PHE L 13 44.84 5.22 25.56
CA PHE L 13 44.89 5.03 24.10
C PHE L 13 44.55 3.61 23.68
N GLU L 14 44.32 2.73 24.66
CA GLU L 14 43.86 1.37 24.43
C GLU L 14 42.58 1.33 23.59
N GLU L 15 41.58 2.12 24.01
CA GLU L 15 40.32 2.19 23.25
C GLU L 15 40.44 2.92 21.91
N ARG L 16 41.45 3.78 21.80
CA ARG L 16 41.71 4.51 20.55
C ARG L 16 42.24 3.56 19.47
N ILE L 17 43.19 2.71 19.86
CA ILE L 17 43.95 1.88 18.92
C ILE L 17 43.24 0.58 18.50
N HIS L 18 42.10 0.26 19.10
CA HIS L 18 41.38 -0.98 18.81
C HIS L 18 40.71 -1.03 17.43
N THR L 19 40.34 0.13 16.89
CA THR L 19 39.67 0.18 15.59
C THR L 19 40.57 -0.40 14.49
N PRO L 20 39.97 -0.98 13.44
CA PRO L 20 40.71 -1.49 12.28
C PRO L 20 41.80 -0.53 11.80
N VAL L 21 41.49 0.76 11.79
CA VAL L 21 42.45 1.79 11.39
C VAL L 21 43.61 1.82 12.39
N GLY L 22 43.25 1.86 13.67
CA GLY L 22 44.22 1.87 14.76
C GLY L 22 45.18 0.70 14.70
N VAL L 23 44.64 -0.48 14.42
CA VAL L 23 45.43 -1.70 14.36
C VAL L 23 46.40 -1.66 13.19
N ARG L 24 45.93 -1.14 12.06
CA ARG L 24 46.76 -1.04 10.86
C ARG L 24 47.93 -0.06 11.06
N SER L 25 47.68 1.02 11.79
CA SER L 25 48.70 2.03 12.05
C SER L 25 49.89 1.49 12.84
N LEU L 26 49.73 0.31 13.45
CA LEU L 26 50.81 -0.32 14.21
C LEU L 26 51.93 -0.95 13.39
N VAL L 27 51.62 -1.41 12.18
CA VAL L 27 52.59 -2.14 11.35
C VAL L 27 53.83 -1.28 11.05
N GLU L 28 53.60 -0.02 10.68
CA GLU L 28 54.65 0.89 10.29
C GLU L 28 55.31 1.48 11.53
N ASP L 29 54.52 2.15 12.36
CA ASP L 29 55.02 2.83 13.54
C ASP L 29 54.25 2.37 14.76
N SER L 30 54.98 1.81 15.73
CA SER L 30 54.41 1.34 16.99
C SER L 30 55.40 1.55 18.13
N HIS L 31 54.87 1.66 19.34
CA HIS L 31 55.68 1.71 20.56
C HIS L 31 56.50 0.45 20.72
N LEU L 32 55.84 -0.70 20.56
CA LEU L 32 56.49 -2.02 20.66
C LEU L 32 57.77 -2.09 19.83
N MET L 33 57.67 -1.65 18.57
CA MET L 33 58.78 -1.75 17.64
C MET L 33 59.86 -0.72 17.99
N LYS L 34 59.45 0.51 18.27
CA LYS L 34 60.37 1.51 18.80
C LYS L 34 61.08 1.01 20.06
N LEU L 35 60.34 0.34 20.93
CA LEU L 35 60.91 -0.27 22.15
C LEU L 35 61.88 -1.37 21.81
N LEU L 36 61.44 -2.31 20.99
CA LEU L 36 62.26 -3.47 20.63
C LEU L 36 63.54 -3.11 19.89
N ARG L 37 63.53 -2.00 19.17
CA ARG L 37 64.72 -1.51 18.48
C ARG L 37 65.54 -0.58 19.37
N GLU L 38 64.88 0.08 20.33
CA GLU L 38 65.57 0.85 21.36
C GLU L 38 66.26 -0.09 22.34
N LEU L 39 65.68 -1.26 22.58
CA LEU L 39 66.33 -2.27 23.41
C LEU L 39 67.40 -3.06 22.66
N ASP L 40 67.20 -3.25 21.35
CA ASP L 40 68.20 -3.92 20.52
C ASP L 40 69.50 -3.12 20.51
N LYS L 41 69.36 -1.81 20.28
CA LYS L 41 70.49 -0.89 20.22
C LYS L 41 71.24 -0.77 21.54
N ASP L 42 70.53 -0.97 22.66
CA ASP L 42 71.14 -0.93 23.99
C ASP L 42 71.83 -2.25 24.39
N GLY L 43 71.91 -3.20 23.46
CA GLY L 43 72.62 -4.44 23.68
C GLY L 43 71.84 -5.50 24.43
N PHE L 44 70.54 -5.59 24.14
CA PHE L 44 69.71 -6.68 24.64
C PHE L 44 69.31 -7.56 23.46
N ASN L 45 69.26 -8.87 23.70
CA ASN L 45 68.77 -9.82 22.70
C ASN L 45 67.28 -10.07 22.89
N VAL L 46 66.51 -9.81 21.85
CA VAL L 46 65.11 -10.19 21.81
C VAL L 46 64.94 -11.15 20.63
N ASP L 47 65.00 -12.44 20.96
CA ASP L 47 64.98 -13.52 19.97
C ASP L 47 63.57 -13.62 19.37
N GLY L 48 62.62 -13.98 20.21
CA GLY L 48 61.22 -14.12 19.80
C GLY L 48 60.52 -12.79 19.52
N PRO L 49 60.52 -11.86 20.49
CA PRO L 49 59.67 -10.65 20.44
C PRO L 49 59.63 -9.91 19.10
N LEU L 50 60.78 -9.72 18.47
CA LEU L 50 60.83 -9.10 17.14
C LEU L 50 60.20 -10.03 16.10
N ALA L 51 60.66 -11.28 16.09
CA ALA L 51 60.07 -12.29 15.24
C ALA L 51 58.55 -12.42 15.45
N GLU L 52 58.11 -12.25 16.71
CA GLU L 52 56.69 -12.30 17.05
C GLU L 52 55.95 -11.02 16.68
N LEU L 53 56.57 -9.87 16.95
CA LEU L 53 55.97 -8.59 16.56
C LEU L 53 55.84 -8.49 15.04
N VAL L 54 56.88 -8.93 14.32
CA VAL L 54 56.85 -9.00 12.86
C VAL L 54 55.75 -9.94 12.37
N ALA L 55 55.64 -11.11 13.01
CA ALA L 55 54.59 -12.07 12.68
C ALA L 55 53.17 -11.50 12.87
N LEU L 56 52.99 -10.71 13.93
CA LEU L 56 51.67 -10.14 14.25
C LEU L 56 51.26 -9.11 13.21
N VAL L 57 52.17 -8.20 12.93
CA VAL L 57 51.90 -7.15 11.93
C VAL L 57 51.79 -7.74 10.52
N ASN L 58 52.51 -8.83 10.24
CA ASN L 58 52.38 -9.54 8.97
C ASN L 58 51.11 -10.35 8.88
N TYR L 59 50.51 -10.70 10.02
CA TYR L 59 49.17 -11.25 10.03
C TYR L 59 48.12 -10.16 9.72
N VAL L 60 48.33 -8.96 10.24
CA VAL L 60 47.40 -7.85 10.02
C VAL L 60 47.33 -7.52 8.53
N THR L 61 48.48 -7.43 7.88
CA THR L 61 48.51 -7.14 6.46
C THR L 61 47.96 -8.30 5.63
N SER L 62 48.32 -9.51 6.03
CA SER L 62 47.82 -10.72 5.39
C SER L 62 46.29 -10.81 5.45
N SER L 63 45.72 -10.44 6.60
CA SER L 63 44.27 -10.50 6.82
C SER L 63 43.53 -9.37 6.15
N GLN L 64 44.04 -8.14 6.31
CA GLN L 64 43.39 -6.96 5.73
C GLN L 64 43.27 -7.08 4.20
N MET L 65 44.34 -7.52 3.55
CA MET L 65 44.36 -7.67 2.10
C MET L 65 43.44 -8.80 1.64
N THR L 66 43.50 -9.94 2.34
CA THR L 66 42.58 -11.05 2.12
C THR L 66 41.11 -10.62 2.25
N MET L 67 40.77 -9.94 3.34
CA MET L 67 39.42 -9.41 3.53
C MET L 67 39.08 -8.36 2.47
N GLN L 68 40.05 -7.55 2.10
CA GLN L 68 39.90 -6.58 1.01
C GLN L 68 39.56 -7.28 -0.31
N ASP L 69 40.18 -8.43 -0.53
CA ASP L 69 39.94 -9.24 -1.71
C ASP L 69 38.55 -9.86 -1.70
N LEU L 70 38.12 -10.35 -0.53
CA LEU L 70 36.81 -11.00 -0.42
C LEU L 70 35.66 -10.05 -0.69
N GLN L 71 35.73 -8.82 -0.19
CA GLN L 71 34.65 -7.87 -0.40
C GLN L 71 34.45 -7.58 -1.90
N THR L 72 35.54 -7.57 -2.65
CA THR L 72 35.46 -7.41 -4.11
C THR L 72 34.63 -8.53 -4.74
N HIS L 73 34.95 -9.77 -4.38
CA HIS L 73 34.19 -10.92 -4.88
C HIS L 73 32.73 -10.91 -4.39
N LEU L 74 32.51 -10.46 -3.16
CA LEU L 74 31.16 -10.37 -2.61
C LEU L 74 30.32 -9.34 -3.34
N ASP L 75 30.89 -8.15 -3.52
CA ASP L 75 30.28 -7.09 -4.32
C ASP L 75 30.05 -7.57 -5.76
N TYR L 76 30.99 -8.33 -6.31
CA TYR L 76 30.79 -8.95 -7.64
C TYR L 76 29.59 -9.90 -7.65
N CYS L 77 29.49 -10.76 -6.65
CA CYS L 77 28.39 -11.73 -6.57
C CYS L 77 27.06 -11.02 -6.45
N ALA L 78 26.98 -10.03 -5.56
CA ALA L 78 25.76 -9.25 -5.37
C ALA L 78 25.23 -8.68 -6.66
N GLU L 79 26.12 -8.23 -7.53
CA GLU L 79 25.75 -7.65 -8.81
C GLU L 79 25.04 -8.64 -9.74
N GLN L 80 25.63 -9.83 -9.88
CA GLN L 80 25.07 -10.85 -10.78
C GLN L 80 23.68 -11.26 -10.28
N LEU L 81 23.52 -11.38 -8.97
CA LEU L 81 22.22 -11.69 -8.38
C LEU L 81 21.22 -10.56 -8.61
N ARG L 82 21.68 -9.32 -8.48
CA ARG L 82 20.86 -8.13 -8.75
C ARG L 82 20.27 -8.19 -10.17
N LYS L 83 21.07 -8.65 -11.12
CA LYS L 83 20.61 -8.88 -12.50
C LYS L 83 19.53 -9.96 -12.60
N GLN L 84 19.57 -10.96 -11.73
CA GLN L 84 18.59 -12.05 -11.72
C GLN L 84 17.35 -11.83 -10.83
N THR L 85 17.38 -10.82 -9.97
CA THR L 85 16.31 -10.62 -8.97
C THR L 85 15.51 -9.32 -9.18
N THR L 86 16.10 -8.18 -8.83
CA THR L 86 15.44 -6.89 -8.99
C THR L 86 16.47 -5.77 -9.11
N PRO M 20 -34.52 36.64 -18.15
CA PRO M 20 -35.68 35.85 -17.75
C PRO M 20 -36.99 36.64 -17.79
N VAL M 21 -36.99 37.83 -17.23
CA VAL M 21 -38.15 38.73 -17.31
C VAL M 21 -38.36 39.15 -18.76
N GLY M 22 -37.26 39.43 -19.44
CA GLY M 22 -37.28 39.87 -20.83
C GLY M 22 -37.81 38.82 -21.79
N VAL M 23 -37.36 37.57 -21.64
CA VAL M 23 -37.81 36.47 -22.49
C VAL M 23 -39.27 36.09 -22.22
N ARG M 24 -39.70 36.23 -20.97
CA ARG M 24 -41.10 36.02 -20.61
C ARG M 24 -41.98 37.12 -21.19
N SER M 25 -41.44 38.33 -21.29
CA SER M 25 -42.16 39.45 -21.89
C SER M 25 -42.38 39.24 -23.39
N LEU M 26 -41.47 38.52 -24.05
CA LEU M 26 -41.60 38.21 -25.47
C LEU M 26 -42.82 37.35 -25.78
N VAL M 27 -43.20 36.53 -24.80
CA VAL M 27 -44.37 35.67 -24.90
C VAL M 27 -45.57 36.39 -25.49
N GLU M 28 -46.01 37.43 -24.79
CA GLU M 28 -47.29 38.07 -25.09
C GLU M 28 -47.13 39.24 -26.07
N ASP M 29 -46.15 40.10 -25.80
CA ASP M 29 -45.90 41.28 -26.64
C ASP M 29 -44.43 41.41 -27.04
N SER M 30 -44.16 41.14 -28.31
CA SER M 30 -42.82 41.31 -28.88
C SER M 30 -42.91 42.05 -30.21
N HIS M 31 -41.81 42.68 -30.60
CA HIS M 31 -41.74 43.42 -31.87
C HIS M 31 -41.87 42.45 -33.04
N LEU M 32 -41.20 41.29 -32.92
CA LEU M 32 -41.24 40.26 -33.95
C LEU M 32 -42.64 39.69 -34.19
N MET M 33 -43.44 39.61 -33.13
CA MET M 33 -44.81 39.11 -33.26
C MET M 33 -45.70 40.14 -33.95
N LYS M 34 -45.40 41.42 -33.73
CA LYS M 34 -46.06 42.50 -34.45
C LYS M 34 -45.59 42.47 -35.90
N LEU M 35 -44.28 42.44 -36.08
CA LEU M 35 -43.65 42.38 -37.40
C LEU M 35 -44.29 41.29 -38.26
N LEU M 36 -44.27 40.05 -37.76
CA LEU M 36 -44.82 38.91 -38.49
C LEU M 36 -46.31 39.07 -38.81
N ARG M 37 -47.05 39.72 -37.92
CA ARG M 37 -48.47 39.96 -38.16
C ARG M 37 -48.75 41.05 -39.22
N GLU M 38 -47.76 41.91 -39.48
CA GLU M 38 -47.85 42.91 -40.55
C GLU M 38 -47.52 42.31 -41.92
N LEU M 39 -46.55 41.39 -41.94
CA LEU M 39 -46.15 40.70 -43.18
C LEU M 39 -47.20 39.73 -43.70
N ASP M 40 -48.04 39.20 -42.80
CA ASP M 40 -49.08 38.24 -43.17
C ASP M 40 -50.16 38.85 -44.08
N LYS M 41 -50.46 40.14 -43.89
CA LYS M 41 -51.48 40.84 -44.66
C LYS M 41 -51.12 41.03 -46.13
N ASP M 42 -49.82 41.16 -46.42
CA ASP M 42 -49.33 41.44 -47.78
C ASP M 42 -49.70 40.36 -48.80
N GLY M 43 -49.87 39.13 -48.34
CA GLY M 43 -50.11 37.99 -49.21
C GLY M 43 -48.98 36.97 -49.12
N PHE M 44 -47.84 37.42 -48.58
CA PHE M 44 -46.69 36.55 -48.35
C PHE M 44 -47.04 35.58 -47.22
N ASN M 45 -47.06 34.28 -47.54
CA ASN M 45 -47.38 33.25 -46.56
C ASN M 45 -46.22 33.03 -45.59
N VAL M 46 -46.43 33.41 -44.34
CA VAL M 46 -45.39 33.29 -43.30
C VAL M 46 -45.73 32.15 -42.32
N ASP M 47 -46.37 31.09 -42.82
CA ASP M 47 -46.78 29.96 -41.98
C ASP M 47 -45.58 29.27 -41.34
N GLY M 48 -44.49 29.14 -42.10
CA GLY M 48 -43.24 28.57 -41.59
C GLY M 48 -42.61 29.37 -40.47
N PRO M 49 -42.28 30.66 -40.75
CA PRO M 49 -41.78 31.60 -39.74
C PRO M 49 -42.70 31.81 -38.53
N LEU M 50 -44.00 31.92 -38.78
CA LEU M 50 -44.97 32.16 -37.71
C LEU M 50 -45.15 30.94 -36.81
N ALA M 51 -45.18 29.75 -37.41
CA ALA M 51 -45.29 28.50 -36.65
C ALA M 51 -44.11 28.32 -35.69
N GLU M 52 -42.92 28.78 -36.09
CA GLU M 52 -41.71 28.70 -35.28
C GLU M 52 -41.77 29.59 -34.04
N LEU M 53 -42.13 30.86 -34.24
CA LEU M 53 -42.24 31.80 -33.15
C LEU M 53 -43.18 31.29 -32.07
N VAL M 54 -44.36 30.84 -32.49
CA VAL M 54 -45.35 30.27 -31.58
C VAL M 54 -44.74 29.15 -30.71
N ALA M 55 -43.99 28.26 -31.35
CA ALA M 55 -43.35 27.16 -30.64
C ALA M 55 -42.31 27.66 -29.63
N LEU M 56 -41.40 28.51 -30.11
CA LEU M 56 -40.39 29.10 -29.24
C LEU M 56 -41.02 29.81 -28.05
N VAL M 57 -42.06 30.59 -28.35
CA VAL M 57 -42.81 31.28 -27.31
C VAL M 57 -43.48 30.26 -26.37
N ASN M 58 -44.17 29.27 -26.93
CA ASN M 58 -44.78 28.20 -26.13
C ASN M 58 -43.81 27.42 -25.26
N TYR M 59 -42.56 27.32 -25.71
CA TYR M 59 -41.50 26.68 -24.95
C TYR M 59 -41.13 27.49 -23.71
N VAL M 60 -41.27 28.82 -23.79
CA VAL M 60 -40.99 29.70 -22.66
C VAL M 60 -42.03 29.49 -21.57
N THR M 61 -43.31 29.46 -21.94
CA THR M 61 -44.37 29.17 -20.97
C THR M 61 -44.21 27.79 -20.37
N SER M 62 -43.93 26.81 -21.23
CA SER M 62 -43.86 25.40 -20.82
C SER M 62 -42.66 25.15 -19.91
N SER M 63 -41.48 25.56 -20.35
CA SER M 63 -40.24 25.35 -19.59
C SER M 63 -40.23 26.09 -18.26
N GLN M 64 -40.83 27.28 -18.23
CA GLN M 64 -40.90 28.09 -17.03
C GLN M 64 -41.83 27.49 -15.99
N MET M 65 -42.93 26.90 -16.45
CA MET M 65 -43.89 26.28 -15.54
C MET M 65 -43.31 25.01 -14.93
N THR M 66 -42.61 24.22 -15.76
CA THR M 66 -41.89 23.04 -15.29
C THR M 66 -40.81 23.40 -14.28
N MET M 67 -39.99 24.40 -14.58
CA MET M 67 -38.93 24.82 -13.67
C MET M 67 -39.52 25.24 -12.33
N GLN M 68 -40.57 26.05 -12.40
CA GLN M 68 -41.37 26.43 -11.23
C GLN M 68 -41.94 25.20 -10.50
N ASP M 69 -42.38 24.21 -11.26
CA ASP M 69 -42.86 22.95 -10.70
C ASP M 69 -41.71 22.20 -9.99
N LEU M 70 -40.58 22.06 -10.67
CA LEU M 70 -39.39 21.46 -10.06
C LEU M 70 -38.94 22.24 -8.82
N GLN M 71 -39.05 23.56 -8.86
CA GLN M 71 -38.76 24.39 -7.69
C GLN M 71 -39.60 24.00 -6.47
N THR M 72 -40.85 23.62 -6.70
CA THR M 72 -41.74 23.25 -5.61
C THR M 72 -41.34 21.91 -4.97
N HIS M 73 -40.93 20.95 -5.79
CA HIS M 73 -40.57 19.62 -5.34
C HIS M 73 -39.19 19.53 -4.69
N LEU M 74 -38.23 20.31 -5.16
CA LEU M 74 -36.92 20.34 -4.55
C LEU M 74 -37.00 20.99 -3.19
N ASP M 75 -37.88 21.99 -3.06
CA ASP M 75 -38.11 22.65 -1.77
C ASP M 75 -38.85 21.71 -0.80
N TYR M 76 -39.69 20.83 -1.33
CA TYR M 76 -40.32 19.78 -0.52
C TYR M 76 -39.28 18.76 -0.07
N CYS M 77 -38.46 18.30 -1.01
CA CYS M 77 -37.40 17.33 -0.71
C CYS M 77 -36.44 17.90 0.33
N ALA M 78 -36.08 19.16 0.16
CA ALA M 78 -35.20 19.86 1.09
C ALA M 78 -35.83 19.95 2.49
N GLU M 79 -37.13 20.21 2.53
CA GLU M 79 -37.91 20.27 3.78
C GLU M 79 -37.85 18.95 4.55
N GLN M 80 -38.11 17.84 3.85
CA GLN M 80 -38.07 16.53 4.49
C GLN M 80 -36.67 16.21 5.05
N LEU M 81 -35.63 16.55 4.29
CA LEU M 81 -34.25 16.26 4.71
C LEU M 81 -33.86 17.06 5.96
N ARG M 82 -34.23 18.33 6.00
CA ARG M 82 -34.02 19.17 7.18
C ARG M 82 -34.63 18.55 8.45
N LYS M 83 -35.86 18.07 8.37
CA LYS M 83 -36.50 17.42 9.51
C LYS M 83 -35.73 16.20 9.99
N GLN M 84 -35.17 15.44 9.05
CA GLN M 84 -34.37 14.27 9.36
C GLN M 84 -32.97 14.61 9.89
N THR M 85 -32.49 15.81 9.55
CA THR M 85 -31.12 16.23 9.89
C THR M 85 -31.04 17.23 11.04
N THR M 86 -31.93 18.21 11.09
CA THR M 86 -31.84 19.30 12.07
C THR M 86 -31.87 18.78 13.51
N THR N 19 -42.59 19.47 -31.19
CA THR N 19 -41.71 18.60 -30.35
C THR N 19 -40.40 19.32 -29.98
N PRO N 20 -39.80 18.96 -28.84
CA PRO N 20 -38.53 19.58 -28.42
C PRO N 20 -37.39 19.40 -29.43
N VAL N 21 -37.37 18.28 -30.13
CA VAL N 21 -36.37 18.03 -31.18
C VAL N 21 -36.45 19.15 -32.23
N GLY N 22 -37.68 19.54 -32.56
CA GLY N 22 -37.91 20.64 -33.48
C GLY N 22 -37.41 21.96 -32.93
N VAL N 23 -37.73 22.23 -31.67
CA VAL N 23 -37.36 23.48 -31.00
C VAL N 23 -35.84 23.61 -30.84
N ARG N 24 -35.15 22.50 -30.56
CA ARG N 24 -33.69 22.52 -30.50
C ARG N 24 -33.09 22.85 -31.87
N SER N 25 -33.71 22.33 -32.93
CA SER N 25 -33.26 22.61 -34.31
C SER N 25 -33.52 24.07 -34.73
N LEU N 26 -34.46 24.75 -34.05
CA LEU N 26 -34.71 26.17 -34.30
C LEU N 26 -33.56 27.07 -33.81
N VAL N 27 -32.64 26.51 -33.03
CA VAL N 27 -31.46 27.23 -32.55
C VAL N 27 -30.69 27.81 -33.73
N GLU N 28 -30.15 26.94 -34.58
CA GLU N 28 -29.34 27.38 -35.71
C GLU N 28 -30.15 27.46 -37.01
N ASP N 29 -29.92 28.56 -37.74
CA ASP N 29 -30.55 28.83 -39.04
C ASP N 29 -32.01 28.35 -39.17
N SER N 30 -32.89 29.02 -38.43
CA SER N 30 -34.34 28.80 -38.57
C SER N 30 -34.85 29.49 -39.84
N HIS N 31 -36.14 29.32 -40.13
CA HIS N 31 -36.79 29.99 -41.25
C HIS N 31 -37.01 31.45 -40.86
N LEU N 32 -37.20 31.69 -39.57
CA LEU N 32 -37.26 33.04 -39.01
C LEU N 32 -35.90 33.72 -39.14
N MET N 33 -34.84 32.94 -38.91
CA MET N 33 -33.47 33.42 -39.10
C MET N 33 -33.17 33.77 -40.56
N LYS N 34 -33.53 32.87 -41.48
CA LYS N 34 -33.29 33.10 -42.92
C LYS N 34 -34.11 34.30 -43.43
N LEU N 35 -35.27 34.53 -42.83
CA LEU N 35 -36.12 35.66 -43.18
C LEU N 35 -35.54 36.99 -42.71
N LEU N 36 -35.05 37.02 -41.47
CA LEU N 36 -34.64 38.27 -40.84
C LEU N 36 -33.32 38.81 -41.41
N ARG N 37 -32.44 37.92 -41.87
CA ARG N 37 -31.13 38.32 -42.37
C ARG N 37 -31.22 39.04 -43.72
N GLU N 38 -31.93 38.46 -44.67
CA GLU N 38 -32.09 39.08 -46.01
C GLU N 38 -32.86 40.41 -45.95
N LEU N 39 -33.73 40.56 -44.95
CA LEU N 39 -34.43 41.83 -44.73
C LEU N 39 -33.53 42.94 -44.19
N ASP N 40 -32.51 42.56 -43.42
CA ASP N 40 -31.49 43.51 -42.94
C ASP N 40 -30.63 44.06 -44.08
N LYS N 41 -30.37 43.22 -45.09
CA LYS N 41 -29.54 43.60 -46.24
C LYS N 41 -30.24 44.64 -47.13
N ASP N 42 -31.56 44.69 -47.06
CA ASP N 42 -32.35 45.64 -47.84
C ASP N 42 -32.24 47.08 -47.35
N GLY N 43 -31.81 47.26 -46.10
CA GLY N 43 -31.50 48.60 -45.58
C GLY N 43 -32.30 49.08 -44.38
N PHE N 44 -33.27 48.27 -43.94
CA PHE N 44 -34.07 48.59 -42.76
C PHE N 44 -33.50 47.84 -41.56
N ASN N 45 -33.32 48.55 -40.44
CA ASN N 45 -32.68 48.00 -39.25
C ASN N 45 -33.59 47.02 -38.51
N VAL N 46 -33.25 45.74 -38.61
CA VAL N 46 -33.98 44.68 -37.91
C VAL N 46 -33.17 44.12 -36.73
N ASP N 47 -32.16 44.87 -36.28
CA ASP N 47 -31.31 44.44 -35.15
C ASP N 47 -32.10 44.28 -33.85
N GLY N 48 -33.12 45.13 -33.67
CA GLY N 48 -34.04 44.99 -32.55
C GLY N 48 -34.72 43.63 -32.53
N PRO N 49 -35.37 43.27 -33.66
CA PRO N 49 -35.89 41.91 -33.89
C PRO N 49 -34.81 40.81 -33.87
N LEU N 50 -33.68 41.05 -34.53
CA LEU N 50 -32.57 40.08 -34.54
C LEU N 50 -32.03 39.81 -33.12
N ALA N 51 -32.05 40.82 -32.27
CA ALA N 51 -31.61 40.67 -30.88
C ALA N 51 -32.54 39.76 -30.09
N GLU N 52 -33.84 39.85 -30.37
CA GLU N 52 -34.86 39.05 -29.68
C GLU N 52 -34.72 37.56 -29.97
N LEU N 53 -34.53 37.23 -31.25
CA LEU N 53 -34.37 35.84 -31.66
C LEU N 53 -33.12 35.22 -31.03
N VAL N 54 -32.06 36.03 -30.92
CA VAL N 54 -30.83 35.64 -30.22
C VAL N 54 -31.10 35.21 -28.78
N ALA N 55 -31.92 36.00 -28.08
CA ALA N 55 -32.23 35.74 -26.68
C ALA N 55 -32.97 34.40 -26.50
N LEU N 56 -34.01 34.20 -27.30
CA LEU N 56 -34.81 32.98 -27.26
C LEU N 56 -33.99 31.75 -27.65
N VAL N 57 -33.29 31.84 -28.77
CA VAL N 57 -32.46 30.74 -29.26
C VAL N 57 -31.36 30.37 -28.27
N ASN N 58 -30.77 31.38 -27.65
CA ASN N 58 -29.80 31.14 -26.57
C ASN N 58 -30.49 30.55 -25.36
N TYR N 59 -31.70 31.03 -25.07
CA TYR N 59 -32.50 30.49 -23.97
C TYR N 59 -32.78 29.01 -24.20
N VAL N 60 -33.19 28.64 -25.42
CA VAL N 60 -33.42 27.23 -25.74
C VAL N 60 -32.16 26.44 -25.40
N THR N 61 -31.01 26.90 -25.88
CA THR N 61 -29.74 26.23 -25.61
C THR N 61 -29.46 26.13 -24.11
N SER N 62 -29.53 27.26 -23.43
CA SER N 62 -29.21 27.35 -22.02
C SER N 62 -30.17 26.55 -21.14
N SER N 63 -31.47 26.73 -21.39
CA SER N 63 -32.51 26.03 -20.62
C SER N 63 -32.39 24.52 -20.79
N GLN N 64 -32.03 24.07 -21.99
CA GLN N 64 -31.81 22.65 -22.27
C GLN N 64 -30.51 22.13 -21.65
N MET N 65 -29.53 23.01 -21.48
CA MET N 65 -28.26 22.64 -20.86
C MET N 65 -28.47 22.41 -19.37
N THR N 66 -29.25 23.29 -18.75
CA THR N 66 -29.56 23.21 -17.34
C THR N 66 -30.40 21.97 -17.03
N MET N 67 -31.43 21.71 -17.84
CA MET N 67 -32.29 20.55 -17.65
C MET N 67 -31.52 19.22 -17.67
N GLN N 68 -30.58 19.07 -18.60
CA GLN N 68 -29.74 17.88 -18.66
C GLN N 68 -28.79 17.81 -17.46
N ASP N 69 -28.39 18.97 -16.96
CA ASP N 69 -27.53 19.03 -15.77
C ASP N 69 -28.31 18.55 -14.54
N LEU N 70 -29.56 19.00 -14.43
CA LEU N 70 -30.45 18.52 -13.39
C LEU N 70 -30.68 17.02 -13.52
N GLN N 71 -30.81 16.53 -14.76
CA GLN N 71 -31.02 15.11 -15.01
C GLN N 71 -29.97 14.24 -14.36
N THR N 72 -28.72 14.61 -14.59
CA THR N 72 -27.59 13.89 -14.02
C THR N 72 -27.62 13.90 -12.51
N HIS N 73 -27.96 15.05 -11.93
CA HIS N 73 -27.92 15.24 -10.49
C HIS N 73 -29.09 14.57 -9.77
N LEU N 74 -30.24 14.49 -10.44
CA LEU N 74 -31.37 13.73 -9.89
C LEU N 74 -31.09 12.25 -10.01
N ASP N 75 -30.52 11.84 -11.14
CA ASP N 75 -30.04 10.46 -11.32
C ASP N 75 -29.08 10.08 -10.18
N TYR N 76 -28.16 10.98 -9.87
CA TYR N 76 -27.18 10.77 -8.80
C TYR N 76 -27.89 10.62 -7.45
N CYS N 77 -28.76 11.58 -7.14
CA CYS N 77 -29.57 11.54 -5.92
C CYS N 77 -30.39 10.25 -5.79
N ALA N 78 -31.05 9.85 -6.87
CA ALA N 78 -31.83 8.59 -6.89
C ALA N 78 -30.94 7.35 -6.72
N GLU N 79 -29.71 7.40 -7.22
CA GLU N 79 -28.76 6.29 -7.06
C GLU N 79 -28.34 6.12 -5.61
N GLN N 80 -28.09 7.23 -4.91
CA GLN N 80 -27.72 7.17 -3.49
C GLN N 80 -28.88 6.67 -2.65
N LEU N 81 -30.09 7.06 -3.04
CA LEU N 81 -31.32 6.63 -2.35
C LEU N 81 -31.57 5.15 -2.53
N ARG N 82 -31.33 4.65 -3.75
CA ARG N 82 -31.46 3.23 -4.07
C ARG N 82 -30.65 2.36 -3.11
N LYS N 83 -29.38 2.71 -2.94
CA LYS N 83 -28.46 1.96 -2.08
C LYS N 83 -28.91 1.86 -0.63
N GLN N 84 -29.35 2.99 -0.05
CA GLN N 84 -29.83 3.03 1.33
C GLN N 84 -31.19 2.34 1.55
N THR N 85 -31.96 2.14 0.49
CA THR N 85 -33.30 1.53 0.59
C THR N 85 -33.43 0.14 -0.02
N THR N 86 -32.40 -0.32 -0.73
CA THR N 86 -32.44 -1.60 -1.44
C THR N 86 -31.11 -2.32 -1.32
N THR O 19 12.81 -9.87 -18.25
CA THR O 19 12.69 -9.17 -16.94
C THR O 19 12.34 -10.18 -15.84
N PRO O 20 13.13 -10.20 -14.73
CA PRO O 20 12.88 -11.08 -13.58
C PRO O 20 11.47 -10.95 -12.98
N VAL O 21 10.98 -9.71 -12.87
CA VAL O 21 9.62 -9.47 -12.37
C VAL O 21 8.61 -10.16 -13.29
N GLY O 22 8.82 -10.02 -14.60
CA GLY O 22 7.98 -10.66 -15.61
C GLY O 22 8.01 -12.16 -15.49
N VAL O 23 9.20 -12.72 -15.30
CA VAL O 23 9.34 -14.16 -15.10
C VAL O 23 8.58 -14.59 -13.84
N ARG O 24 8.69 -13.79 -12.78
CA ARG O 24 8.02 -14.09 -11.52
C ARG O 24 6.49 -14.04 -11.61
N SER O 25 5.96 -13.26 -12.56
CA SER O 25 4.51 -13.22 -12.82
C SER O 25 3.97 -14.49 -13.51
N LEU O 26 4.83 -15.20 -14.24
CA LEU O 26 4.41 -16.42 -14.98
C LEU O 26 4.03 -17.60 -14.09
N VAL O 27 4.38 -17.55 -12.80
CA VAL O 27 4.07 -18.64 -11.89
C VAL O 27 2.58 -18.61 -11.50
N GLU O 28 2.04 -17.41 -11.26
CA GLU O 28 0.64 -17.25 -10.85
C GLU O 28 -0.31 -17.40 -12.03
N ASP O 29 -0.13 -16.52 -13.02
CA ASP O 29 -0.96 -16.51 -14.23
C ASP O 29 -0.06 -16.51 -15.46
N SER O 30 -0.35 -17.42 -16.40
CA SER O 30 0.37 -17.46 -17.66
C SER O 30 -0.53 -17.96 -18.78
N HIS O 31 -0.28 -17.47 -19.99
CA HIS O 31 -1.00 -17.89 -21.19
C HIS O 31 -0.68 -19.36 -21.48
N LEU O 32 0.56 -19.76 -21.17
CA LEU O 32 1.04 -21.11 -21.45
C LEU O 32 0.35 -22.17 -20.59
N MET O 33 0.07 -21.83 -19.33
CA MET O 33 -0.61 -22.74 -18.41
C MET O 33 -2.05 -23.00 -18.84
N LYS O 34 -2.77 -21.93 -19.13
CA LYS O 34 -4.18 -22.02 -19.50
C LYS O 34 -4.35 -22.85 -20.76
N LEU O 35 -3.60 -22.52 -21.81
CA LEU O 35 -3.65 -23.30 -23.06
C LEU O 35 -3.65 -24.80 -22.78
N LEU O 36 -2.70 -25.24 -21.95
CA LEU O 36 -2.57 -26.67 -21.59
C LEU O 36 -3.77 -27.22 -20.82
N ARG O 37 -4.23 -26.47 -19.82
CA ARG O 37 -5.42 -26.87 -19.04
C ARG O 37 -6.71 -26.72 -19.85
N GLU O 38 -6.79 -25.68 -20.66
CA GLU O 38 -7.93 -25.46 -21.56
C GLU O 38 -7.93 -26.47 -22.71
N LEU O 39 -6.76 -26.99 -23.04
CA LEU O 39 -6.64 -28.09 -24.00
C LEU O 39 -7.06 -29.40 -23.34
N ASP O 40 -6.67 -29.57 -22.07
CA ASP O 40 -7.12 -30.69 -21.24
C ASP O 40 -8.62 -30.62 -20.94
N LYS O 41 -9.14 -29.40 -20.81
CA LYS O 41 -10.57 -29.14 -20.72
C LYS O 41 -11.32 -29.67 -21.95
N ASP O 42 -10.68 -29.54 -23.11
CA ASP O 42 -11.25 -29.99 -24.39
C ASP O 42 -10.91 -31.46 -24.72
N GLY O 43 -10.52 -32.24 -23.72
CA GLY O 43 -10.29 -33.66 -23.89
C GLY O 43 -9.04 -34.00 -24.68
N PHE O 44 -7.93 -33.34 -24.34
CA PHE O 44 -6.63 -33.63 -24.92
C PHE O 44 -5.66 -34.14 -23.85
N ASN O 45 -4.76 -35.03 -24.24
CA ASN O 45 -3.71 -35.50 -23.35
C ASN O 45 -2.59 -34.46 -23.25
N VAL O 46 -2.50 -33.83 -22.08
CA VAL O 46 -1.57 -32.73 -21.85
C VAL O 46 -0.59 -33.04 -20.70
N ASP O 47 -0.65 -34.26 -20.18
CA ASP O 47 0.02 -34.63 -18.94
C ASP O 47 1.55 -34.50 -18.98
N GLY O 48 2.13 -34.74 -20.15
CA GLY O 48 3.58 -34.60 -20.36
C GLY O 48 4.06 -33.15 -20.39
N PRO O 49 3.50 -32.33 -21.30
CA PRO O 49 3.76 -30.88 -21.34
C PRO O 49 3.44 -30.15 -20.03
N LEU O 50 2.28 -30.44 -19.45
CA LEU O 50 1.85 -29.79 -18.20
C LEU O 50 2.75 -30.14 -17.01
N ALA O 51 3.27 -31.37 -16.98
CA ALA O 51 4.25 -31.76 -15.96
C ALA O 51 5.60 -31.07 -16.22
N GLU O 52 5.97 -30.95 -17.50
CA GLU O 52 7.18 -30.22 -17.88
C GLU O 52 7.06 -28.72 -17.61
N LEU O 53 5.87 -28.17 -17.78
CA LEU O 53 5.61 -26.77 -17.43
C LEU O 53 5.82 -26.57 -15.94
N VAL O 54 5.16 -27.40 -15.13
CA VAL O 54 5.23 -27.31 -13.67
C VAL O 54 6.67 -27.22 -13.18
N ALA O 55 7.54 -28.04 -13.74
CA ALA O 55 8.95 -28.07 -13.35
C ALA O 55 9.66 -26.75 -13.62
N LEU O 56 9.35 -26.10 -14.74
CA LEU O 56 9.95 -24.82 -15.09
C LEU O 56 9.57 -23.73 -14.09
N VAL O 57 8.28 -23.61 -13.80
CA VAL O 57 7.79 -22.58 -12.85
C VAL O 57 8.18 -22.89 -11.41
N ASN O 58 8.16 -24.17 -11.05
CA ASN O 58 8.65 -24.59 -9.74
C ASN O 58 10.15 -24.33 -9.60
N TYR O 59 10.87 -24.43 -10.72
CA TYR O 59 12.29 -24.07 -10.74
C TYR O 59 12.50 -22.56 -10.59
N VAL O 60 11.64 -21.75 -11.22
CA VAL O 60 11.69 -20.30 -11.06
C VAL O 60 11.54 -19.92 -9.59
N THR O 61 10.53 -20.50 -8.94
CA THR O 61 10.29 -20.24 -7.52
C THR O 61 11.42 -20.77 -6.65
N SER O 62 11.90 -21.96 -6.98
CA SER O 62 13.05 -22.54 -6.29
C SER O 62 14.25 -21.60 -6.42
N SER O 63 14.57 -21.19 -7.65
CA SER O 63 15.74 -20.37 -7.96
C SER O 63 15.72 -19.02 -7.28
N GLN O 64 14.58 -18.35 -7.35
CA GLN O 64 14.45 -17.00 -6.82
C GLN O 64 14.58 -17.01 -5.31
N MET O 65 13.77 -17.82 -4.63
CA MET O 65 13.84 -17.92 -3.17
C MET O 65 15.25 -18.35 -2.70
N THR O 66 15.98 -19.06 -3.55
CA THR O 66 17.38 -19.38 -3.32
C THR O 66 18.27 -18.16 -3.47
N MET O 67 18.06 -17.39 -4.54
CA MET O 67 18.84 -16.18 -4.77
C MET O 67 18.38 -15.02 -3.88
N GLN O 68 17.07 -14.94 -3.60
CA GLN O 68 16.51 -14.00 -2.61
C GLN O 68 16.02 -14.75 -1.37
N ASP O 69 16.86 -14.85 -0.34
CA ASP O 69 18.12 -14.13 -0.29
C ASP O 69 19.34 -14.99 0.08
N LEU O 70 20.07 -15.42 -0.94
CA LEU O 70 21.49 -15.67 -0.83
C LEU O 70 22.14 -14.32 -0.54
N GLN O 71 21.50 -13.25 -1.03
CA GLN O 71 21.92 -11.87 -0.80
C GLN O 71 21.99 -11.46 0.66
N THR O 72 21.12 -12.01 1.50
CA THR O 72 21.07 -11.68 2.93
C THR O 72 22.35 -12.20 3.58
N HIS O 73 22.75 -13.41 3.21
CA HIS O 73 24.02 -13.96 3.64
C HIS O 73 25.19 -13.16 3.07
N LEU O 74 25.09 -12.74 1.81
CA LEU O 74 26.10 -11.88 1.21
C LEU O 74 26.13 -10.52 1.88
N ASP O 75 24.95 -10.02 2.21
CA ASP O 75 24.80 -8.78 2.98
C ASP O 75 25.41 -8.92 4.36
N TYR O 76 25.22 -10.08 4.98
CA TYR O 76 25.73 -10.31 6.32
C TYR O 76 27.25 -10.30 6.33
N CYS O 77 27.85 -11.06 5.43
CA CYS O 77 29.30 -11.13 5.28
C CYS O 77 29.95 -9.77 5.03
N ALA O 78 29.36 -9.00 4.11
CA ALA O 78 29.90 -7.69 3.73
C ALA O 78 29.93 -6.71 4.91
N GLU O 79 28.88 -6.72 5.72
CA GLU O 79 28.83 -5.86 6.92
C GLU O 79 29.83 -6.35 7.97
N GLN O 80 29.95 -7.66 8.09
CA GLN O 80 30.96 -8.26 8.95
C GLN O 80 32.38 -7.87 8.52
N LEU O 81 32.60 -7.80 7.21
CA LEU O 81 33.87 -7.34 6.65
C LEU O 81 34.05 -5.83 6.85
N ARG O 82 32.97 -5.08 6.65
CA ARG O 82 32.98 -3.62 6.84
C ARG O 82 33.41 -3.22 8.26
N LYS O 83 33.03 -4.02 9.26
CA LYS O 83 33.51 -3.82 10.63
C LYS O 83 35.04 -3.83 10.72
N GLN O 84 35.66 -4.81 10.04
CA GLN O 84 37.08 -5.08 10.18
C GLN O 84 38.00 -4.25 9.26
N THR O 85 37.42 -3.47 8.35
CA THR O 85 38.21 -2.82 7.29
C THR O 85 38.24 -1.30 7.41
N THR O 86 37.06 -0.69 7.40
CA THR O 86 36.95 0.78 7.54
C THR O 86 35.57 1.15 8.07
N PRO P 20 16.53 -30.01 -10.81
CA PRO P 20 17.76 -29.42 -11.33
C PRO P 20 18.23 -30.06 -12.63
N VAL P 21 18.54 -31.36 -12.59
CA VAL P 21 18.87 -32.11 -13.79
C VAL P 21 17.65 -32.16 -14.71
N GLY P 22 16.51 -32.54 -14.13
CA GLY P 22 15.26 -32.69 -14.85
C GLY P 22 14.81 -31.41 -15.54
N VAL P 23 14.94 -30.29 -14.83
CA VAL P 23 14.51 -28.99 -15.35
C VAL P 23 15.42 -28.55 -16.48
N ARG P 24 16.71 -28.88 -16.38
CA ARG P 24 17.69 -28.55 -17.40
C ARG P 24 17.44 -29.29 -18.72
N SER P 25 16.98 -30.53 -18.61
CA SER P 25 16.69 -31.34 -19.81
C SER P 25 15.51 -30.83 -20.63
N LEU P 26 14.65 -29.99 -20.04
CA LEU P 26 13.48 -29.47 -20.74
C LEU P 26 13.87 -28.49 -21.84
N VAL P 27 14.90 -27.70 -21.58
CA VAL P 27 15.27 -26.58 -22.45
C VAL P 27 15.43 -27.03 -23.91
N GLU P 28 16.08 -28.16 -24.12
CA GLU P 28 16.38 -28.65 -25.47
C GLU P 28 15.19 -29.46 -26.01
N ASP P 29 14.92 -30.61 -25.40
CA ASP P 29 13.78 -31.45 -25.79
C ASP P 29 12.68 -31.33 -24.73
N SER P 30 11.51 -30.88 -25.18
CA SER P 30 10.37 -30.65 -24.29
C SER P 30 9.07 -31.09 -24.96
N HIS P 31 8.32 -31.94 -24.26
CA HIS P 31 6.93 -32.26 -24.63
C HIS P 31 6.11 -31.00 -24.88
N LEU P 32 6.30 -30.00 -24.03
CA LEU P 32 5.57 -28.73 -24.15
C LEU P 32 5.93 -28.03 -25.46
N MET P 33 7.22 -28.05 -25.81
CA MET P 33 7.68 -27.46 -27.06
C MET P 33 7.21 -28.30 -28.26
N LYS P 34 7.36 -29.62 -28.16
CA LYS P 34 6.90 -30.51 -29.21
C LYS P 34 5.40 -30.36 -29.45
N LEU P 35 4.63 -30.27 -28.36
CA LEU P 35 3.20 -29.97 -28.43
C LEU P 35 2.97 -28.65 -29.17
N LEU P 36 3.68 -27.60 -28.75
CA LEU P 36 3.51 -26.27 -29.35
C LEU P 36 3.96 -26.18 -30.81
N ARG P 37 5.02 -26.91 -31.17
CA ARG P 37 5.48 -26.96 -32.56
C ARG P 37 4.56 -27.82 -33.44
N GLU P 38 4.01 -28.88 -32.87
CA GLU P 38 3.00 -29.68 -33.55
C GLU P 38 1.66 -28.94 -33.64
N LEU P 39 1.38 -28.07 -32.65
CA LEU P 39 0.18 -27.24 -32.68
C LEU P 39 0.37 -26.08 -33.68
N ASP P 40 1.61 -25.61 -33.78
CA ASP P 40 1.97 -24.59 -34.78
C ASP P 40 1.87 -25.13 -36.21
N LYS P 41 2.28 -26.38 -36.38
CA LYS P 41 2.25 -27.05 -37.68
C LYS P 41 0.82 -27.31 -38.15
N ASP P 42 -0.10 -27.47 -37.20
CA ASP P 42 -1.52 -27.69 -37.49
C ASP P 42 -2.32 -26.39 -37.63
N GLY P 43 -1.63 -25.25 -37.62
CA GLY P 43 -2.24 -23.96 -37.96
C GLY P 43 -3.00 -23.29 -36.83
N PHE P 44 -2.48 -23.42 -35.61
CA PHE P 44 -3.03 -22.70 -34.47
C PHE P 44 -2.12 -21.52 -34.12
N ASN P 45 -2.67 -20.54 -33.40
CA ASN P 45 -1.92 -19.36 -32.99
C ASN P 45 -1.48 -19.43 -31.53
N VAL P 46 -0.17 -19.30 -31.31
CA VAL P 46 0.40 -19.24 -29.97
C VAL P 46 1.48 -18.15 -29.93
N ASP P 47 1.03 -16.91 -29.69
CA ASP P 47 1.94 -15.78 -29.57
C ASP P 47 2.65 -15.80 -28.22
N GLY P 48 1.85 -15.65 -27.16
CA GLY P 48 2.37 -15.63 -25.79
C GLY P 48 2.98 -16.95 -25.36
N PRO P 49 2.20 -18.04 -25.43
CA PRO P 49 2.63 -19.36 -24.98
C PRO P 49 4.05 -19.78 -25.39
N LEU P 50 4.38 -19.63 -26.68
CA LEU P 50 5.74 -19.97 -27.14
C LEU P 50 6.78 -19.00 -26.61
N ALA P 51 6.51 -17.71 -26.73
CA ALA P 51 7.38 -16.67 -26.21
C ALA P 51 7.58 -16.84 -24.70
N GLU P 52 6.53 -17.28 -24.01
CA GLU P 52 6.58 -17.55 -22.59
C GLU P 52 7.38 -18.81 -22.25
N LEU P 53 7.21 -19.86 -23.05
CA LEU P 53 7.99 -21.09 -22.88
C LEU P 53 9.47 -20.81 -23.16
N VAL P 54 9.73 -19.99 -24.19
CA VAL P 54 11.06 -19.48 -24.46
C VAL P 54 11.61 -18.75 -23.22
N ALA P 55 10.79 -17.86 -22.64
CA ALA P 55 11.20 -17.09 -21.47
C ALA P 55 11.54 -17.96 -20.25
N LEU P 56 10.78 -19.03 -20.05
CA LEU P 56 10.98 -19.89 -18.88
C LEU P 56 12.31 -20.60 -18.95
N VAL P 57 12.55 -21.27 -20.07
CA VAL P 57 13.80 -21.98 -20.29
C VAL P 57 14.99 -21.03 -20.43
N ASN P 58 14.74 -19.82 -20.93
CA ASN P 58 15.78 -18.78 -21.01
C ASN P 58 16.19 -18.30 -19.61
N TYR P 59 15.26 -18.33 -18.67
CA TYR P 59 15.57 -18.05 -17.28
C TYR P 59 16.27 -19.23 -16.62
N VAL P 60 15.83 -20.44 -16.95
CA VAL P 60 16.52 -21.65 -16.48
C VAL P 60 18.00 -21.55 -16.81
N THR P 61 18.29 -21.24 -18.06
CA THR P 61 19.66 -21.11 -18.55
C THR P 61 20.38 -19.94 -17.88
N SER P 62 19.72 -18.80 -17.86
CA SER P 62 20.22 -17.59 -17.21
C SER P 62 20.66 -17.85 -15.75
N SER P 63 19.79 -18.52 -15.00
CA SER P 63 20.00 -18.80 -13.59
C SER P 63 21.13 -19.79 -13.35
N GLN P 64 21.14 -20.86 -14.13
CA GLN P 64 22.12 -21.94 -13.96
C GLN P 64 23.54 -21.47 -14.15
N MET P 65 23.78 -20.75 -15.25
CA MET P 65 25.09 -20.19 -15.53
C MET P 65 25.49 -19.21 -14.41
N THR P 66 24.52 -18.41 -13.94
CA THR P 66 24.76 -17.44 -12.88
C THR P 66 25.14 -18.15 -11.58
N MET P 67 24.38 -19.17 -11.23
CA MET P 67 24.69 -19.98 -10.06
C MET P 67 25.98 -20.78 -10.22
N GLN P 68 26.26 -21.21 -11.45
CA GLN P 68 27.52 -21.86 -11.78
C GLN P 68 28.69 -20.90 -11.55
N ASP P 69 28.47 -19.62 -11.87
CA ASP P 69 29.48 -18.58 -11.72
C ASP P 69 29.71 -18.27 -10.23
N LEU P 70 28.62 -18.14 -9.47
CA LEU P 70 28.71 -17.88 -8.04
C LEU P 70 29.59 -18.89 -7.30
N GLN P 71 29.32 -20.17 -7.51
CA GLN P 71 30.04 -21.22 -6.78
C GLN P 71 31.55 -21.17 -6.99
N THR P 72 31.98 -20.73 -8.18
CA THR P 72 33.40 -20.47 -8.43
C THR P 72 33.93 -19.39 -7.48
N HIS P 73 33.20 -18.28 -7.38
CA HIS P 73 33.60 -17.17 -6.51
C HIS P 73 33.47 -17.49 -5.02
N LEU P 74 32.50 -18.34 -4.67
CA LEU P 74 32.37 -18.80 -3.31
C LEU P 74 33.48 -19.77 -2.97
N ASP P 75 33.73 -20.73 -3.88
CA ASP P 75 34.86 -21.64 -3.73
C ASP P 75 36.17 -20.87 -3.62
N TYR P 76 36.28 -19.76 -4.36
CA TYR P 76 37.47 -18.91 -4.32
C TYR P 76 37.68 -18.29 -2.96
N CYS P 77 36.62 -17.68 -2.44
CA CYS P 77 36.64 -17.02 -1.14
C CYS P 77 37.01 -17.99 -0.02
N ALA P 78 36.49 -19.20 -0.08
CA ALA P 78 36.77 -20.23 0.93
C ALA P 78 38.24 -20.61 0.98
N GLU P 79 38.90 -20.56 -0.17
CA GLU P 79 40.34 -20.86 -0.25
C GLU P 79 41.17 -19.78 0.43
N GLN P 80 40.80 -18.52 0.22
CA GLN P 80 41.51 -17.40 0.86
C GLN P 80 41.35 -17.44 2.38
N LEU P 81 40.18 -17.87 2.85
CA LEU P 81 39.93 -17.96 4.28
C LEU P 81 40.62 -19.18 4.88
N ARG P 82 40.63 -20.29 4.13
CA ARG P 82 41.37 -21.50 4.54
C ARG P 82 42.87 -21.22 4.74
N LYS P 83 43.40 -20.31 3.94
CA LYS P 83 44.79 -19.86 4.07
C LYS P 83 45.02 -19.00 5.32
N GLN P 84 44.06 -18.16 5.65
CA GLN P 84 44.17 -17.33 6.84
C GLN P 84 43.87 -18.08 8.15
N THR P 85 43.22 -19.24 8.08
CA THR P 85 42.67 -19.89 9.28
C THR P 85 43.40 -21.17 9.68
N THR P 86 43.34 -22.20 8.85
CA THR P 86 44.07 -23.45 9.14
C THR P 86 44.23 -24.29 7.87
#